data_7TU4
#
_entry.id   7TU4
#
_cell.length_a   181.397
_cell.length_b   181.397
_cell.length_c   110.369
_cell.angle_alpha   90.000
_cell.angle_beta   90.000
_cell.angle_gamma   90.000
#
_symmetry.space_group_name_H-M   'P 41 21 2'
#
loop_
_entity.id
_entity.type
_entity.pdbx_description
1 polymer 'dGTP triphosphohydrolase'
2 non-polymer 1,2-ETHANEDIOL
3 non-polymer 'SULFATE ION'
4 non-polymer 'MANGANESE (II) ION'
5 water water
#
_entity_poly.entity_id   1
_entity_poly.type   'polypeptide(L)'
_entity_poly.pdbx_seq_one_letter_code
;MHHHHHHSSGVDLGTENLYFQSNANWEHLLSLKRQGDTAKRLRIEQDDTRLGFEVDYDRIIFSAPFRSLQDKTQVITDFV
HTRLTHSLEVSVVGRSLGRMVGKKLLEKYPHLEQVYGYKFNDFGAIVAAAALAHDIGNPPFGHSGEKAIGEFFKNGYGKR
YKDSLTAKEYQDLIKFEGNANGFKVLSQSKPGAQGGLRLSYATLGAFMKYPKESLPHKPSDHIADKKYGFFQSERALFED
VAQELGLLKRSTTDDVSWSRHPLAYLVEAADDICYTIIDFEDGINLGLIPEEYALEYMVKLVGQTIDRNKYNALQETSDR
VSYLRALAIGTLINESVDTFMKYEEEILAGTFDQSLIDKSNYQAQITDIINLSIERIYNSREVIEKEIAGYEILSTLLEA
RCRALDNNDTHYNQLIQQLLAPNDHSEKSLYENLIQICAEVSTMTDGKALRNYKKIKGLD
;
_entity_poly.pdbx_strand_id   A,B,C
#
loop_
_chem_comp.id
_chem_comp.type
_chem_comp.name
_chem_comp.formula
EDO non-polymer 1,2-ETHANEDIOL 'C2 H6 O2'
MN non-polymer 'MANGANESE (II) ION' 'Mn 2'
SO4 non-polymer 'SULFATE ION' 'O4 S -2'
#
# COMPACT_ATOMS: atom_id res chain seq x y z
N ASN A 25 -3.92 -21.30 -52.68
CA ASN A 25 -3.96 -22.75 -52.63
C ASN A 25 -3.83 -23.26 -51.19
N TRP A 26 -4.62 -24.29 -50.89
CA TRP A 26 -4.47 -24.99 -49.62
C TRP A 26 -3.09 -25.60 -49.46
N GLU A 27 -2.44 -25.97 -50.57
CA GLU A 27 -1.07 -26.49 -50.48
C GLU A 27 -0.14 -25.49 -49.80
N HIS A 28 -0.23 -24.22 -50.17
CA HIS A 28 0.61 -23.20 -49.57
C HIS A 28 0.15 -22.80 -48.18
N LEU A 29 -1.16 -22.81 -47.92
CA LEU A 29 -1.67 -22.49 -46.58
C LEU A 29 -1.22 -23.50 -45.56
N LEU A 30 -0.83 -24.70 -45.99
CA LEU A 30 -0.43 -25.74 -45.07
C LEU A 30 1.08 -25.83 -44.96
N SER A 31 1.75 -24.68 -44.91
CA SER A 31 3.20 -24.65 -44.93
C SER A 31 3.77 -25.26 -43.66
N LEU A 32 4.80 -26.08 -43.84
CA LEU A 32 5.60 -26.63 -42.76
C LEU A 32 6.86 -25.81 -42.50
N LYS A 33 7.05 -24.71 -43.22
CA LYS A 33 8.24 -23.88 -43.08
C LYS A 33 8.39 -23.41 -41.64
N ARG A 34 9.65 -23.40 -41.17
CA ARG A 34 10.02 -22.82 -39.88
C ARG A 34 10.98 -21.67 -40.13
N GLN A 35 10.97 -20.68 -39.24
CA GLN A 35 11.72 -19.45 -39.47
C GLN A 35 13.21 -19.71 -39.62
N GLY A 36 13.78 -19.26 -40.74
CA GLY A 36 15.22 -19.44 -41.00
C GLY A 36 15.50 -20.56 -41.96
N ASP A 37 14.46 -21.29 -42.35
CA ASP A 37 14.64 -22.44 -43.26
C ASP A 37 15.17 -21.94 -44.61
N THR A 38 16.09 -22.68 -45.21
CA THR A 38 16.70 -22.28 -46.50
C THR A 38 16.20 -23.22 -47.58
N ALA A 39 15.43 -24.24 -47.21
CA ALA A 39 14.93 -25.23 -48.16
C ALA A 39 13.47 -25.54 -47.86
N LYS A 40 12.70 -25.84 -48.90
CA LYS A 40 11.27 -26.18 -48.71
C LYS A 40 11.16 -27.46 -47.91
N ARG A 41 10.15 -27.56 -47.05
CA ARG A 41 9.89 -28.82 -46.33
C ARG A 41 8.63 -29.40 -46.95
N LEU A 42 8.73 -30.60 -47.50
CA LEU A 42 7.58 -31.16 -48.24
C LEU A 42 6.76 -32.08 -47.34
N ARG A 43 5.44 -32.05 -47.45
CA ARG A 43 4.59 -32.89 -46.57
C ARG A 43 4.88 -34.36 -46.83
N ILE A 44 5.10 -34.75 -48.08
CA ILE A 44 5.26 -36.21 -48.42
C ILE A 44 6.50 -36.78 -47.73
N GLU A 45 7.53 -35.97 -47.53
CA GLU A 45 8.79 -36.49 -46.97
C GLU A 45 8.89 -36.33 -45.45
N GLN A 46 7.85 -35.83 -44.77
CA GLN A 46 7.93 -35.75 -43.32
C GLN A 46 7.85 -37.15 -42.69
N ASP A 47 8.50 -37.29 -41.54
CA ASP A 47 8.33 -38.45 -40.68
C ASP A 47 7.04 -38.31 -39.88
N ASP A 48 6.17 -39.32 -39.96
CA ASP A 48 4.84 -39.26 -39.34
C ASP A 48 4.92 -39.09 -37.82
N THR A 49 5.90 -39.75 -37.20
CA THR A 49 6.09 -39.66 -35.77
C THR A 49 6.69 -38.32 -35.35
N ARG A 50 7.18 -37.52 -36.30
CA ARG A 50 7.82 -36.23 -36.04
C ARG A 50 7.19 -35.13 -36.90
N LEU A 51 5.87 -35.18 -37.11
CA LEU A 51 5.21 -34.24 -38.02
C LEU A 51 5.24 -32.82 -37.44
N GLY A 52 5.70 -31.87 -38.26
CA GLY A 52 6.00 -30.54 -37.76
C GLY A 52 4.83 -29.88 -37.04
N PHE A 53 3.60 -30.10 -37.54
CA PHE A 53 2.44 -29.51 -36.88
C PHE A 53 2.24 -30.08 -35.48
N GLU A 54 2.53 -31.37 -35.29
CA GLU A 54 2.37 -31.95 -33.96
C GLU A 54 3.55 -31.64 -33.05
N VAL A 55 4.77 -31.54 -33.60
CA VAL A 55 5.91 -31.01 -32.84
C VAL A 55 5.60 -29.62 -32.25
N ASP A 56 4.94 -28.76 -33.03
CA ASP A 56 4.50 -27.43 -32.56
C ASP A 56 3.70 -27.51 -31.27
N TYR A 57 2.72 -28.41 -31.21
CA TYR A 57 1.93 -28.58 -30.01
C TYR A 57 2.82 -28.90 -28.80
N ASP A 58 3.75 -29.86 -28.98
CA ASP A 58 4.63 -30.28 -27.90
C ASP A 58 5.55 -29.15 -27.45
N ARG A 59 6.06 -28.38 -28.41
CA ARG A 59 6.92 -27.26 -28.03
C ARG A 59 6.16 -26.27 -27.17
N ILE A 60 4.87 -26.10 -27.42
CA ILE A 60 4.15 -25.12 -26.61
C ILE A 60 3.94 -25.65 -25.20
N ILE A 61 3.51 -26.92 -25.08
CA ILE A 61 3.30 -27.56 -23.79
C ILE A 61 4.50 -27.35 -22.88
N PHE A 62 5.70 -27.65 -23.40
CA PHE A 62 6.88 -27.56 -22.57
C PHE A 62 7.46 -26.16 -22.46
N SER A 63 6.89 -25.17 -23.14
CA SER A 63 7.47 -23.84 -23.09
C SER A 63 7.22 -23.19 -21.73
N ALA A 64 8.20 -22.39 -21.27
CA ALA A 64 8.01 -21.66 -20.02
C ALA A 64 6.81 -20.70 -20.04
N PRO A 65 6.48 -20.01 -21.14
CA PRO A 65 5.28 -19.17 -21.11
C PRO A 65 4.00 -19.95 -20.98
N PHE A 66 3.90 -21.14 -21.57
CA PHE A 66 2.68 -21.90 -21.35
C PHE A 66 2.62 -22.44 -19.92
N ARG A 67 3.75 -22.88 -19.37
CA ARG A 67 3.74 -23.37 -18.00
C ARG A 67 3.31 -22.29 -17.04
N SER A 68 3.60 -21.02 -17.35
CA SER A 68 3.29 -19.94 -16.41
C SER A 68 1.79 -19.71 -16.28
N LEU A 69 1.00 -20.20 -17.24
CA LEU A 69 -0.47 -20.12 -17.17
C LEU A 69 -1.05 -20.86 -15.95
N GLN A 70 -0.27 -21.73 -15.31
CA GLN A 70 -0.67 -22.33 -14.03
C GLN A 70 -0.97 -21.27 -12.97
N ASP A 71 -0.15 -20.22 -12.91
CA ASP A 71 -0.30 -19.15 -11.92
C ASP A 71 -0.96 -17.91 -12.51
N LYS A 72 -1.85 -18.11 -13.48
CA LYS A 72 -2.56 -16.96 -14.10
C LYS A 72 -4.06 -17.23 -14.01
N THR A 73 -4.83 -16.26 -13.54
CA THR A 73 -6.29 -16.46 -13.30
C THR A 73 -7.13 -15.86 -14.42
N GLN A 74 -8.15 -16.58 -14.86
CA GLN A 74 -8.98 -16.14 -16.01
C GLN A 74 -9.83 -14.91 -15.67
N VAL A 75 -10.49 -14.90 -14.51
CA VAL A 75 -11.40 -13.78 -14.13
C VAL A 75 -11.66 -13.96 -12.65
N ILE A 76 -12.07 -15.16 -12.28
CA ILE A 76 -12.30 -15.49 -10.85
C ILE A 76 -11.06 -16.15 -10.27
N THR A 77 -10.57 -15.61 -9.17
CA THR A 77 -9.32 -16.13 -8.59
C THR A 77 -9.68 -17.24 -7.61
N ASP A 78 -10.29 -18.32 -8.11
CA ASP A 78 -10.61 -19.47 -7.23
C ASP A 78 -9.47 -20.48 -7.29
N PHE A 79 -8.46 -20.22 -8.13
CA PHE A 79 -7.30 -21.13 -8.30
C PHE A 79 -7.70 -22.45 -8.98
N VAL A 80 -8.95 -22.60 -9.41
CA VAL A 80 -9.35 -23.79 -10.16
C VAL A 80 -10.10 -23.37 -11.43
N HIS A 81 -9.81 -22.18 -11.93
CA HIS A 81 -10.30 -21.73 -13.23
C HIS A 81 -9.18 -21.01 -13.96
N THR A 82 -8.03 -21.65 -14.11
CA THR A 82 -6.88 -20.94 -14.65
C THR A 82 -7.04 -20.69 -16.14
N ARG A 83 -6.17 -19.82 -16.63
CA ARG A 83 -5.98 -19.66 -18.05
C ARG A 83 -5.33 -20.90 -18.68
N LEU A 84 -4.65 -21.73 -17.89
CA LEU A 84 -4.09 -22.97 -18.41
C LEU A 84 -5.20 -23.93 -18.81
N THR A 85 -6.16 -24.16 -17.92
CA THR A 85 -7.23 -25.08 -18.24
C THR A 85 -8.07 -24.56 -19.41
N HIS A 86 -8.34 -23.25 -19.42
CA HIS A 86 -9.04 -22.66 -20.55
C HIS A 86 -8.29 -22.90 -21.85
N SER A 87 -6.99 -22.62 -21.87
CA SER A 87 -6.20 -22.88 -23.07
C SER A 87 -6.27 -24.35 -23.49
N LEU A 88 -6.18 -25.27 -22.51
CA LEU A 88 -6.29 -26.70 -22.82
C LEU A 88 -7.66 -27.03 -23.42
N GLU A 89 -8.72 -26.50 -22.83
CA GLU A 89 -10.04 -26.85 -23.32
C GLU A 89 -10.26 -26.25 -24.71
N VAL A 90 -9.74 -25.05 -24.95
CA VAL A 90 -9.85 -24.48 -26.28
C VAL A 90 -9.08 -25.32 -27.30
N SER A 91 -7.91 -25.86 -26.90
CA SER A 91 -7.19 -26.65 -27.90
C SER A 91 -7.88 -27.96 -28.17
N VAL A 92 -8.53 -28.56 -27.17
CA VAL A 92 -9.26 -29.80 -27.43
C VAL A 92 -10.41 -29.54 -28.40
N VAL A 93 -11.15 -28.44 -28.19
CA VAL A 93 -12.25 -28.15 -29.10
C VAL A 93 -11.70 -27.84 -30.49
N GLY A 94 -10.56 -27.17 -30.55
CA GLY A 94 -9.91 -26.89 -31.83
C GLY A 94 -9.55 -28.13 -32.62
N ARG A 95 -8.94 -29.12 -31.97
CA ARG A 95 -8.50 -30.36 -32.68
C ARG A 95 -9.72 -31.05 -33.26
N SER A 96 -10.80 -31.05 -32.51
CA SER A 96 -12.06 -31.64 -32.99
C SER A 96 -12.56 -30.85 -34.21
N LEU A 97 -12.56 -29.52 -34.16
CA LEU A 97 -12.98 -28.79 -35.36
C LEU A 97 -12.03 -29.05 -36.52
N GLY A 98 -10.72 -29.09 -36.25
CA GLY A 98 -9.75 -29.28 -37.32
C GLY A 98 -9.85 -30.65 -37.97
N ARG A 99 -10.04 -31.69 -37.13
CA ARG A 99 -10.21 -33.05 -37.64
C ARG A 99 -11.42 -33.15 -38.57
N MET A 100 -12.56 -32.56 -38.17
CA MET A 100 -13.76 -32.78 -38.95
C MET A 100 -13.72 -31.97 -40.22
N VAL A 101 -13.27 -30.72 -40.13
CA VAL A 101 -13.10 -29.92 -41.33
C VAL A 101 -12.00 -30.53 -42.19
N GLY A 102 -10.92 -30.98 -41.56
CA GLY A 102 -9.85 -31.63 -42.31
C GLY A 102 -10.35 -32.78 -43.16
N LYS A 103 -11.14 -33.70 -42.57
CA LYS A 103 -11.66 -34.83 -43.31
C LYS A 103 -12.52 -34.39 -44.49
N LYS A 104 -13.33 -33.33 -44.30
CA LYS A 104 -14.20 -32.87 -45.37
C LYS A 104 -13.43 -32.09 -46.45
N LEU A 105 -12.38 -31.38 -46.06
CA LEU A 105 -11.56 -30.68 -47.05
C LEU A 105 -10.82 -31.67 -47.95
N LEU A 106 -10.34 -32.78 -47.36
CA LEU A 106 -9.66 -33.80 -48.16
C LEU A 106 -10.62 -34.52 -49.08
N GLU A 107 -11.92 -34.56 -48.76
CA GLU A 107 -12.88 -35.13 -49.70
C GLU A 107 -13.24 -34.14 -50.79
N LYS A 108 -13.21 -32.84 -50.50
CA LYS A 108 -13.48 -31.81 -51.49
C LYS A 108 -12.29 -31.59 -52.41
N TYR A 109 -11.07 -31.66 -51.88
CA TYR A 109 -9.84 -31.44 -52.65
C TYR A 109 -8.98 -32.69 -52.53
N PRO A 110 -9.33 -33.78 -53.21
CA PRO A 110 -8.60 -35.04 -53.00
C PRO A 110 -7.14 -34.99 -53.40
N HIS A 111 -6.74 -34.08 -54.30
CA HIS A 111 -5.32 -33.96 -54.66
C HIS A 111 -4.47 -33.66 -53.44
N LEU A 112 -5.02 -32.93 -52.46
CA LEU A 112 -4.27 -32.57 -51.27
C LEU A 112 -3.73 -33.81 -50.56
N GLU A 113 -4.50 -34.89 -50.54
CA GLU A 113 -3.99 -36.13 -49.95
C GLU A 113 -3.22 -36.98 -50.96
N GLN A 114 -3.82 -37.24 -52.12
CA GLN A 114 -3.29 -38.22 -53.06
C GLN A 114 -1.97 -37.79 -53.70
N VAL A 115 -1.71 -36.49 -53.76
CA VAL A 115 -0.51 -35.95 -54.39
C VAL A 115 0.42 -35.32 -53.37
N TYR A 116 -0.12 -34.47 -52.49
CA TYR A 116 0.74 -33.74 -51.56
C TYR A 116 0.92 -34.44 -50.21
N GLY A 117 0.07 -35.42 -49.89
CA GLY A 117 0.28 -36.24 -48.70
C GLY A 117 -0.34 -35.74 -47.41
N TYR A 118 -1.22 -34.74 -47.47
CA TYR A 118 -1.85 -34.28 -46.26
C TYR A 118 -2.87 -35.31 -45.75
N LYS A 119 -3.12 -35.27 -44.45
CA LYS A 119 -4.06 -36.16 -43.77
C LYS A 119 -4.96 -35.31 -42.88
N PHE A 120 -6.14 -35.85 -42.55
CA PHE A 120 -7.10 -35.03 -41.80
C PHE A 120 -6.58 -34.66 -40.41
N ASN A 121 -5.74 -35.50 -39.80
CA ASN A 121 -5.17 -35.16 -38.50
C ASN A 121 -4.24 -33.95 -38.56
N ASP A 122 -3.69 -33.65 -39.76
CA ASP A 122 -2.86 -32.47 -39.93
C ASP A 122 -3.62 -31.20 -39.54
N PHE A 123 -4.87 -31.05 -40.03
CA PHE A 123 -5.65 -29.84 -39.77
C PHE A 123 -6.05 -29.76 -38.29
N GLY A 124 -6.25 -30.93 -37.65
CA GLY A 124 -6.51 -30.92 -36.21
C GLY A 124 -5.31 -30.44 -35.42
N ALA A 125 -4.11 -30.85 -35.83
CA ALA A 125 -2.89 -30.46 -35.11
C ALA A 125 -2.62 -28.96 -35.25
N ILE A 126 -2.79 -28.41 -36.45
CA ILE A 126 -2.56 -26.97 -36.65
C ILE A 126 -3.52 -26.14 -35.80
N VAL A 127 -4.81 -26.48 -35.86
CA VAL A 127 -5.80 -25.74 -35.06
C VAL A 127 -5.54 -25.96 -33.56
N ALA A 128 -5.26 -27.21 -33.16
CA ALA A 128 -4.97 -27.50 -31.74
C ALA A 128 -3.80 -26.68 -31.23
N ALA A 129 -2.74 -26.54 -32.04
CA ALA A 129 -1.54 -25.88 -31.53
C ALA A 129 -1.78 -24.37 -31.41
N ALA A 130 -2.40 -23.75 -32.41
CA ALA A 130 -2.61 -22.31 -32.33
C ALA A 130 -3.63 -21.98 -31.25
N ALA A 131 -4.61 -22.86 -31.02
CA ALA A 131 -5.56 -22.61 -29.95
C ALA A 131 -4.89 -22.74 -28.57
N LEU A 132 -4.07 -23.78 -28.39
CA LEU A 132 -3.31 -23.92 -27.15
C LEU A 132 -2.55 -22.65 -26.81
N ALA A 133 -2.02 -21.95 -27.84
CA ALA A 133 -1.18 -20.76 -27.62
C ALA A 133 -1.97 -19.45 -27.58
N HIS A 134 -3.27 -19.47 -27.89
CA HIS A 134 -3.98 -18.23 -28.24
C HIS A 134 -3.92 -17.21 -27.11
N ASP A 135 -3.95 -17.68 -25.86
CA ASP A 135 -3.97 -16.82 -24.67
C ASP A 135 -2.57 -16.49 -24.13
N ILE A 136 -1.52 -16.97 -24.80
CA ILE A 136 -0.21 -17.01 -24.16
C ILE A 136 0.38 -15.63 -23.89
N GLY A 137 0.01 -14.60 -24.66
CA GLY A 137 0.63 -13.31 -24.48
C GLY A 137 -0.16 -12.31 -23.69
N ASN A 138 -1.34 -12.69 -23.22
CA ASN A 138 -2.27 -11.75 -22.61
C ASN A 138 -1.80 -11.34 -21.22
N PRO A 139 -1.90 -10.07 -20.87
CA PRO A 139 -1.51 -9.63 -19.52
C PRO A 139 -2.47 -10.13 -18.46
N PRO A 140 -2.10 -10.07 -17.18
CA PRO A 140 -3.06 -10.40 -16.12
C PRO A 140 -4.25 -9.46 -16.16
N PHE A 141 -5.30 -9.85 -15.42
CA PHE A 141 -6.50 -9.04 -15.21
C PHE A 141 -7.29 -8.78 -16.48
N GLY A 142 -7.08 -9.60 -17.50
CA GLY A 142 -7.97 -9.60 -18.65
C GLY A 142 -7.87 -8.33 -19.47
N HIS A 143 -9.03 -7.81 -19.87
CA HIS A 143 -9.04 -6.63 -20.72
C HIS A 143 -8.68 -5.37 -19.94
N SER A 144 -9.01 -5.35 -18.64
CA SER A 144 -8.54 -4.27 -17.78
C SER A 144 -7.03 -4.15 -17.82
N GLY A 145 -6.32 -5.27 -17.97
CA GLY A 145 -4.87 -5.23 -17.96
C GLY A 145 -4.29 -4.66 -19.23
N GLU A 146 -4.92 -4.96 -20.38
CA GLU A 146 -4.52 -4.31 -21.62
C GLU A 146 -4.78 -2.81 -21.54
N LYS A 147 -5.93 -2.43 -20.98
CA LYS A 147 -6.28 -1.02 -20.96
C LYS A 147 -5.38 -0.26 -20.00
N ALA A 148 -4.89 -0.91 -18.95
CA ALA A 148 -3.98 -0.19 -18.07
C ALA A 148 -2.64 0.06 -18.77
N ILE A 149 -2.13 -0.92 -19.52
CA ILE A 149 -0.89 -0.71 -20.26
C ILE A 149 -1.07 0.43 -21.26
N GLY A 150 -2.14 0.38 -22.04
CA GLY A 150 -2.39 1.43 -23.01
C GLY A 150 -2.50 2.80 -22.38
N GLU A 151 -3.25 2.90 -21.27
CA GLU A 151 -3.43 4.18 -20.60
C GLU A 151 -2.12 4.72 -20.05
N PHE A 152 -1.18 3.84 -19.69
CA PHE A 152 0.10 4.31 -19.20
C PHE A 152 0.85 5.12 -20.26
N PHE A 153 0.77 4.71 -21.52
CA PHE A 153 1.47 5.39 -22.59
C PHE A 153 0.63 6.47 -23.27
N LYS A 154 -0.70 6.37 -23.19
CA LYS A 154 -1.53 7.42 -23.78
C LYS A 154 -1.52 8.66 -22.90
N ASN A 155 -1.77 8.49 -21.60
CA ASN A 155 -1.97 9.60 -20.68
C ASN A 155 -1.08 9.58 -19.46
N GLY A 156 -0.44 8.47 -19.13
CA GLY A 156 0.44 8.39 -17.98
C GLY A 156 1.87 8.72 -18.30
N TYR A 157 2.79 8.11 -17.53
CA TYR A 157 4.21 8.44 -17.66
C TYR A 157 4.68 8.22 -19.09
N GLY A 158 4.21 7.15 -19.73
CA GLY A 158 4.68 6.79 -21.05
C GLY A 158 4.32 7.78 -22.13
N LYS A 159 3.56 8.83 -21.78
CA LYS A 159 3.20 9.84 -22.77
C LYS A 159 4.43 10.52 -23.35
N ARG A 160 5.50 10.65 -22.55
CA ARG A 160 6.68 11.41 -22.94
C ARG A 160 7.38 10.83 -24.18
N TYR A 161 7.23 9.53 -24.43
CA TYR A 161 7.97 8.95 -25.54
C TYR A 161 7.29 9.17 -26.90
N LYS A 162 6.07 9.69 -26.92
CA LYS A 162 5.32 9.79 -28.17
C LYS A 162 6.14 10.45 -29.29
N ASP A 163 6.84 11.54 -28.97
CA ASP A 163 7.56 12.22 -30.01
C ASP A 163 8.80 11.47 -30.48
N SER A 164 9.21 10.41 -29.79
CA SER A 164 10.37 9.64 -30.21
C SER A 164 10.01 8.38 -30.98
N LEU A 165 8.74 8.20 -31.29
CA LEU A 165 8.26 6.96 -31.91
C LEU A 165 7.51 7.31 -33.18
N THR A 166 7.52 6.37 -34.13
CA THR A 166 6.59 6.45 -35.26
C THR A 166 5.15 6.32 -34.78
N ALA A 167 4.22 6.71 -35.65
CA ALA A 167 2.81 6.62 -35.27
C ALA A 167 2.40 5.17 -35.00
N LYS A 168 2.90 4.22 -35.80
CA LYS A 168 2.55 2.82 -35.57
C LYS A 168 3.24 2.26 -34.32
N GLU A 169 4.46 2.72 -34.01
CA GLU A 169 5.15 2.23 -32.82
C GLU A 169 4.44 2.73 -31.56
N TYR A 170 4.03 3.99 -31.54
CA TYR A 170 3.28 4.50 -30.41
C TYR A 170 1.92 3.83 -30.31
N GLN A 171 1.30 3.54 -31.47
CA GLN A 171 -0.01 2.88 -31.48
C GLN A 171 0.06 1.46 -30.91
N ASP A 172 1.16 0.75 -31.17
CA ASP A 172 1.43 -0.50 -30.46
C ASP A 172 1.28 -0.35 -28.96
N LEU A 173 1.71 0.80 -28.42
CA LEU A 173 1.77 0.96 -26.97
C LEU A 173 0.43 1.42 -26.40
N ILE A 174 -0.12 2.52 -26.94
CA ILE A 174 -1.39 3.05 -26.44
C ILE A 174 -2.55 2.09 -26.69
N LYS A 175 -2.45 1.19 -27.66
CA LYS A 175 -3.50 0.19 -27.86
C LYS A 175 -2.92 -1.22 -27.75
N PHE A 176 -2.09 -1.43 -26.73
CA PHE A 176 -1.41 -2.75 -26.51
C PHE A 176 -2.39 -3.90 -26.64
N GLU A 177 -2.01 -4.89 -27.44
CA GLU A 177 -2.87 -6.06 -27.68
C GLU A 177 -2.17 -7.34 -27.21
N GLY A 178 -2.85 -8.15 -26.43
CA GLY A 178 -2.31 -9.43 -26.00
C GLY A 178 -2.20 -10.41 -27.14
N ASN A 179 -3.08 -10.31 -28.13
CA ASN A 179 -2.89 -11.17 -29.31
C ASN A 179 -1.53 -10.91 -29.95
N ALA A 180 -1.18 -9.63 -30.18
CA ALA A 180 0.13 -9.32 -30.76
C ALA A 180 1.26 -9.71 -29.81
N ASN A 181 1.05 -9.59 -28.51
CA ASN A 181 2.09 -10.02 -27.60
C ASN A 181 2.25 -11.54 -27.60
N GLY A 182 1.15 -12.27 -27.78
CA GLY A 182 1.23 -13.70 -28.01
C GLY A 182 2.13 -14.05 -29.19
N PHE A 183 1.97 -13.33 -30.30
CA PHE A 183 2.80 -13.61 -31.47
C PHE A 183 4.26 -13.34 -31.15
N LYS A 184 4.54 -12.25 -30.44
CA LYS A 184 5.90 -11.95 -30.02
C LYS A 184 6.45 -13.07 -29.12
N VAL A 185 5.67 -13.53 -28.12
CA VAL A 185 6.16 -14.55 -27.20
C VAL A 185 6.54 -15.81 -27.96
N LEU A 186 5.75 -16.17 -28.98
CA LEU A 186 5.95 -17.43 -29.70
C LEU A 186 7.17 -17.39 -30.63
N SER A 187 7.66 -16.20 -30.96
CA SER A 187 8.61 -16.06 -32.04
C SER A 187 9.83 -15.24 -31.68
N GLN A 188 9.92 -14.76 -30.45
CA GLN A 188 10.99 -13.85 -30.07
C GLN A 188 12.34 -14.55 -30.13
N SER A 189 13.30 -13.90 -30.79
CA SER A 189 14.68 -14.36 -30.77
C SER A 189 15.40 -13.86 -29.53
N LYS A 190 16.18 -14.74 -28.93
CA LYS A 190 17.05 -14.50 -27.79
C LYS A 190 18.40 -15.13 -28.13
N PRO A 191 19.49 -14.66 -27.52
CA PRO A 191 20.80 -15.30 -27.77
C PRO A 191 20.75 -16.80 -27.50
N GLY A 192 21.31 -17.57 -28.42
CA GLY A 192 21.17 -19.01 -28.33
C GLY A 192 19.80 -19.55 -28.66
N ALA A 193 18.81 -18.70 -28.97
CA ALA A 193 17.50 -19.25 -29.31
C ALA A 193 16.78 -18.36 -30.33
N GLN A 194 17.28 -18.34 -31.57
CA GLN A 194 16.65 -17.53 -32.61
C GLN A 194 15.30 -18.10 -33.02
N GLY A 195 14.32 -17.20 -33.15
CA GLY A 195 13.01 -17.57 -33.65
C GLY A 195 12.04 -18.15 -32.64
N GLY A 196 12.26 -17.93 -31.33
CA GLY A 196 11.31 -18.40 -30.33
C GLY A 196 11.10 -19.90 -30.40
N LEU A 197 9.84 -20.32 -30.41
CA LEU A 197 9.49 -21.72 -30.54
C LEU A 197 9.61 -22.24 -31.96
N ARG A 198 9.76 -21.36 -32.95
CA ARG A 198 9.94 -21.78 -34.34
C ARG A 198 8.80 -22.71 -34.82
N LEU A 199 7.55 -22.34 -34.54
CA LEU A 199 6.40 -23.11 -34.99
C LEU A 199 6.25 -23.06 -36.52
N SER A 200 5.52 -24.04 -37.06
CA SER A 200 5.26 -24.12 -38.50
C SER A 200 4.51 -22.88 -38.98
N TYR A 201 4.77 -22.48 -40.23
CA TYR A 201 4.13 -21.25 -40.66
C TYR A 201 2.61 -21.42 -40.74
N ALA A 202 2.12 -22.64 -41.02
CA ALA A 202 0.67 -22.87 -40.96
C ALA A 202 0.14 -22.62 -39.55
N THR A 203 0.86 -23.08 -38.51
CA THR A 203 0.41 -22.87 -37.14
C THR A 203 0.34 -21.38 -36.82
N LEU A 204 1.31 -20.60 -37.29
CA LEU A 204 1.34 -19.16 -37.01
C LEU A 204 0.24 -18.43 -37.78
N GLY A 205 -0.05 -18.85 -39.01
CA GLY A 205 -1.17 -18.31 -39.74
C GLY A 205 -2.51 -18.64 -39.09
N ALA A 206 -2.67 -19.88 -38.60
CA ALA A 206 -3.89 -20.23 -37.88
C ALA A 206 -4.02 -19.47 -36.56
N PHE A 207 -2.90 -18.96 -36.04
CA PHE A 207 -2.86 -18.18 -34.79
C PHE A 207 -3.34 -16.75 -34.99
N MET A 208 -3.06 -16.19 -36.15
CA MET A 208 -3.21 -14.75 -36.42
C MET A 208 -4.67 -14.44 -36.78
N LYS A 209 -5.49 -14.14 -35.76
CA LYS A 209 -6.88 -13.73 -36.02
C LYS A 209 -6.98 -12.36 -36.68
N TYR A 210 -5.99 -11.49 -36.45
CA TYR A 210 -5.99 -10.09 -36.88
C TYR A 210 -4.70 -9.80 -37.63
N PRO A 211 -4.61 -10.19 -38.94
CA PRO A 211 -3.38 -10.09 -39.69
C PRO A 211 -3.11 -8.68 -40.19
N LYS A 212 -3.10 -7.74 -39.27
CA LYS A 212 -2.85 -6.33 -39.63
C LYS A 212 -1.93 -5.72 -38.59
N GLU A 213 -1.32 -4.59 -38.91
CA GLU A 213 -0.50 -3.86 -37.93
C GLU A 213 -1.39 -2.91 -37.14
N SER A 214 -0.82 -2.16 -36.21
CA SER A 214 -1.65 -1.37 -35.31
C SER A 214 -2.35 -0.21 -36.00
N LEU A 215 -1.84 0.27 -37.14
CA LEU A 215 -2.53 1.30 -37.90
C LEU A 215 -2.70 0.84 -39.34
N PRO A 216 -3.83 1.22 -39.99
CA PRO A 216 -4.91 2.07 -39.47
C PRO A 216 -5.79 1.30 -38.47
N HIS A 217 -6.35 2.05 -37.51
CA HIS A 217 -7.08 1.48 -36.39
C HIS A 217 -8.54 1.23 -36.80
N LYS A 218 -8.96 -0.04 -36.72
CA LYS A 218 -10.32 -0.46 -37.05
C LYS A 218 -10.83 0.11 -38.39
N PRO A 219 -10.15 -0.20 -39.51
CA PRO A 219 -10.57 0.38 -40.80
C PRO A 219 -11.95 -0.06 -41.27
N SER A 220 -12.56 -1.06 -40.63
CA SER A 220 -13.91 -1.53 -40.97
C SER A 220 -14.47 -2.28 -39.78
N ASP A 221 -15.66 -2.85 -39.96
CA ASP A 221 -16.34 -3.58 -38.86
C ASP A 221 -16.11 -5.06 -39.07
N HIS A 222 -15.24 -5.42 -40.01
CA HIS A 222 -14.88 -6.84 -40.21
C HIS A 222 -14.20 -7.30 -38.92
N ILE A 223 -14.51 -8.52 -38.46
CA ILE A 223 -13.92 -9.06 -37.22
C ILE A 223 -12.39 -9.05 -37.32
N ALA A 224 -11.84 -9.39 -38.47
CA ALA A 224 -10.38 -9.38 -38.61
C ALA A 224 -9.76 -7.98 -38.46
N ASP A 225 -10.58 -6.92 -38.38
CA ASP A 225 -10.12 -5.55 -38.28
C ASP A 225 -10.46 -4.89 -36.94
N LYS A 226 -10.93 -5.66 -35.96
CA LYS A 226 -11.33 -5.10 -34.68
C LYS A 226 -10.14 -4.86 -33.75
N LYS A 227 -9.05 -5.60 -33.93
CA LYS A 227 -7.80 -5.28 -33.28
C LYS A 227 -6.71 -5.44 -34.35
N TYR A 228 -5.47 -5.60 -33.92
CA TYR A 228 -4.38 -5.95 -34.82
C TYR A 228 -3.65 -7.14 -34.19
N GLY A 229 -2.79 -7.79 -34.97
CA GLY A 229 -2.22 -9.04 -34.53
C GLY A 229 -0.72 -9.09 -34.34
N PHE A 230 0.01 -8.06 -34.78
CA PHE A 230 1.45 -8.07 -34.52
C PHE A 230 1.91 -6.64 -34.31
N PHE A 231 2.87 -6.50 -33.40
CA PHE A 231 3.63 -5.28 -33.20
C PHE A 231 4.58 -5.03 -34.38
N GLN A 232 5.06 -3.77 -34.47
CA GLN A 232 6.07 -3.39 -35.46
C GLN A 232 7.31 -4.27 -35.36
N SER A 233 7.70 -4.68 -34.15
CA SER A 233 8.89 -5.49 -33.96
C SER A 233 8.75 -6.89 -34.55
N GLU A 234 7.53 -7.36 -34.78
CA GLU A 234 7.32 -8.63 -35.47
C GLU A 234 6.82 -8.44 -36.92
N ARG A 235 6.76 -7.21 -37.41
CA ARG A 235 6.25 -6.96 -38.77
C ARG A 235 7.01 -7.78 -39.80
N ALA A 236 8.35 -7.73 -39.77
CA ALA A 236 9.14 -8.45 -40.78
C ALA A 236 8.86 -9.94 -40.72
N LEU A 237 8.63 -10.48 -39.53
CA LEU A 237 8.35 -11.91 -39.43
C LEU A 237 7.02 -12.24 -40.10
N PHE A 238 5.95 -11.50 -39.77
CA PHE A 238 4.66 -11.90 -40.31
C PHE A 238 4.62 -11.70 -41.81
N GLU A 239 5.34 -10.71 -42.33
CA GLU A 239 5.49 -10.56 -43.77
C GLU A 239 6.00 -11.85 -44.39
N ASP A 240 7.06 -12.41 -43.81
CA ASP A 240 7.58 -13.68 -44.31
C ASP A 240 6.54 -14.79 -44.18
N VAL A 241 5.82 -14.84 -43.05
CA VAL A 241 4.75 -15.83 -42.90
C VAL A 241 3.68 -15.64 -43.97
N ALA A 242 3.20 -14.41 -44.17
CA ALA A 242 2.10 -14.22 -45.13
C ALA A 242 2.53 -14.54 -46.55
N GLN A 243 3.78 -14.24 -46.90
CA GLN A 243 4.24 -14.54 -48.26
C GLN A 243 4.32 -16.05 -48.47
N GLU A 244 4.86 -16.78 -47.48
CA GLU A 244 4.97 -18.23 -47.59
C GLU A 244 3.57 -18.87 -47.68
N LEU A 245 2.68 -18.48 -46.76
CA LEU A 245 1.32 -19.01 -46.78
C LEU A 245 0.58 -18.60 -48.04
N GLY A 246 0.91 -17.45 -48.63
CA GLY A 246 0.14 -16.98 -49.76
C GLY A 246 -1.16 -16.29 -49.37
N LEU A 247 -1.18 -15.64 -48.20
CA LEU A 247 -2.37 -14.91 -47.78
C LEU A 247 -2.64 -13.75 -48.73
N LEU A 248 -3.94 -13.49 -48.95
CA LEU A 248 -4.36 -12.44 -49.85
C LEU A 248 -4.14 -11.06 -49.22
N LYS A 249 -3.60 -10.13 -50.00
CA LYS A 249 -3.36 -8.77 -49.54
C LYS A 249 -4.68 -8.07 -49.24
N ARG A 250 -4.74 -7.35 -48.14
CA ARG A 250 -5.88 -6.50 -47.86
C ARG A 250 -5.51 -5.04 -47.89
N SER A 251 -4.24 -4.74 -48.15
CA SER A 251 -3.82 -3.37 -48.33
C SER A 251 -2.68 -3.35 -49.33
N THR A 252 -2.66 -2.32 -50.17
CA THR A 252 -1.55 -2.09 -51.08
C THR A 252 -0.79 -0.81 -50.71
N THR A 253 -0.93 -0.36 -49.47
CA THR A 253 -0.21 0.79 -48.96
C THR A 253 0.93 0.32 -48.07
N ASP A 254 1.62 1.27 -47.44
CA ASP A 254 2.63 0.84 -46.46
C ASP A 254 2.01 0.34 -45.15
N ASP A 255 0.69 0.38 -45.01
CA ASP A 255 0.02 -0.22 -43.86
C ASP A 255 -0.42 -1.63 -44.29
N VAL A 256 0.36 -2.63 -43.87
CA VAL A 256 0.15 -4.03 -44.34
C VAL A 256 -1.01 -4.72 -43.63
N SER A 257 -1.78 -5.48 -44.40
CA SER A 257 -2.93 -6.24 -43.85
C SER A 257 -3.13 -7.41 -44.81
N TRP A 258 -3.65 -8.52 -44.30
CA TRP A 258 -3.83 -9.72 -45.14
C TRP A 258 -5.16 -10.36 -44.75
N SER A 259 -5.68 -11.23 -45.60
CA SER A 259 -6.91 -11.95 -45.26
C SER A 259 -6.54 -13.14 -44.38
N ARG A 260 -7.40 -13.48 -43.42
CA ARG A 260 -7.06 -14.52 -42.41
C ARG A 260 -6.79 -15.88 -43.02
N HIS A 261 -5.82 -16.58 -42.45
CA HIS A 261 -5.61 -17.99 -42.83
C HIS A 261 -6.96 -18.66 -42.56
N PRO A 262 -7.51 -19.48 -43.47
CA PRO A 262 -8.80 -20.16 -43.20
C PRO A 262 -8.88 -20.83 -41.83
N LEU A 263 -7.86 -21.59 -41.43
CA LEU A 263 -7.90 -22.25 -40.14
C LEU A 263 -7.99 -21.26 -38.96
N ALA A 264 -7.64 -19.99 -39.15
CA ALA A 264 -7.81 -19.07 -38.03
C ALA A 264 -9.28 -18.98 -37.60
N TYR A 265 -10.21 -19.13 -38.57
CA TYR A 265 -11.64 -19.16 -38.22
C TYR A 265 -11.95 -20.29 -37.23
N LEU A 266 -11.34 -21.47 -37.40
CA LEU A 266 -11.59 -22.56 -36.47
C LEU A 266 -10.99 -22.30 -35.09
N VAL A 267 -9.78 -21.73 -35.01
CA VAL A 267 -9.22 -21.33 -33.73
C VAL A 267 -10.17 -20.40 -32.98
N GLU A 268 -10.72 -19.42 -33.70
CA GLU A 268 -11.62 -18.43 -33.12
C GLU A 268 -12.93 -19.09 -32.65
N ALA A 269 -13.53 -19.95 -33.48
CA ALA A 269 -14.70 -20.71 -33.07
C ALA A 269 -14.44 -21.57 -31.81
N ALA A 270 -13.26 -22.20 -31.70
CA ALA A 270 -12.99 -23.00 -30.49
C ALA A 270 -12.99 -22.10 -29.26
N ASP A 271 -12.38 -20.93 -29.38
CA ASP A 271 -12.33 -20.02 -28.27
C ASP A 271 -13.73 -19.45 -27.99
N ASP A 272 -14.43 -18.97 -29.05
CA ASP A 272 -15.82 -18.49 -28.92
C ASP A 272 -16.70 -19.48 -28.16
N ILE A 273 -16.62 -20.77 -28.54
CA ILE A 273 -17.47 -21.79 -27.95
C ILE A 273 -17.14 -22.00 -26.47
N CYS A 274 -15.86 -22.06 -26.16
CA CYS A 274 -15.45 -22.36 -24.77
C CYS A 274 -15.79 -21.20 -23.83
N TYR A 275 -15.47 -19.97 -24.19
CA TYR A 275 -15.74 -18.81 -23.32
C TYR A 275 -17.24 -18.63 -23.08
N THR A 276 -18.04 -18.82 -24.11
CA THR A 276 -19.49 -18.66 -23.98
C THR A 276 -20.04 -19.75 -23.07
N ILE A 277 -19.71 -21.01 -23.33
CA ILE A 277 -20.34 -22.09 -22.58
C ILE A 277 -19.67 -22.30 -21.22
N ILE A 278 -18.35 -22.33 -21.18
CA ILE A 278 -17.70 -22.72 -19.93
C ILE A 278 -17.72 -21.57 -18.91
N ASP A 279 -17.69 -20.31 -19.35
CA ASP A 279 -17.88 -19.19 -18.42
C ASP A 279 -19.20 -19.32 -17.69
N PHE A 280 -20.26 -19.68 -18.42
CA PHE A 280 -21.58 -19.92 -17.85
C PHE A 280 -21.53 -21.09 -16.87
N GLU A 281 -20.90 -22.20 -17.26
CA GLU A 281 -20.72 -23.34 -16.36
C GLU A 281 -19.98 -22.91 -15.09
N ASP A 282 -18.94 -22.10 -15.24
CA ASP A 282 -18.20 -21.61 -14.07
C ASP A 282 -19.09 -20.74 -13.18
N GLY A 283 -19.85 -19.82 -13.79
CA GLY A 283 -20.68 -18.94 -12.98
C GLY A 283 -21.68 -19.69 -12.12
N ILE A 284 -22.24 -20.78 -12.65
CA ILE A 284 -23.19 -21.59 -11.88
C ILE A 284 -22.47 -22.32 -10.75
N ASN A 285 -21.35 -22.98 -11.06
CA ASN A 285 -20.59 -23.66 -10.01
C ASN A 285 -20.16 -22.69 -8.92
N LEU A 286 -19.81 -21.45 -9.28
CA LEU A 286 -19.36 -20.47 -8.30
C LEU A 286 -20.49 -19.81 -7.52
N GLY A 287 -21.74 -19.94 -7.96
CA GLY A 287 -22.85 -19.28 -7.29
C GLY A 287 -23.21 -17.92 -7.85
N LEU A 288 -22.44 -17.42 -8.82
CA LEU A 288 -22.74 -16.11 -9.41
C LEU A 288 -23.98 -16.16 -10.28
N ILE A 289 -24.31 -17.31 -10.83
CA ILE A 289 -25.47 -17.52 -11.68
C ILE A 289 -26.38 -18.52 -10.97
N PRO A 290 -27.64 -18.17 -10.68
CA PRO A 290 -28.56 -19.15 -10.08
C PRO A 290 -28.72 -20.37 -10.97
N GLU A 291 -28.61 -21.55 -10.36
CA GLU A 291 -28.73 -22.81 -11.09
C GLU A 291 -30.09 -22.93 -11.79
N GLU A 292 -31.12 -22.29 -11.24
CA GLU A 292 -32.43 -22.29 -11.87
C GLU A 292 -32.37 -21.86 -13.33
N TYR A 293 -31.45 -20.97 -13.69
CA TYR A 293 -31.27 -20.50 -15.06
C TYR A 293 -30.57 -21.51 -16.00
N ALA A 294 -29.97 -22.58 -15.47
CA ALA A 294 -29.17 -23.48 -16.30
C ALA A 294 -29.97 -24.02 -17.50
N LEU A 295 -31.11 -24.66 -17.25
CA LEU A 295 -31.86 -25.26 -18.35
C LEU A 295 -32.49 -24.21 -19.26
N GLU A 296 -32.93 -23.09 -18.68
CA GLU A 296 -33.58 -22.08 -19.50
C GLU A 296 -32.64 -21.54 -20.58
N TYR A 297 -31.36 -21.34 -20.23
CA TYR A 297 -30.44 -20.79 -21.21
C TYR A 297 -29.88 -21.85 -22.15
N MET A 298 -29.95 -23.12 -21.77
CA MET A 298 -29.28 -24.14 -22.56
C MET A 298 -30.23 -24.98 -23.38
N VAL A 299 -31.54 -24.80 -23.21
CA VAL A 299 -32.48 -25.78 -23.76
C VAL A 299 -32.40 -25.81 -25.27
N LYS A 300 -32.27 -24.65 -25.91
CA LYS A 300 -32.16 -24.68 -27.36
C LYS A 300 -30.87 -25.39 -27.78
N LEU A 301 -29.79 -25.17 -27.03
CA LEU A 301 -28.51 -25.76 -27.41
C LEU A 301 -28.47 -27.28 -27.19
N VAL A 302 -29.25 -27.82 -26.25
CA VAL A 302 -29.14 -29.23 -25.86
C VAL A 302 -30.43 -30.01 -26.05
N GLY A 303 -31.53 -29.35 -26.44
CA GLY A 303 -32.86 -29.94 -26.32
C GLY A 303 -33.09 -31.21 -27.11
N GLN A 304 -32.35 -31.44 -28.17
CA GLN A 304 -32.60 -32.67 -28.90
C GLN A 304 -31.69 -33.82 -28.48
N THR A 305 -30.57 -33.53 -27.80
CA THR A 305 -29.70 -34.61 -27.35
C THR A 305 -29.75 -34.84 -25.84
N ILE A 306 -30.36 -33.96 -25.05
CA ILE A 306 -30.35 -34.14 -23.61
C ILE A 306 -31.17 -35.36 -23.22
N ASP A 307 -30.59 -36.23 -22.40
CA ASP A 307 -31.34 -37.31 -21.78
C ASP A 307 -31.87 -36.73 -20.47
N ARG A 308 -33.13 -36.30 -20.47
CA ARG A 308 -33.64 -35.55 -19.33
C ARG A 308 -33.68 -36.41 -18.07
N ASN A 309 -34.09 -37.67 -18.20
CA ASN A 309 -34.14 -38.59 -17.06
C ASN A 309 -32.76 -38.78 -16.42
N LYS A 310 -31.71 -38.82 -17.24
CA LYS A 310 -30.36 -38.89 -16.69
C LYS A 310 -29.97 -37.55 -16.06
N TYR A 311 -30.35 -36.43 -16.69
CA TYR A 311 -30.11 -35.13 -16.07
C TYR A 311 -30.73 -35.04 -14.67
N ASN A 312 -31.96 -35.53 -14.51
CA ASN A 312 -32.65 -35.46 -13.23
C ASN A 312 -32.08 -36.45 -12.21
N ALA A 313 -31.43 -37.53 -12.66
CA ALA A 313 -30.84 -38.46 -11.71
C ALA A 313 -29.49 -37.96 -11.21
N LEU A 314 -28.84 -37.06 -11.94
CA LEU A 314 -27.60 -36.47 -11.44
C LEU A 314 -27.86 -35.71 -10.15
N GLN A 315 -26.99 -35.90 -9.16
CA GLN A 315 -27.24 -35.38 -7.82
C GLN A 315 -26.47 -34.11 -7.50
N GLU A 316 -25.35 -33.84 -8.17
CA GLU A 316 -24.57 -32.64 -7.93
C GLU A 316 -24.82 -31.62 -9.04
N THR A 317 -24.99 -30.37 -8.63
CA THR A 317 -25.02 -29.23 -9.53
C THR A 317 -23.88 -29.28 -10.55
N SER A 318 -22.66 -29.54 -10.06
CA SER A 318 -21.48 -29.52 -10.94
C SER A 318 -21.57 -30.60 -12.00
N ASP A 319 -22.23 -31.71 -11.69
CA ASP A 319 -22.45 -32.77 -12.69
C ASP A 319 -23.57 -32.41 -13.69
N ARG A 320 -24.68 -31.86 -13.20
CA ARG A 320 -25.75 -31.43 -14.11
C ARG A 320 -25.23 -30.43 -15.13
N VAL A 321 -24.45 -29.44 -14.68
CA VAL A 321 -24.09 -28.36 -15.59
C VAL A 321 -22.97 -28.78 -16.53
N SER A 322 -22.07 -29.66 -16.08
CA SER A 322 -21.06 -30.17 -17.00
C SER A 322 -21.68 -31.10 -18.05
N TYR A 323 -22.75 -31.82 -17.69
CA TYR A 323 -23.49 -32.55 -18.70
C TYR A 323 -24.08 -31.59 -19.74
N LEU A 324 -24.76 -30.52 -19.30
CA LEU A 324 -25.27 -29.53 -20.24
C LEU A 324 -24.15 -28.93 -21.08
N ARG A 325 -23.01 -28.62 -20.46
CA ARG A 325 -21.90 -28.02 -21.20
C ARG A 325 -21.40 -28.94 -22.31
N ALA A 326 -21.24 -30.24 -22.03
CA ALA A 326 -20.74 -31.15 -23.06
C ALA A 326 -21.72 -31.28 -24.22
N LEU A 327 -23.03 -31.32 -23.91
CA LEU A 327 -24.03 -31.33 -24.97
C LEU A 327 -23.97 -30.07 -25.82
N ALA A 328 -23.83 -28.89 -25.18
CA ALA A 328 -23.85 -27.64 -25.94
C ALA A 328 -22.62 -27.49 -26.82
N ILE A 329 -21.43 -27.77 -26.27
CA ILE A 329 -20.21 -27.74 -27.07
C ILE A 329 -20.28 -28.71 -28.25
N GLY A 330 -20.81 -29.92 -28.01
CA GLY A 330 -21.02 -30.84 -29.13
C GLY A 330 -21.90 -30.25 -30.22
N THR A 331 -23.03 -29.65 -29.83
CA THR A 331 -23.92 -29.02 -30.80
C THR A 331 -23.17 -27.94 -31.59
N LEU A 332 -22.44 -27.09 -30.88
CA LEU A 332 -21.79 -25.94 -31.51
C LEU A 332 -20.58 -26.34 -32.35
N ILE A 333 -19.93 -27.46 -32.03
CA ILE A 333 -18.83 -27.97 -32.86
C ILE A 333 -19.37 -28.48 -34.19
N ASN A 334 -20.41 -29.32 -34.16
CA ASN A 334 -20.97 -29.83 -35.40
C ASN A 334 -21.46 -28.70 -36.30
N GLU A 335 -22.14 -27.70 -35.74
CA GLU A 335 -22.64 -26.59 -36.56
C GLU A 335 -21.49 -25.78 -37.14
N SER A 336 -20.44 -25.54 -36.35
CA SER A 336 -19.33 -24.73 -36.81
C SER A 336 -18.59 -25.39 -37.96
N VAL A 337 -18.42 -26.72 -37.90
CA VAL A 337 -17.90 -27.46 -39.06
C VAL A 337 -18.75 -27.20 -40.29
N ASP A 338 -20.07 -27.22 -40.12
CA ASP A 338 -20.92 -27.08 -41.29
C ASP A 338 -20.90 -25.65 -41.81
N THR A 339 -20.76 -24.66 -40.92
CA THR A 339 -20.67 -23.26 -41.36
C THR A 339 -19.37 -23.01 -42.13
N PHE A 340 -18.26 -23.59 -41.65
CA PHE A 340 -16.98 -23.45 -42.35
C PHE A 340 -17.09 -23.95 -43.78
N MET A 341 -17.68 -25.15 -43.95
CA MET A 341 -17.74 -25.74 -45.27
C MET A 341 -18.78 -25.03 -46.16
N LYS A 342 -19.84 -24.46 -45.59
CA LYS A 342 -20.79 -23.68 -46.39
C LYS A 342 -20.14 -22.44 -46.97
N TYR A 343 -19.11 -21.91 -46.30
CA TYR A 343 -18.46 -20.66 -46.65
C TYR A 343 -16.99 -20.86 -46.98
N GLU A 344 -16.58 -22.09 -47.29
CA GLU A 344 -15.16 -22.37 -47.46
C GLU A 344 -14.58 -21.57 -48.62
N GLU A 345 -15.32 -21.50 -49.73
CA GLU A 345 -14.81 -20.76 -50.88
C GLU A 345 -14.65 -19.29 -50.55
N GLU A 346 -15.64 -18.72 -49.86
CA GLU A 346 -15.55 -17.32 -49.46
C GLU A 346 -14.38 -17.09 -48.52
N ILE A 347 -14.09 -18.07 -47.66
CA ILE A 347 -13.01 -17.91 -46.69
C ILE A 347 -11.67 -18.04 -47.40
N LEU A 348 -11.55 -18.97 -48.35
CA LEU A 348 -10.36 -19.12 -49.15
C LEU A 348 -10.07 -17.89 -50.01
N ALA A 349 -11.10 -17.09 -50.32
CA ALA A 349 -10.95 -15.90 -51.14
C ALA A 349 -10.96 -14.62 -50.31
N GLY A 350 -10.93 -14.72 -48.99
CA GLY A 350 -10.83 -13.54 -48.16
C GLY A 350 -12.03 -12.62 -48.19
N THR A 351 -13.18 -13.10 -48.67
CA THR A 351 -14.41 -12.33 -48.71
C THR A 351 -15.39 -12.65 -47.58
N PHE A 352 -15.10 -13.66 -46.77
CA PHE A 352 -15.93 -13.93 -45.59
C PHE A 352 -15.68 -12.86 -44.54
N ASP A 353 -16.76 -12.33 -43.97
CA ASP A 353 -16.75 -11.08 -43.23
C ASP A 353 -16.99 -11.24 -41.74
N GLN A 354 -17.52 -12.37 -41.32
CA GLN A 354 -17.99 -12.58 -39.97
C GLN A 354 -17.18 -13.70 -39.33
N SER A 355 -17.52 -14.03 -38.09
CA SER A 355 -17.05 -15.25 -37.46
C SER A 355 -18.04 -16.38 -37.73
N LEU A 356 -17.55 -17.61 -37.60
CA LEU A 356 -18.42 -18.77 -37.79
C LEU A 356 -19.60 -18.74 -36.81
N ILE A 357 -19.32 -18.42 -35.54
CA ILE A 357 -20.37 -18.36 -34.54
C ILE A 357 -21.39 -17.25 -34.84
N ASP A 358 -20.99 -16.19 -35.56
CA ASP A 358 -21.94 -15.16 -35.97
C ASP A 358 -23.01 -15.71 -36.91
N LYS A 359 -22.72 -16.79 -37.64
CA LYS A 359 -23.70 -17.40 -38.53
C LYS A 359 -24.52 -18.49 -37.85
N SER A 360 -24.27 -18.74 -36.56
CA SER A 360 -24.92 -19.84 -35.87
C SER A 360 -26.42 -19.65 -35.82
N ASN A 361 -27.15 -20.75 -35.92
CA ASN A 361 -28.59 -20.72 -35.69
C ASN A 361 -28.94 -20.48 -34.22
N TYR A 362 -27.96 -20.57 -33.32
CA TYR A 362 -28.18 -20.29 -31.91
C TYR A 362 -27.63 -18.94 -31.50
N GLN A 363 -27.42 -18.04 -32.47
CA GLN A 363 -26.82 -16.74 -32.19
C GLN A 363 -27.52 -16.01 -31.04
N ALA A 364 -28.85 -16.02 -31.06
CA ALA A 364 -29.61 -15.31 -30.04
C ALA A 364 -29.43 -15.93 -28.66
N GLN A 365 -29.42 -17.26 -28.57
CA GLN A 365 -29.14 -17.92 -27.29
C GLN A 365 -27.72 -17.67 -26.82
N ILE A 366 -26.76 -17.74 -27.75
CA ILE A 366 -25.37 -17.46 -27.41
C ILE A 366 -25.24 -16.06 -26.83
N THR A 367 -25.94 -15.09 -27.43
CA THR A 367 -25.89 -13.71 -26.94
C THR A 367 -26.52 -13.59 -25.56
N ASP A 368 -27.65 -14.27 -25.33
CA ASP A 368 -28.24 -14.24 -24.00
C ASP A 368 -27.29 -14.84 -22.96
N ILE A 369 -26.63 -15.95 -23.30
CA ILE A 369 -25.66 -16.55 -22.37
C ILE A 369 -24.56 -15.55 -22.06
N ILE A 370 -23.97 -14.95 -23.10
CA ILE A 370 -22.84 -14.05 -22.90
C ILE A 370 -23.25 -12.84 -22.05
N ASN A 371 -24.47 -12.32 -22.29
CA ASN A 371 -24.96 -11.14 -21.56
C ASN A 371 -25.21 -11.46 -20.09
N LEU A 372 -25.80 -12.62 -19.82
CA LEU A 372 -25.93 -13.06 -18.44
C LEU A 372 -24.56 -13.23 -17.77
N SER A 373 -23.54 -13.68 -18.50
CA SER A 373 -22.21 -13.80 -17.89
C SER A 373 -21.62 -12.43 -17.58
N ILE A 374 -21.80 -11.46 -18.49
CA ILE A 374 -21.34 -10.09 -18.23
C ILE A 374 -22.04 -9.51 -17.01
N GLU A 375 -23.35 -9.74 -16.89
CA GLU A 375 -24.10 -9.17 -15.78
C GLU A 375 -23.72 -9.83 -14.45
N ARG A 376 -23.62 -11.17 -14.43
CA ARG A 376 -23.44 -11.86 -13.16
C ARG A 376 -21.98 -12.19 -12.84
N ILE A 377 -21.10 -12.31 -13.84
CA ILE A 377 -19.72 -12.65 -13.54
C ILE A 377 -18.84 -11.42 -13.70
N TYR A 378 -18.80 -10.86 -14.92
CA TYR A 378 -17.81 -9.84 -15.20
C TYR A 378 -18.09 -8.52 -14.51
N ASN A 379 -19.33 -8.29 -14.08
CA ASN A 379 -19.69 -7.08 -13.34
C ASN A 379 -19.99 -7.34 -11.88
N SER A 380 -19.55 -8.49 -11.35
CA SER A 380 -19.65 -8.77 -9.93
C SER A 380 -18.59 -7.97 -9.16
N ARG A 381 -18.90 -7.66 -7.89
CA ARG A 381 -17.99 -6.79 -7.13
C ARG A 381 -16.61 -7.42 -6.98
N GLU A 382 -16.51 -8.74 -6.92
CA GLU A 382 -15.20 -9.38 -6.75
C GLU A 382 -14.35 -9.19 -8.01
N VAL A 383 -14.95 -9.38 -9.19
CA VAL A 383 -14.24 -9.17 -10.46
C VAL A 383 -13.88 -7.70 -10.65
N ILE A 384 -14.80 -6.79 -10.36
CA ILE A 384 -14.53 -5.36 -10.45
C ILE A 384 -13.37 -4.97 -9.53
N GLU A 385 -13.39 -5.45 -8.29
CA GLU A 385 -12.30 -5.19 -7.34
C GLU A 385 -10.97 -5.69 -7.88
N LYS A 386 -10.96 -6.84 -8.56
CA LYS A 386 -9.70 -7.36 -9.05
C LYS A 386 -9.13 -6.45 -10.13
N GLU A 387 -9.98 -6.00 -11.05
CA GLU A 387 -9.51 -5.17 -12.15
C GLU A 387 -9.02 -3.81 -11.67
N ILE A 388 -9.72 -3.20 -10.72
CA ILE A 388 -9.24 -1.94 -10.15
C ILE A 388 -7.86 -2.14 -9.52
N ALA A 389 -7.68 -3.25 -8.78
CA ALA A 389 -6.37 -3.51 -8.21
C ALA A 389 -5.37 -3.79 -9.31
N GLY A 390 -5.78 -4.46 -10.36
CA GLY A 390 -4.86 -4.72 -11.48
C GLY A 390 -4.33 -3.45 -12.11
N TYR A 391 -5.16 -2.43 -12.21
CA TYR A 391 -4.75 -1.19 -12.90
C TYR A 391 -3.56 -0.60 -12.15
N GLU A 392 -3.62 -0.61 -10.82
CA GLU A 392 -2.53 0.00 -10.02
C GLU A 392 -1.31 -0.90 -10.14
N ILE A 393 -1.51 -2.21 -10.02
CA ILE A 393 -0.35 -3.10 -10.05
C ILE A 393 0.45 -2.92 -11.34
N LEU A 394 -0.23 -2.98 -12.49
CA LEU A 394 0.48 -2.86 -13.76
C LEU A 394 1.01 -1.44 -13.97
N SER A 395 0.23 -0.43 -13.58
CA SER A 395 0.70 0.95 -13.74
C SER A 395 1.97 1.18 -12.96
N THR A 396 2.06 0.58 -11.77
CA THR A 396 3.23 0.74 -10.91
C THR A 396 4.45 0.09 -11.54
N LEU A 397 4.29 -1.17 -12.00
CA LEU A 397 5.41 -1.88 -12.60
C LEU A 397 5.87 -1.19 -13.89
N LEU A 398 4.93 -0.68 -14.67
CA LEU A 398 5.31 -0.02 -15.91
C LEU A 398 6.09 1.25 -15.63
N GLU A 399 5.68 2.03 -14.62
CA GLU A 399 6.43 3.24 -14.27
C GLU A 399 7.80 2.89 -13.72
N ALA A 400 7.89 1.86 -12.85
CA ALA A 400 9.18 1.48 -12.30
C ALA A 400 10.16 1.07 -13.39
N ARG A 401 9.69 0.30 -14.38
CA ARG A 401 10.57 -0.13 -15.47
C ARG A 401 10.95 1.02 -16.40
N CYS A 402 10.02 1.97 -16.62
CA CYS A 402 10.24 2.99 -17.64
C CYS A 402 11.12 4.11 -17.11
N ARG A 403 10.96 4.46 -15.82
CA ARG A 403 11.90 5.38 -15.20
C ARG A 403 13.29 4.74 -15.08
N ALA A 404 13.35 3.45 -14.79
CA ALA A 404 14.65 2.77 -14.78
C ALA A 404 15.29 2.80 -16.15
N LEU A 405 14.48 2.70 -17.20
CA LEU A 405 15.01 2.78 -18.56
C LEU A 405 15.58 4.17 -18.86
N ASP A 406 14.93 5.23 -18.35
CA ASP A 406 15.35 6.59 -18.70
C ASP A 406 16.62 7.01 -17.97
N ASN A 407 16.79 6.62 -16.69
CA ASN A 407 17.98 6.95 -15.88
C ASN A 407 18.50 5.67 -15.22
N ASN A 408 19.25 4.87 -15.97
CA ASN A 408 19.77 3.59 -15.47
C ASN A 408 21.06 3.75 -14.68
N ASP A 409 21.42 4.95 -14.26
CA ASP A 409 22.63 5.17 -13.48
C ASP A 409 22.40 5.15 -11.98
N THR A 410 21.21 5.57 -11.55
CA THR A 410 20.93 5.71 -10.12
C THR A 410 20.88 4.33 -9.45
N HIS A 411 21.17 4.33 -8.15
CA HIS A 411 21.17 3.08 -7.39
C HIS A 411 19.81 2.39 -7.45
N TYR A 412 18.74 3.14 -7.15
CA TYR A 412 17.42 2.55 -7.16
C TYR A 412 17.11 1.89 -8.50
N ASN A 413 17.53 2.53 -9.60
CA ASN A 413 17.16 1.97 -10.89
C ASN A 413 18.07 0.81 -11.30
N GLN A 414 19.27 0.74 -10.75
CA GLN A 414 20.02 -0.51 -10.84
C GLN A 414 19.25 -1.64 -10.17
N LEU A 415 18.71 -1.38 -8.97
CA LEU A 415 17.98 -2.41 -8.23
C LEU A 415 16.73 -2.84 -8.98
N ILE A 416 15.99 -1.87 -9.52
CA ILE A 416 14.77 -2.14 -10.27
C ILE A 416 15.08 -3.05 -11.47
N GLN A 417 16.22 -2.83 -12.11
CA GLN A 417 16.60 -3.69 -13.22
C GLN A 417 16.97 -5.10 -12.75
N GLN A 418 17.59 -5.24 -11.58
CA GLN A 418 17.98 -6.57 -11.15
C GLN A 418 16.78 -7.39 -10.70
N LEU A 419 15.74 -6.72 -10.19
CA LEU A 419 14.58 -7.44 -9.66
C LEU A 419 13.62 -7.88 -10.76
N LEU A 420 13.44 -7.07 -11.79
CA LEU A 420 12.42 -7.30 -12.81
C LEU A 420 12.96 -7.75 -14.17
N ALA A 421 14.17 -7.35 -14.56
CA ALA A 421 14.70 -7.69 -15.88
C ALA A 421 16.22 -7.75 -15.88
N PRO A 422 16.80 -8.86 -15.39
CA PRO A 422 18.27 -9.03 -15.44
C PRO A 422 18.74 -9.75 -16.71
N SER A 429 17.23 0.18 -29.11
CA SER A 429 16.20 1.10 -29.65
C SER A 429 15.17 1.41 -28.57
N LEU A 430 14.65 2.63 -28.55
CA LEU A 430 13.64 3.00 -27.53
C LEU A 430 12.40 2.15 -27.75
N TYR A 431 11.96 2.00 -28.98
CA TYR A 431 10.72 1.24 -29.22
C TYR A 431 10.98 -0.21 -28.83
N GLU A 432 12.10 -0.75 -29.31
CA GLU A 432 12.37 -2.13 -28.93
C GLU A 432 12.41 -2.28 -27.40
N ASN A 433 12.91 -1.27 -26.69
CA ASN A 433 12.95 -1.34 -25.23
C ASN A 433 11.55 -1.24 -24.62
N LEU A 434 10.74 -0.30 -25.11
CA LEU A 434 9.41 -0.10 -24.52
C LEU A 434 8.51 -1.29 -24.81
N ILE A 435 8.62 -1.89 -25.99
CA ILE A 435 7.75 -3.01 -26.32
C ILE A 435 8.20 -4.24 -25.52
N GLN A 436 9.50 -4.36 -25.23
CA GLN A 436 9.98 -5.47 -24.43
C GLN A 436 9.52 -5.34 -22.97
N ILE A 437 9.46 -4.11 -22.46
CA ILE A 437 8.95 -3.88 -21.11
C ILE A 437 7.47 -4.26 -21.01
N CYS A 438 6.67 -3.87 -22.01
CA CYS A 438 5.27 -4.31 -22.05
C CYS A 438 5.16 -5.82 -22.18
N ALA A 439 5.98 -6.42 -23.06
CA ALA A 439 5.95 -7.87 -23.21
C ALA A 439 6.24 -8.56 -21.89
N GLU A 440 7.18 -8.02 -21.12
CA GLU A 440 7.64 -8.69 -19.89
C GLU A 440 6.67 -8.48 -18.75
N VAL A 441 6.20 -7.25 -18.55
CA VAL A 441 5.15 -7.00 -17.57
C VAL A 441 3.91 -7.83 -17.89
N SER A 442 3.63 -8.04 -19.18
CA SER A 442 2.41 -8.75 -19.59
C SER A 442 2.50 -10.22 -19.26
N THR A 443 3.68 -10.82 -19.36
CA THR A 443 3.78 -12.26 -19.18
C THR A 443 4.05 -12.66 -17.73
N MET A 444 4.24 -11.70 -16.83
CA MET A 444 4.39 -12.00 -15.41
C MET A 444 3.17 -12.75 -14.88
N THR A 445 3.42 -13.77 -14.06
CA THR A 445 2.34 -14.44 -13.37
C THR A 445 1.64 -13.46 -12.43
N ASP A 446 0.38 -13.76 -12.10
CA ASP A 446 -0.39 -12.97 -11.15
C ASP A 446 0.38 -12.79 -9.85
N GLY A 447 1.02 -13.86 -9.40
CA GLY A 447 1.75 -13.80 -8.14
C GLY A 447 2.95 -12.89 -8.21
N LYS A 448 3.83 -13.10 -9.17
CA LYS A 448 5.09 -12.31 -9.22
C LYS A 448 4.74 -10.85 -9.42
N ALA A 449 3.75 -10.56 -10.23
CA ALA A 449 3.33 -9.17 -10.41
C ALA A 449 2.94 -8.59 -9.06
N LEU A 450 2.04 -9.27 -8.35
CA LEU A 450 1.59 -8.74 -7.06
C LEU A 450 2.72 -8.67 -6.06
N ARG A 451 3.62 -9.65 -6.10
CA ARG A 451 4.74 -9.65 -5.16
C ARG A 451 5.71 -8.50 -5.46
N ASN A 452 6.09 -8.33 -6.72
CA ASN A 452 7.01 -7.25 -7.07
C ASN A 452 6.37 -5.90 -6.86
N TYR A 453 5.08 -5.78 -7.17
CA TYR A 453 4.35 -4.56 -6.88
C TYR A 453 4.38 -4.26 -5.39
N LYS A 454 4.17 -5.28 -4.55
CA LYS A 454 4.16 -5.10 -3.11
C LYS A 454 5.50 -4.59 -2.61
N LYS A 455 6.60 -5.14 -3.13
CA LYS A 455 7.92 -4.68 -2.73
C LYS A 455 8.18 -3.24 -3.15
N ILE A 456 7.82 -2.89 -4.37
CA ILE A 456 8.07 -1.51 -4.86
C ILE A 456 7.26 -0.51 -4.03
N LYS A 457 6.08 -0.93 -3.55
CA LYS A 457 5.20 -0.05 -2.74
C LYS A 457 5.47 -0.28 -1.26
N GLY A 458 6.32 -1.23 -0.90
CA GLY A 458 6.71 -1.39 0.50
C GLY A 458 5.80 -2.31 1.27
N LEU A 459 4.55 -2.40 0.85
CA LEU A 459 3.58 -3.23 1.58
C LEU A 459 4.06 -4.68 1.54
N ASP A 460 3.91 -5.42 2.61
CA ASP A 460 4.47 -6.79 2.72
C ASP A 460 5.07 -7.26 1.39
N ASN B 23 54.33 16.03 12.10
CA ASN B 23 54.17 14.60 12.35
C ASN B 23 53.42 14.44 13.68
N ALA B 24 52.47 13.49 13.71
CA ALA B 24 51.62 13.31 14.89
C ALA B 24 52.39 12.63 16.02
N ASN B 25 51.87 12.77 17.25
CA ASN B 25 52.52 12.25 18.45
C ASN B 25 51.59 11.31 19.18
N TRP B 26 52.09 10.12 19.52
CA TRP B 26 51.27 9.12 20.20
C TRP B 26 50.81 9.56 21.58
N GLU B 27 51.54 10.49 22.22
CA GLU B 27 51.09 11.01 23.52
C GLU B 27 49.78 11.80 23.38
N HIS B 28 49.65 12.60 22.31
CA HIS B 28 48.39 13.31 22.12
C HIS B 28 47.31 12.46 21.45
N LEU B 29 47.71 11.46 20.66
CA LEU B 29 46.73 10.63 19.96
C LEU B 29 45.93 9.75 20.92
N LEU B 30 46.46 9.51 22.12
CA LEU B 30 45.83 8.67 23.14
C LEU B 30 45.11 9.51 24.18
N SER B 31 44.44 10.58 23.74
CA SER B 31 43.83 11.51 24.67
C SER B 31 42.68 10.86 25.42
N LEU B 32 42.60 11.15 26.72
CA LEU B 32 41.49 10.78 27.58
C LEU B 32 40.47 11.91 27.73
N LYS B 33 40.65 13.01 26.99
CA LYS B 33 39.74 14.15 27.10
C LYS B 33 38.32 13.74 26.74
N ARG B 34 37.36 14.28 27.50
CA ARG B 34 35.94 14.21 27.15
C ARG B 34 35.41 15.62 26.94
N GLN B 35 34.35 15.74 26.12
CA GLN B 35 33.83 17.04 25.73
C GLN B 35 33.53 17.90 26.95
N GLY B 36 33.96 19.15 26.91
CA GLY B 36 33.71 20.07 28.02
C GLY B 36 34.75 20.03 29.12
N ASP B 37 35.69 19.10 29.09
CA ASP B 37 36.71 19.01 30.13
C ASP B 37 37.37 20.37 30.33
N THR B 38 37.58 20.73 31.60
CA THR B 38 38.26 21.97 31.91
C THR B 38 39.72 21.77 32.26
N ALA B 39 40.11 20.55 32.65
CA ALA B 39 41.49 20.23 33.00
C ALA B 39 41.92 18.96 32.26
N LYS B 40 43.23 18.79 32.18
CA LYS B 40 43.85 17.66 31.50
C LYS B 40 43.67 16.35 32.29
N ARG B 41 43.51 15.26 31.55
CA ARG B 41 43.44 13.91 32.11
C ARG B 41 44.74 13.17 31.77
N LEU B 42 45.61 13.00 32.76
CA LEU B 42 46.84 12.27 32.56
C LEU B 42 46.61 10.78 32.74
N ARG B 43 47.16 9.97 31.83
CA ARG B 43 46.98 8.53 31.89
C ARG B 43 47.48 7.94 33.21
N ILE B 44 48.61 8.45 33.73
CA ILE B 44 49.17 7.91 34.97
C ILE B 44 48.21 8.06 36.12
N GLU B 45 47.43 9.15 36.13
CA GLU B 45 46.58 9.49 37.26
C GLU B 45 45.24 8.77 37.22
N GLN B 46 45.00 7.94 36.22
CA GLN B 46 43.72 7.25 36.10
C GLN B 46 43.63 6.06 37.06
N ASP B 47 42.41 5.77 37.50
CA ASP B 47 42.13 4.53 38.21
C ASP B 47 41.95 3.42 37.19
N ASP B 48 42.77 2.37 37.30
CA ASP B 48 42.72 1.27 36.33
C ASP B 48 41.40 0.53 36.36
N THR B 49 40.70 0.54 37.50
CA THR B 49 39.36 -0.03 37.57
C THR B 49 38.30 0.81 36.88
N ARG B 50 38.60 2.07 36.54
CA ARG B 50 37.67 2.97 35.83
C ARG B 50 38.41 3.70 34.72
N LEU B 51 39.13 2.95 33.89
CA LEU B 51 39.95 3.55 32.83
C LEU B 51 39.06 4.16 31.76
N GLY B 52 39.32 5.42 31.42
CA GLY B 52 38.55 6.13 30.42
C GLY B 52 38.17 5.31 29.21
N PHE B 53 39.14 4.65 28.61
CA PHE B 53 38.88 3.90 27.36
C PHE B 53 37.94 2.73 27.60
N GLU B 54 38.09 2.03 28.71
CA GLU B 54 37.21 0.89 29.03
C GLU B 54 35.79 1.37 29.34
N VAL B 55 35.67 2.49 30.04
CA VAL B 55 34.33 3.06 30.35
C VAL B 55 33.63 3.42 29.04
N ASP B 56 34.37 3.82 28.02
CA ASP B 56 33.75 4.09 26.73
C ASP B 56 32.96 2.89 26.24
N TYR B 57 33.55 1.69 26.35
CA TYR B 57 32.88 0.48 25.90
C TYR B 57 31.55 0.29 26.61
N ASP B 58 31.55 0.41 27.95
CA ASP B 58 30.31 0.25 28.73
C ASP B 58 29.28 1.32 28.36
N ARG B 59 29.71 2.56 28.21
CA ARG B 59 28.76 3.59 27.82
C ARG B 59 28.03 3.22 26.55
N ILE B 60 28.73 2.60 25.59
CA ILE B 60 28.08 2.23 24.35
C ILE B 60 27.10 1.06 24.57
N ILE B 61 27.58 -0.04 25.15
CA ILE B 61 26.72 -1.20 25.44
C ILE B 61 25.40 -0.76 26.06
N PHE B 62 25.45 0.13 27.04
CA PHE B 62 24.24 0.50 27.76
C PHE B 62 23.42 1.60 27.08
N SER B 63 23.86 2.16 25.96
CA SER B 63 23.14 3.30 25.40
C SER B 63 21.94 2.87 24.55
N ALA B 64 20.94 3.74 24.49
CA ALA B 64 19.76 3.43 23.70
C ALA B 64 20.07 3.15 22.23
N PRO B 65 20.92 3.92 21.54
CA PRO B 65 21.22 3.55 20.14
C PRO B 65 21.87 2.19 20.00
N PHE B 66 22.71 1.75 20.94
CA PHE B 66 23.29 0.43 20.75
C PHE B 66 22.26 -0.66 21.00
N ARG B 67 21.49 -0.55 22.09
CA ARG B 67 20.44 -1.52 22.35
C ARG B 67 19.50 -1.66 21.16
N SER B 68 19.21 -0.56 20.44
CA SER B 68 18.26 -0.65 19.33
C SER B 68 18.75 -1.53 18.18
N LEU B 69 20.05 -1.86 18.15
CA LEU B 69 20.57 -2.77 17.11
C LEU B 69 20.01 -4.19 17.25
N GLN B 70 19.32 -4.49 18.35
CA GLN B 70 18.62 -5.78 18.52
C GLN B 70 17.60 -6.02 17.42
N ASP B 71 16.91 -4.96 17.00
CA ASP B 71 15.79 -5.00 16.08
C ASP B 71 16.12 -4.31 14.77
N LYS B 72 17.37 -4.45 14.33
CA LYS B 72 17.88 -3.85 13.10
C LYS B 72 18.60 -4.95 12.34
N THR B 73 18.04 -5.37 11.23
CA THR B 73 18.59 -6.53 10.52
C THR B 73 19.62 -6.14 9.50
N GLN B 74 20.50 -7.07 9.14
CA GLN B 74 21.45 -6.80 8.06
C GLN B 74 20.71 -7.07 6.74
N VAL B 75 21.45 -7.36 5.67
CA VAL B 75 20.81 -7.58 4.34
C VAL B 75 19.86 -8.77 4.45
N ILE B 76 20.31 -9.82 5.11
CA ILE B 76 19.49 -11.06 5.24
C ILE B 76 18.70 -11.00 6.54
N THR B 77 17.42 -11.34 6.49
CA THR B 77 16.56 -11.25 7.69
C THR B 77 16.21 -12.67 8.14
N ASP B 78 17.19 -13.40 8.68
CA ASP B 78 16.94 -14.79 9.16
C ASP B 78 16.60 -14.72 10.64
N PHE B 79 16.65 -13.52 11.23
CA PHE B 79 16.30 -13.29 12.66
C PHE B 79 17.51 -13.61 13.53
N VAL B 80 18.56 -14.15 12.93
CA VAL B 80 19.78 -14.52 13.70
C VAL B 80 20.97 -13.95 12.95
N HIS B 81 20.72 -12.93 12.12
CA HIS B 81 21.84 -12.23 11.44
C HIS B 81 21.68 -10.75 11.76
N THR B 82 22.04 -10.34 12.98
CA THR B 82 21.74 -8.94 13.36
C THR B 82 22.95 -8.02 13.25
N ARG B 83 22.68 -6.72 13.27
CA ARG B 83 23.76 -5.72 13.26
C ARG B 83 24.41 -5.69 14.63
N LEU B 84 23.68 -6.09 15.67
CA LEU B 84 24.27 -6.19 17.04
C LEU B 84 25.38 -7.26 17.02
N THR B 85 25.10 -8.39 16.41
CA THR B 85 26.09 -9.49 16.35
C THR B 85 27.30 -9.00 15.56
N HIS B 86 27.07 -8.32 14.44
CA HIS B 86 28.18 -7.81 13.61
C HIS B 86 29.00 -6.84 14.45
N SER B 87 28.30 -5.91 15.09
CA SER B 87 29.04 -4.93 15.87
C SER B 87 29.81 -5.61 16.99
N LEU B 88 29.20 -6.61 17.63
CA LEU B 88 29.90 -7.33 18.68
C LEU B 88 31.15 -8.01 18.14
N GLU B 89 30.99 -8.75 17.03
CA GLU B 89 32.12 -9.52 16.52
C GLU B 89 33.20 -8.62 15.95
N VAL B 90 32.83 -7.46 15.41
CA VAL B 90 33.82 -6.49 14.96
C VAL B 90 34.59 -5.92 16.15
N SER B 91 33.89 -5.62 17.24
CA SER B 91 34.57 -5.12 18.44
C SER B 91 35.49 -6.17 19.07
N VAL B 92 35.15 -7.47 19.01
CA VAL B 92 36.05 -8.49 19.54
C VAL B 92 37.33 -8.55 18.72
N VAL B 93 37.19 -8.68 17.38
CA VAL B 93 38.34 -8.69 16.48
C VAL B 93 39.14 -7.40 16.61
N GLY B 94 38.43 -6.28 16.80
CA GLY B 94 39.11 -5.00 17.04
C GLY B 94 39.92 -4.98 18.32
N ARG B 95 39.38 -5.52 19.41
CA ARG B 95 40.15 -5.61 20.65
C ARG B 95 41.45 -6.39 20.44
N SER B 96 41.39 -7.52 19.72
CA SER B 96 42.59 -8.29 19.44
C SER B 96 43.61 -7.46 18.66
N LEU B 97 43.16 -6.83 17.56
CA LEU B 97 44.06 -6.01 16.74
C LEU B 97 44.77 -4.95 17.57
N GLY B 98 44.02 -4.23 18.40
CA GLY B 98 44.60 -3.17 19.19
C GLY B 98 45.50 -3.64 20.30
N ARG B 99 45.21 -4.82 20.87
CA ARG B 99 46.08 -5.37 21.89
C ARG B 99 47.45 -5.70 21.32
N MET B 100 47.46 -6.33 20.14
CA MET B 100 48.73 -6.79 19.58
C MET B 100 49.54 -5.62 19.03
N VAL B 101 48.88 -4.69 18.34
CA VAL B 101 49.58 -3.47 17.94
C VAL B 101 50.01 -2.67 19.16
N GLY B 102 49.12 -2.56 20.15
CA GLY B 102 49.44 -1.81 21.36
C GLY B 102 50.69 -2.32 22.05
N LYS B 103 50.88 -3.63 22.09
CA LYS B 103 52.07 -4.20 22.72
C LYS B 103 53.33 -3.91 21.90
N LYS B 104 53.22 -3.97 20.57
CA LYS B 104 54.37 -3.66 19.72
C LYS B 104 54.71 -2.17 19.74
N LEU B 105 53.68 -1.29 19.81
CA LEU B 105 53.93 0.15 19.87
C LEU B 105 54.64 0.54 21.17
N LEU B 106 54.30 -0.11 22.29
CA LEU B 106 55.00 0.15 23.54
C LEU B 106 56.45 -0.36 23.52
N GLU B 107 56.76 -1.36 22.69
CA GLU B 107 58.17 -1.73 22.51
C GLU B 107 58.91 -0.68 21.71
N LYS B 108 58.31 -0.19 20.61
CA LYS B 108 58.96 0.78 19.75
C LYS B 108 59.20 2.10 20.49
N TYR B 109 58.19 2.59 21.18
CA TYR B 109 58.21 3.87 21.88
C TYR B 109 58.08 3.62 23.37
N PRO B 110 59.15 3.18 24.03
CA PRO B 110 59.04 2.75 25.44
C PRO B 110 58.58 3.86 26.37
N HIS B 111 58.92 5.12 26.08
CA HIS B 111 58.56 6.23 26.94
C HIS B 111 57.05 6.34 27.15
N LEU B 112 56.25 5.78 26.25
CA LEU B 112 54.80 5.86 26.40
C LEU B 112 54.32 5.13 27.64
N GLU B 113 55.02 4.07 28.01
CA GLU B 113 54.70 3.32 29.24
C GLU B 113 55.57 3.84 30.40
N GLN B 114 56.86 4.07 30.15
CA GLN B 114 57.80 4.51 31.22
C GLN B 114 57.45 5.88 31.78
N VAL B 115 57.07 6.81 30.92
CA VAL B 115 56.77 8.18 31.37
C VAL B 115 55.27 8.45 31.41
N TYR B 116 54.48 8.01 30.41
CA TYR B 116 53.09 8.42 30.39
C TYR B 116 52.15 7.41 31.01
N GLY B 117 52.63 6.20 31.30
CA GLY B 117 51.80 5.23 32.00
C GLY B 117 50.84 4.44 31.14
N TYR B 118 51.02 4.45 29.82
CA TYR B 118 50.16 3.69 28.92
C TYR B 118 50.47 2.20 28.97
N LYS B 119 49.43 1.38 28.75
CA LYS B 119 49.52 -0.07 28.77
C LYS B 119 48.88 -0.60 27.51
N PHE B 120 49.23 -1.85 27.14
CA PHE B 120 48.83 -2.35 25.82
C PHE B 120 47.31 -2.53 25.73
N ASN B 121 46.64 -2.81 26.84
CA ASN B 121 45.19 -2.96 26.84
C ASN B 121 44.46 -1.65 26.58
N ASP B 122 45.16 -0.52 26.73
CA ASP B 122 44.57 0.76 26.36
C ASP B 122 44.24 0.80 24.88
N PHE B 123 45.20 0.42 24.03
CA PHE B 123 44.98 0.37 22.59
C PHE B 123 43.89 -0.65 22.24
N GLY B 124 43.88 -1.80 22.93
CA GLY B 124 42.79 -2.73 22.77
C GLY B 124 41.44 -2.09 23.03
N ALA B 125 41.35 -1.27 24.08
CA ALA B 125 40.07 -0.72 24.48
C ALA B 125 39.58 0.37 23.51
N ILE B 126 40.50 1.19 23.00
CA ILE B 126 40.12 2.25 22.06
C ILE B 126 39.54 1.66 20.80
N VAL B 127 40.29 0.74 20.16
CA VAL B 127 39.80 0.08 18.96
C VAL B 127 38.49 -0.65 19.23
N ALA B 128 38.38 -1.30 20.41
CA ALA B 128 37.18 -2.10 20.67
C ALA B 128 35.93 -1.24 20.82
N ALA B 129 36.08 -0.05 21.39
CA ALA B 129 34.94 0.83 21.60
C ALA B 129 34.54 1.51 20.30
N ALA B 130 35.52 1.94 19.50
CA ALA B 130 35.21 2.53 18.21
C ALA B 130 34.57 1.51 17.28
N ALA B 131 35.12 0.29 17.25
CA ALA B 131 34.55 -0.75 16.41
C ALA B 131 33.13 -1.07 16.84
N LEU B 132 32.91 -1.23 18.16
CA LEU B 132 31.59 -1.55 18.68
C LEU B 132 30.52 -0.56 18.20
N ALA B 133 30.91 0.71 18.01
CA ALA B 133 30.00 1.79 17.67
C ALA B 133 29.93 2.05 16.17
N HIS B 134 30.73 1.36 15.36
CA HIS B 134 30.93 1.79 13.97
C HIS B 134 29.66 1.72 13.13
N ASP B 135 28.67 0.91 13.52
CA ASP B 135 27.44 0.76 12.77
C ASP B 135 26.26 1.45 13.45
N ILE B 136 26.52 2.17 14.54
CA ILE B 136 25.44 2.68 15.39
C ILE B 136 24.55 3.70 14.67
N GLY B 137 25.07 4.45 13.71
CA GLY B 137 24.26 5.48 13.09
C GLY B 137 23.75 5.16 11.71
N ASN B 138 23.93 3.94 11.23
CA ASN B 138 23.53 3.59 9.88
C ASN B 138 22.01 3.47 9.79
N PRO B 139 21.42 3.92 8.68
CA PRO B 139 19.98 3.69 8.47
C PRO B 139 19.70 2.22 8.21
N PRO B 140 18.46 1.78 8.39
CA PRO B 140 18.11 0.41 8.00
C PRO B 140 18.36 0.21 6.51
N PHE B 141 18.34 -1.06 6.09
CA PHE B 141 18.37 -1.46 4.68
C PHE B 141 19.73 -1.23 4.01
N GLY B 142 20.80 -1.13 4.77
CA GLY B 142 22.12 -1.18 4.17
C GLY B 142 22.52 0.15 3.58
N HIS B 143 23.39 0.09 2.57
CA HIS B 143 23.73 1.29 1.82
C HIS B 143 22.57 1.73 0.96
N SER B 144 21.59 0.84 0.72
CA SER B 144 20.36 1.28 0.09
C SER B 144 19.61 2.26 0.98
N GLY B 145 19.69 2.08 2.30
CA GLY B 145 19.04 3.02 3.20
C GLY B 145 19.63 4.40 3.13
N GLU B 146 20.96 4.49 3.12
CA GLU B 146 21.62 5.78 2.91
C GLU B 146 21.19 6.40 1.59
N LYS B 147 21.14 5.59 0.53
CA LYS B 147 20.83 6.16 -0.78
C LYS B 147 19.37 6.56 -0.88
N ALA B 148 18.46 5.85 -0.19
CA ALA B 148 17.06 6.29 -0.17
C ALA B 148 16.93 7.70 0.41
N ILE B 149 17.67 7.98 1.49
CA ILE B 149 17.64 9.29 2.11
C ILE B 149 18.22 10.35 1.16
N GLY B 150 19.40 10.09 0.60
CA GLY B 150 19.97 11.01 -0.36
C GLY B 150 19.04 11.26 -1.54
N GLU B 151 18.44 10.18 -2.08
CA GLU B 151 17.53 10.33 -3.21
C GLU B 151 16.38 11.27 -2.85
N PHE B 152 15.89 11.16 -1.61
CA PHE B 152 14.81 12.01 -1.13
C PHE B 152 15.17 13.50 -1.26
N PHE B 153 16.38 13.89 -0.84
CA PHE B 153 16.77 15.30 -0.93
C PHE B 153 17.30 15.71 -2.29
N LYS B 154 17.77 14.75 -3.09
CA LYS B 154 18.27 15.06 -4.42
C LYS B 154 17.13 15.16 -5.43
N ASN B 155 16.17 14.23 -5.42
CA ASN B 155 15.09 14.28 -6.40
C ASN B 155 13.69 14.26 -5.81
N GLY B 156 13.50 13.85 -4.55
CA GLY B 156 12.18 13.76 -3.98
C GLY B 156 11.70 15.09 -3.44
N TYR B 157 10.74 15.00 -2.49
CA TYR B 157 10.19 16.19 -1.88
C TYR B 157 11.28 17.10 -1.30
N GLY B 158 12.35 16.50 -0.77
CA GLY B 158 13.40 17.30 -0.14
C GLY B 158 14.25 18.14 -1.08
N LYS B 159 14.11 17.98 -2.40
CA LYS B 159 14.82 18.86 -3.32
C LYS B 159 14.45 20.32 -3.08
N ARG B 160 13.26 20.58 -2.54
CA ARG B 160 12.78 21.94 -2.37
C ARG B 160 13.68 22.77 -1.46
N TYR B 161 14.51 22.14 -0.63
CA TYR B 161 15.34 22.90 0.30
C TYR B 161 16.66 23.35 -0.30
N LYS B 162 16.99 22.92 -1.51
CA LYS B 162 18.33 23.14 -2.04
C LYS B 162 18.76 24.61 -1.95
N ASP B 163 17.88 25.53 -2.32
CA ASP B 163 18.28 26.93 -2.36
C ASP B 163 18.22 27.62 -1.01
N SER B 164 17.93 26.90 0.08
CA SER B 164 17.94 27.45 1.41
C SER B 164 19.06 26.85 2.26
N LEU B 165 19.93 26.07 1.63
CA LEU B 165 21.02 25.39 2.32
C LEU B 165 22.33 25.77 1.65
N THR B 166 23.41 25.66 2.40
CA THR B 166 24.71 25.82 1.78
C THR B 166 25.04 24.59 0.97
N ALA B 167 26.02 24.75 0.06
CA ALA B 167 26.48 23.61 -0.74
C ALA B 167 26.86 22.41 0.13
N LYS B 168 27.47 22.65 1.29
CA LYS B 168 27.90 21.53 2.15
C LYS B 168 26.78 21.03 3.05
N GLU B 169 25.82 21.88 3.41
CA GLU B 169 24.67 21.37 4.14
C GLU B 169 23.85 20.45 3.25
N TYR B 170 23.68 20.84 1.98
CA TYR B 170 22.92 20.05 1.02
C TYR B 170 23.65 18.76 0.68
N GLN B 171 24.98 18.83 0.54
CA GLN B 171 25.76 17.61 0.31
C GLN B 171 25.60 16.61 1.46
N ASP B 172 25.58 17.09 2.72
CA ASP B 172 25.28 16.19 3.84
C ASP B 172 24.02 15.39 3.58
N LEU B 173 23.01 16.03 2.97
CA LEU B 173 21.73 15.37 2.79
C LEU B 173 21.71 14.46 1.56
N ILE B 174 22.11 14.97 0.39
CA ILE B 174 21.99 14.17 -0.83
C ILE B 174 23.01 13.04 -0.88
N LYS B 175 24.09 13.12 -0.12
CA LYS B 175 25.01 12.01 0.09
C LYS B 175 25.03 11.58 1.56
N PHE B 176 23.84 11.57 2.19
CA PHE B 176 23.73 11.19 3.61
C PHE B 176 24.54 9.94 3.93
N GLU B 177 25.33 10.01 5.01
CA GLU B 177 26.38 9.04 5.34
C GLU B 177 26.16 8.50 6.75
N GLY B 178 25.91 7.19 6.85
CA GLY B 178 25.80 6.54 8.16
C GLY B 178 26.99 6.75 9.09
N ASN B 179 28.21 6.77 8.56
CA ASN B 179 29.36 7.08 9.44
C ASN B 179 29.15 8.43 10.13
N ALA B 180 28.84 9.48 9.36
CA ALA B 180 28.65 10.80 9.93
C ALA B 180 27.44 10.84 10.88
N ASN B 181 26.38 10.09 10.56
CA ASN B 181 25.28 10.02 11.53
C ASN B 181 25.74 9.33 12.81
N GLY B 182 26.61 8.32 12.69
CA GLY B 182 27.18 7.69 13.86
C GLY B 182 27.87 8.67 14.78
N PHE B 183 28.74 9.53 14.22
CA PHE B 183 29.47 10.50 15.04
C PHE B 183 28.49 11.41 15.78
N LYS B 184 27.40 11.79 15.10
CA LYS B 184 26.35 12.62 15.71
C LYS B 184 25.66 11.87 16.88
N VAL B 185 25.30 10.61 16.66
CA VAL B 185 24.71 9.81 17.76
C VAL B 185 25.65 9.79 18.97
N LEU B 186 26.96 9.62 18.75
CA LEU B 186 27.84 9.43 19.91
C LEU B 186 28.09 10.75 20.65
N SER B 187 27.97 11.89 19.98
CA SER B 187 28.42 13.15 20.56
C SER B 187 27.33 14.21 20.70
N GLN B 188 26.11 13.93 20.23
CA GLN B 188 25.05 14.93 20.23
C GLN B 188 24.73 15.42 21.64
N SER B 189 24.81 16.74 21.83
CA SER B 189 24.34 17.33 23.08
C SER B 189 22.82 17.46 23.09
N LYS B 190 22.23 17.18 24.24
CA LYS B 190 20.82 17.40 24.52
C LYS B 190 20.72 18.08 25.88
N PRO B 191 19.56 18.69 26.20
CA PRO B 191 19.38 19.25 27.54
C PRO B 191 19.61 18.23 28.65
N GLY B 192 20.59 18.47 29.52
CA GLY B 192 20.95 17.54 30.56
C GLY B 192 21.86 16.41 30.12
N ALA B 193 22.39 16.47 28.91
CA ALA B 193 23.33 15.45 28.46
C ALA B 193 24.25 16.10 27.43
N GLN B 194 25.08 17.03 27.91
CA GLN B 194 26.13 17.60 27.07
C GLN B 194 27.12 16.53 26.64
N GLY B 195 27.40 16.48 25.35
CA GLY B 195 28.47 15.63 24.85
C GLY B 195 28.08 14.21 24.48
N GLY B 196 26.78 13.87 24.58
CA GLY B 196 26.33 12.55 24.14
C GLY B 196 26.76 11.47 25.11
N LEU B 197 27.37 10.41 24.56
CA LEU B 197 28.00 9.40 25.39
C LEU B 197 29.30 9.91 26.01
N ARG B 198 29.83 11.03 25.52
CA ARG B 198 31.07 11.60 26.04
C ARG B 198 32.19 10.57 26.03
N LEU B 199 32.42 9.98 24.86
CA LEU B 199 33.55 9.09 24.69
C LEU B 199 34.87 9.86 24.71
N SER B 200 35.93 9.17 25.12
CA SER B 200 37.29 9.73 25.05
C SER B 200 37.59 10.17 23.63
N TYR B 201 38.37 11.26 23.51
CA TYR B 201 38.72 11.75 22.18
C TYR B 201 39.52 10.73 21.37
N ALA B 202 40.38 9.93 22.03
CA ALA B 202 41.09 8.88 21.30
C ALA B 202 40.12 7.90 20.66
N THR B 203 39.05 7.54 21.39
CA THR B 203 38.01 6.70 20.82
C THR B 203 37.29 7.39 19.66
N LEU B 204 36.95 8.67 19.82
CA LEU B 204 36.33 9.41 18.74
C LEU B 204 37.29 9.52 17.54
N GLY B 205 38.58 9.74 17.82
CA GLY B 205 39.58 9.75 16.75
C GLY B 205 39.68 8.43 16.00
N ALA B 206 39.65 7.30 16.73
CA ALA B 206 39.68 6.00 16.04
C ALA B 206 38.36 5.70 15.33
N PHE B 207 37.24 6.23 15.83
CA PHE B 207 35.97 6.05 15.14
C PHE B 207 35.98 6.65 13.72
N MET B 208 36.72 7.73 13.52
CA MET B 208 36.59 8.58 12.33
C MET B 208 37.42 8.01 11.18
N LYS B 209 36.82 7.12 10.40
CA LYS B 209 37.49 6.57 9.20
C LYS B 209 37.66 7.60 8.09
N TYR B 210 36.86 8.66 8.05
CA TYR B 210 36.91 9.67 7.00
C TYR B 210 36.91 11.06 7.63
N PRO B 211 38.06 11.54 8.10
CA PRO B 211 38.10 12.86 8.74
C PRO B 211 37.95 14.01 7.76
N LYS B 212 36.80 14.15 7.09
CA LYS B 212 36.61 15.25 6.17
C LYS B 212 35.14 15.63 6.14
N GLU B 213 34.88 16.84 5.64
CA GLU B 213 33.55 17.37 5.39
C GLU B 213 32.95 16.72 4.15
N SER B 214 31.65 16.94 3.95
CA SER B 214 30.98 16.38 2.78
C SER B 214 31.54 16.92 1.46
N LEU B 215 32.00 18.17 1.44
CA LEU B 215 32.65 18.67 0.24
C LEU B 215 34.10 19.02 0.58
N PRO B 216 35.03 18.87 -0.37
CA PRO B 216 34.78 18.41 -1.73
C PRO B 216 34.54 16.89 -1.80
N HIS B 217 33.77 16.48 -2.80
CA HIS B 217 33.41 15.08 -2.95
C HIS B 217 34.54 14.32 -3.65
N LYS B 218 35.02 13.25 -3.00
CA LYS B 218 36.09 12.39 -3.48
C LYS B 218 37.26 13.21 -4.07
N PRO B 219 37.92 14.04 -3.24
CA PRO B 219 39.04 14.84 -3.77
C PRO B 219 40.22 13.99 -4.25
N SER B 220 40.38 12.77 -3.73
CA SER B 220 41.47 11.88 -4.12
C SER B 220 40.95 10.45 -4.14
N ASP B 221 41.83 9.51 -4.43
CA ASP B 221 41.47 8.10 -4.45
C ASP B 221 41.73 7.40 -3.13
N HIS B 222 42.34 8.09 -2.17
CA HIS B 222 42.58 7.53 -0.84
C HIS B 222 41.26 7.05 -0.24
N ILE B 223 41.31 5.90 0.43
CA ILE B 223 40.17 5.36 1.14
C ILE B 223 39.62 6.36 2.16
N ALA B 224 40.49 7.20 2.72
CA ALA B 224 40.01 8.20 3.68
C ALA B 224 39.22 9.34 3.00
N ASP B 225 39.33 9.49 1.67
CA ASP B 225 38.62 10.51 0.90
C ASP B 225 37.37 10.00 0.22
N LYS B 226 37.02 8.71 0.40
CA LYS B 226 35.94 8.09 -0.35
C LYS B 226 34.58 8.59 0.10
N LYS B 227 34.36 8.64 1.40
CA LYS B 227 33.16 9.20 1.99
C LYS B 227 33.54 10.41 2.84
N TYR B 228 32.63 10.86 3.68
CA TYR B 228 32.97 11.87 4.67
C TYR B 228 32.51 11.39 6.05
N GLY B 229 33.06 12.02 7.08
CA GLY B 229 32.91 11.48 8.42
C GLY B 229 32.08 12.32 9.36
N PHE B 230 31.78 13.58 9.04
CA PHE B 230 30.95 14.37 9.93
C PHE B 230 30.13 15.38 9.16
N PHE B 231 28.92 15.62 9.67
CA PHE B 231 27.99 16.58 9.14
C PHE B 231 28.44 18.00 9.50
N GLN B 232 27.88 18.99 8.80
CA GLN B 232 28.16 20.36 9.19
C GLN B 232 27.78 20.60 10.64
N SER B 233 26.68 19.98 11.08
CA SER B 233 26.26 20.22 12.47
C SER B 233 27.29 19.74 13.48
N GLU B 234 28.23 18.87 13.08
CA GLU B 234 29.20 18.30 14.00
C GLU B 234 30.60 18.79 13.72
N ARG B 235 30.78 19.67 12.73
CA ARG B 235 32.12 20.07 12.32
C ARG B 235 32.90 20.70 13.48
N ALA B 236 32.28 21.67 14.19
CA ALA B 236 32.99 22.29 15.29
C ALA B 236 33.41 21.27 16.33
N LEU B 237 32.61 20.22 16.51
CA LEU B 237 32.91 19.18 17.48
C LEU B 237 34.14 18.38 17.05
N PHE B 238 34.18 17.95 15.78
CA PHE B 238 35.36 17.20 15.38
C PHE B 238 36.61 18.06 15.30
N GLU B 239 36.47 19.37 15.00
CA GLU B 239 37.61 20.28 15.10
C GLU B 239 38.26 20.22 16.48
N ASP B 240 37.44 20.23 17.54
CA ASP B 240 37.98 20.09 18.91
C ASP B 240 38.74 18.77 19.07
N VAL B 241 38.12 17.67 18.64
CA VAL B 241 38.74 16.35 18.72
C VAL B 241 40.06 16.33 17.94
N ALA B 242 40.04 16.86 16.70
CA ALA B 242 41.23 16.80 15.86
C ALA B 242 42.36 17.63 16.45
N GLN B 243 42.04 18.83 16.95
CA GLN B 243 43.06 19.67 17.58
C GLN B 243 43.72 18.98 18.78
N GLU B 244 42.92 18.36 19.65
CA GLU B 244 43.42 17.73 20.86
C GLU B 244 44.32 16.53 20.53
N LEU B 245 43.82 15.60 19.71
CA LEU B 245 44.62 14.52 19.18
C LEU B 245 45.85 15.00 18.44
N GLY B 246 45.82 16.23 17.92
CA GLY B 246 46.88 16.68 17.04
C GLY B 246 46.90 16.00 15.69
N LEU B 247 45.74 15.63 15.16
CA LEU B 247 45.69 15.10 13.80
C LEU B 247 46.30 16.10 12.81
N LEU B 248 46.90 15.56 11.75
CA LEU B 248 47.61 16.40 10.79
C LEU B 248 46.63 17.01 9.78
N LYS B 249 46.67 18.34 9.63
CA LYS B 249 45.81 19.03 8.69
C LYS B 249 46.16 18.58 7.27
N ARG B 250 45.18 18.04 6.55
CA ARG B 250 45.41 17.51 5.18
C ARG B 250 44.99 18.59 4.17
N SER B 251 44.22 19.57 4.63
CA SER B 251 43.80 20.69 3.75
C SER B 251 43.56 21.93 4.62
N THR B 252 43.84 23.12 4.10
CA THR B 252 43.55 24.39 4.83
C THR B 252 42.82 25.31 3.86
N THR B 253 42.14 24.74 2.87
CA THR B 253 41.49 25.54 1.80
C THR B 253 40.09 25.97 2.23
N ASP B 254 39.81 25.96 3.54
CA ASP B 254 38.47 26.31 4.09
C ASP B 254 37.60 25.06 4.00
N ASP B 255 38.12 24.04 3.32
CA ASP B 255 37.43 22.74 3.27
C ASP B 255 38.35 21.90 4.17
N VAL B 256 37.92 21.67 5.40
CA VAL B 256 38.79 21.02 6.39
C VAL B 256 38.81 19.52 6.15
N SER B 257 39.98 18.95 6.35
CA SER B 257 40.14 17.50 6.44
C SER B 257 41.48 17.24 7.12
N TRP B 258 41.56 16.10 7.79
CA TRP B 258 42.75 15.71 8.52
C TRP B 258 43.22 14.33 8.07
N SER B 259 44.43 14.01 8.51
CA SER B 259 44.96 12.65 8.27
C SER B 259 44.37 11.74 9.35
N ARG B 260 44.09 10.50 9.00
CA ARG B 260 43.38 9.58 9.92
C ARG B 260 44.15 9.32 11.20
N HIS B 261 43.44 9.23 12.31
CA HIS B 261 44.07 8.80 13.57
C HIS B 261 44.58 7.40 13.30
N PRO B 262 45.85 7.06 13.58
CA PRO B 262 46.38 5.72 13.26
C PRO B 262 45.48 4.57 13.68
N LEU B 263 44.86 4.62 14.86
CA LEU B 263 44.03 3.50 15.32
C LEU B 263 42.79 3.31 14.45
N ALA B 264 42.42 4.32 13.64
CA ALA B 264 41.28 4.17 12.73
C ALA B 264 41.52 3.09 11.69
N TYR B 265 42.79 2.87 11.29
CA TYR B 265 43.10 1.79 10.36
C TYR B 265 42.76 0.43 10.95
N LEU B 266 42.91 0.27 12.26
CA LEU B 266 42.60 -1.02 12.87
C LEU B 266 41.10 -1.24 12.99
N VAL B 267 40.34 -0.18 13.31
CA VAL B 267 38.89 -0.30 13.33
C VAL B 267 38.39 -0.74 11.97
N GLU B 268 38.89 -0.08 10.91
CA GLU B 268 38.54 -0.45 9.55
C GLU B 268 38.95 -1.88 9.23
N ALA B 269 40.17 -2.29 9.65
CA ALA B 269 40.62 -3.64 9.34
C ALA B 269 39.71 -4.70 9.99
N ALA B 270 39.35 -4.50 11.26
CA ALA B 270 38.44 -5.41 11.96
C ALA B 270 37.11 -5.55 11.24
N ASP B 271 36.54 -4.42 10.81
CA ASP B 271 35.29 -4.44 10.05
C ASP B 271 35.46 -5.18 8.72
N ASP B 272 36.45 -4.77 7.92
CA ASP B 272 36.81 -5.46 6.67
C ASP B 272 36.95 -6.97 6.86
N ILE B 273 37.66 -7.40 7.91
CA ILE B 273 37.90 -8.83 8.09
C ILE B 273 36.58 -9.54 8.34
N CYS B 274 35.76 -8.96 9.22
CA CYS B 274 34.52 -9.63 9.61
C CYS B 274 33.52 -9.71 8.46
N TYR B 275 33.26 -8.59 7.77
CA TYR B 275 32.25 -8.72 6.74
C TYR B 275 32.75 -9.55 5.56
N THR B 276 34.06 -9.59 5.29
CA THR B 276 34.57 -10.49 4.26
C THR B 276 34.33 -11.95 4.66
N ILE B 277 34.83 -12.37 5.83
CA ILE B 277 34.77 -13.81 6.16
C ILE B 277 33.35 -14.21 6.59
N ILE B 278 32.71 -13.39 7.43
CA ILE B 278 31.45 -13.81 8.02
C ILE B 278 30.28 -13.65 7.06
N ASP B 279 30.35 -12.71 6.09
CA ASP B 279 29.35 -12.74 5.02
C ASP B 279 29.41 -14.05 4.27
N PHE B 280 30.63 -14.52 3.97
CA PHE B 280 30.81 -15.78 3.26
C PHE B 280 30.20 -16.95 4.05
N GLU B 281 30.64 -17.11 5.30
CA GLU B 281 30.06 -18.11 6.20
C GLU B 281 28.54 -18.08 6.20
N ASP B 282 27.96 -16.89 6.47
CA ASP B 282 26.50 -16.78 6.54
C ASP B 282 25.85 -17.29 5.25
N GLY B 283 26.40 -16.91 4.09
CA GLY B 283 25.79 -17.30 2.85
C GLY B 283 25.88 -18.79 2.58
N ILE B 284 26.99 -19.41 3.01
CA ILE B 284 27.08 -20.86 2.94
C ILE B 284 25.99 -21.49 3.79
N ASN B 285 25.81 -20.97 5.02
CA ASN B 285 24.83 -21.56 5.92
C ASN B 285 23.41 -21.38 5.40
N LEU B 286 23.11 -20.22 4.81
CA LEU B 286 21.78 -19.95 4.26
C LEU B 286 21.48 -20.68 2.95
N GLY B 287 22.46 -21.37 2.37
CA GLY B 287 22.23 -22.08 1.13
C GLY B 287 22.59 -21.32 -0.12
N LEU B 288 22.78 -20.01 -0.03
CA LEU B 288 23.02 -19.18 -1.21
C LEU B 288 24.37 -19.44 -1.88
N ILE B 289 25.32 -20.01 -1.16
CA ILE B 289 26.64 -20.32 -1.68
C ILE B 289 26.84 -21.82 -1.48
N PRO B 290 27.07 -22.59 -2.54
CA PRO B 290 27.36 -24.03 -2.34
C PRO B 290 28.52 -24.22 -1.38
N GLU B 291 28.43 -25.22 -0.50
CA GLU B 291 29.43 -25.44 0.56
C GLU B 291 30.80 -25.76 -0.04
N GLU B 292 30.84 -26.22 -1.28
CA GLU B 292 32.13 -26.64 -1.88
C GLU B 292 33.08 -25.45 -1.94
N TYR B 293 32.56 -24.26 -2.22
CA TYR B 293 33.43 -23.07 -2.38
C TYR B 293 34.14 -22.72 -1.07
N ALA B 294 33.64 -23.21 0.06
CA ALA B 294 34.22 -22.79 1.34
C ALA B 294 35.71 -23.09 1.40
N LEU B 295 36.08 -24.37 1.32
CA LEU B 295 37.49 -24.74 1.33
C LEU B 295 38.22 -24.19 0.10
N GLU B 296 37.51 -24.03 -1.02
CA GLU B 296 38.17 -23.63 -2.28
C GLU B 296 38.70 -22.19 -2.21
N TYR B 297 37.90 -21.26 -1.68
CA TYR B 297 38.35 -19.89 -1.56
C TYR B 297 39.14 -19.62 -0.28
N MET B 298 39.16 -20.54 0.67
CA MET B 298 39.74 -20.25 1.96
C MET B 298 40.98 -21.09 2.29
N VAL B 299 41.38 -22.02 1.42
CA VAL B 299 42.45 -22.94 1.81
C VAL B 299 43.76 -22.21 2.01
N LYS B 300 44.05 -21.20 1.19
CA LYS B 300 45.30 -20.46 1.37
C LYS B 300 45.34 -19.77 2.73
N LEU B 301 44.19 -19.25 3.18
CA LEU B 301 44.08 -18.51 4.43
C LEU B 301 44.10 -19.38 5.67
N VAL B 302 43.95 -20.70 5.55
CA VAL B 302 43.82 -21.55 6.74
C VAL B 302 44.88 -22.63 6.80
N GLY B 303 45.53 -22.98 5.68
CA GLY B 303 46.28 -24.23 5.61
C GLY B 303 47.47 -24.30 6.56
N GLN B 304 48.07 -23.16 6.89
CA GLN B 304 49.22 -23.16 7.79
C GLN B 304 48.82 -23.41 9.24
N THR B 305 47.53 -23.34 9.55
CA THR B 305 47.04 -23.43 10.92
C THR B 305 45.95 -24.47 11.13
N ILE B 306 45.39 -25.04 10.07
CA ILE B 306 44.24 -25.93 10.20
C ILE B 306 44.69 -27.30 10.67
N ASP B 307 43.85 -27.95 11.49
CA ASP B 307 44.09 -29.35 11.91
C ASP B 307 43.19 -30.20 11.01
N ARG B 308 43.79 -30.90 10.05
CA ARG B 308 42.98 -31.64 9.05
C ARG B 308 42.15 -32.70 9.77
N ASN B 309 42.74 -33.31 10.79
CA ASN B 309 42.01 -34.41 11.47
C ASN B 309 40.74 -33.83 12.08
N LYS B 310 40.85 -32.66 12.72
CA LYS B 310 39.66 -32.06 13.31
C LYS B 310 38.62 -31.71 12.26
N TYR B 311 39.08 -31.18 11.11
CA TYR B 311 38.14 -30.73 10.08
C TYR B 311 37.34 -31.89 9.49
N ASN B 312 38.01 -33.02 9.23
CA ASN B 312 37.31 -34.15 8.63
C ASN B 312 36.45 -34.92 9.62
N ALA B 313 36.60 -34.67 10.92
CA ALA B 313 35.69 -35.29 11.89
C ALA B 313 34.39 -34.51 12.04
N LEU B 314 34.41 -33.20 11.79
CA LEU B 314 33.22 -32.38 11.98
C LEU B 314 32.15 -32.78 10.97
N GLN B 315 30.97 -33.20 11.47
CA GLN B 315 29.93 -33.78 10.62
C GLN B 315 28.92 -32.78 10.08
N GLU B 316 28.91 -31.55 10.55
CA GLU B 316 27.89 -30.58 10.17
C GLU B 316 28.53 -29.43 9.40
N THR B 317 27.91 -29.06 8.28
CA THR B 317 28.42 -27.97 7.46
C THR B 317 28.68 -26.69 8.27
N SER B 318 27.73 -26.31 9.12
CA SER B 318 27.91 -25.10 9.93
C SER B 318 29.16 -25.21 10.80
N ASP B 319 29.45 -26.40 11.32
CA ASP B 319 30.64 -26.55 12.15
C ASP B 319 31.92 -26.45 11.31
N ARG B 320 31.92 -27.04 10.12
CA ARG B 320 33.10 -26.96 9.26
C ARG B 320 33.40 -25.53 8.85
N VAL B 321 32.39 -24.80 8.35
CA VAL B 321 32.65 -23.46 7.84
C VAL B 321 32.99 -22.49 8.97
N SER B 322 32.48 -22.71 10.18
CA SER B 322 32.86 -21.81 11.27
C SER B 322 34.24 -22.10 11.81
N TYR B 323 34.70 -23.36 11.71
CA TYR B 323 36.11 -23.66 11.96
C TYR B 323 36.99 -22.91 10.97
N LEU B 324 36.67 -23.01 9.68
CA LEU B 324 37.41 -22.28 8.65
C LEU B 324 37.38 -20.78 8.92
N ARG B 325 36.23 -20.24 9.34
CA ARG B 325 36.12 -18.80 9.57
C ARG B 325 36.97 -18.36 10.75
N ALA B 326 36.94 -19.08 11.87
CA ALA B 326 37.80 -18.77 13.00
C ALA B 326 39.26 -18.71 12.58
N LEU B 327 39.68 -19.64 11.71
CA LEU B 327 41.08 -19.70 11.28
C LEU B 327 41.40 -18.57 10.30
N ALA B 328 40.54 -18.36 9.30
CA ALA B 328 40.77 -17.29 8.34
C ALA B 328 40.87 -15.94 9.06
N ILE B 329 40.00 -15.72 10.06
CA ILE B 329 40.04 -14.47 10.80
C ILE B 329 41.33 -14.35 11.61
N GLY B 330 41.76 -15.45 12.25
CA GLY B 330 43.04 -15.43 12.94
C GLY B 330 44.18 -15.06 12.01
N THR B 331 44.25 -15.72 10.84
CA THR B 331 45.28 -15.39 9.85
C THR B 331 45.26 -13.92 9.48
N LEU B 332 44.07 -13.34 9.28
CA LEU B 332 44.03 -11.97 8.79
C LEU B 332 44.35 -10.96 9.88
N ILE B 333 44.01 -11.24 11.14
CA ILE B 333 44.38 -10.36 12.25
C ILE B 333 45.90 -10.27 12.36
N ASN B 334 46.58 -11.43 12.37
CA ASN B 334 48.05 -11.47 12.45
C ASN B 334 48.70 -10.68 11.34
N GLU B 335 48.20 -10.83 10.11
CA GLU B 335 48.80 -10.10 9.02
C GLU B 335 48.53 -8.60 9.13
N SER B 336 47.31 -8.23 9.53
CA SER B 336 46.97 -6.81 9.65
C SER B 336 47.86 -6.12 10.67
N VAL B 337 48.20 -6.81 11.76
CA VAL B 337 49.12 -6.27 12.76
C VAL B 337 50.46 -5.99 12.11
N ASP B 338 50.95 -6.95 11.31
CA ASP B 338 52.23 -6.76 10.63
C ASP B 338 52.21 -5.57 9.68
N THR B 339 51.12 -5.42 8.91
CA THR B 339 51.02 -4.33 7.94
C THR B 339 51.02 -2.97 8.66
N PHE B 340 50.31 -2.88 9.78
CA PHE B 340 50.30 -1.66 10.57
C PHE B 340 51.70 -1.29 11.03
N MET B 341 52.39 -2.24 11.69
CA MET B 341 53.73 -1.98 12.20
C MET B 341 54.73 -1.65 11.10
N LYS B 342 54.56 -2.25 9.92
CA LYS B 342 55.46 -1.92 8.81
C LYS B 342 55.28 -0.47 8.38
N TYR B 343 54.04 -0.07 8.10
CA TYR B 343 53.75 1.28 7.65
C TYR B 343 53.42 2.22 8.79
N GLU B 344 53.85 1.90 10.01
CA GLU B 344 53.47 2.70 11.17
C GLU B 344 53.92 4.14 11.03
N GLU B 345 55.15 4.37 10.55
CA GLU B 345 55.66 5.72 10.43
C GLU B 345 54.95 6.50 9.32
N GLU B 346 54.52 5.80 8.26
CA GLU B 346 53.82 6.47 7.18
C GLU B 346 52.41 6.85 7.60
N ILE B 347 51.76 6.01 8.43
CA ILE B 347 50.44 6.33 8.97
C ILE B 347 50.50 7.52 9.92
N LEU B 348 51.52 7.55 10.78
CA LEU B 348 51.76 8.70 11.65
C LEU B 348 52.01 9.97 10.86
N ALA B 349 52.58 9.87 9.66
CA ALA B 349 52.80 11.05 8.82
C ALA B 349 51.60 11.38 7.94
N GLY B 350 50.56 10.55 7.93
CA GLY B 350 49.44 10.78 7.03
C GLY B 350 49.75 10.51 5.57
N THR B 351 50.79 9.74 5.28
CA THR B 351 51.22 9.46 3.92
C THR B 351 50.88 8.03 3.47
N PHE B 352 50.09 7.30 4.26
CA PHE B 352 49.65 5.96 3.91
C PHE B 352 48.29 6.05 3.19
N ASP B 353 48.27 5.54 1.96
CA ASP B 353 47.21 5.80 0.99
C ASP B 353 46.18 4.68 0.88
N GLN B 354 46.42 3.54 1.50
CA GLN B 354 45.60 2.36 1.35
C GLN B 354 45.01 1.96 2.69
N SER B 355 44.10 1.00 2.65
CA SER B 355 43.71 0.30 3.86
C SER B 355 44.76 -0.77 4.20
N LEU B 356 44.69 -1.27 5.43
CA LEU B 356 45.58 -2.36 5.81
C LEU B 356 45.29 -3.59 4.97
N ILE B 357 44.01 -3.86 4.68
CA ILE B 357 43.64 -5.06 3.95
C ILE B 357 44.03 -4.97 2.48
N ASP B 358 44.17 -3.74 1.95
CA ASP B 358 44.59 -3.57 0.56
C ASP B 358 45.99 -4.08 0.32
N LYS B 359 46.78 -4.25 1.37
CA LYS B 359 48.15 -4.73 1.26
C LYS B 359 48.30 -6.20 1.64
N SER B 360 47.18 -6.88 1.93
CA SER B 360 47.24 -8.29 2.30
C SER B 360 47.75 -9.14 1.15
N ASN B 361 48.54 -10.17 1.47
CA ASN B 361 49.00 -11.13 0.47
C ASN B 361 47.90 -12.09 0.02
N TYR B 362 46.72 -12.02 0.63
CA TYR B 362 45.58 -12.84 0.24
C TYR B 362 44.53 -12.02 -0.49
N GLN B 363 44.94 -10.88 -1.08
CA GLN B 363 43.97 -9.99 -1.74
C GLN B 363 43.29 -10.70 -2.91
N ALA B 364 43.99 -11.61 -3.59
CA ALA B 364 43.34 -12.47 -4.57
C ALA B 364 42.21 -13.28 -3.94
N GLN B 365 42.49 -13.94 -2.81
CA GLN B 365 41.48 -14.76 -2.16
C GLN B 365 40.37 -13.91 -1.54
N ILE B 366 40.73 -12.80 -0.89
CA ILE B 366 39.74 -11.90 -0.33
C ILE B 366 38.80 -11.42 -1.43
N THR B 367 39.37 -11.07 -2.59
CA THR B 367 38.57 -10.51 -3.68
C THR B 367 37.57 -11.52 -4.22
N ASP B 368 38.01 -12.76 -4.46
CA ASP B 368 37.09 -13.79 -4.94
C ASP B 368 35.97 -14.03 -3.92
N ILE B 369 36.31 -14.00 -2.62
CA ILE B 369 35.29 -14.13 -1.58
C ILE B 369 34.26 -13.01 -1.70
N ILE B 370 34.74 -11.77 -1.69
CA ILE B 370 33.84 -10.63 -1.78
C ILE B 370 32.99 -10.71 -3.04
N ASN B 371 33.58 -11.17 -4.14
CA ASN B 371 32.84 -11.24 -5.40
C ASN B 371 31.73 -12.30 -5.35
N LEU B 372 32.04 -13.49 -4.83
CA LEU B 372 30.99 -14.50 -4.72
C LEU B 372 29.88 -14.04 -3.78
N SER B 373 30.26 -13.42 -2.66
CA SER B 373 29.26 -12.93 -1.72
C SER B 373 28.33 -11.91 -2.38
N ILE B 374 28.88 -11.06 -3.26
CA ILE B 374 28.04 -10.07 -3.95
C ILE B 374 27.10 -10.76 -4.91
N GLU B 375 27.60 -11.73 -5.67
CA GLU B 375 26.78 -12.39 -6.68
C GLU B 375 25.67 -13.21 -6.05
N ARG B 376 25.96 -13.94 -4.99
CA ARG B 376 25.01 -14.90 -4.44
C ARG B 376 24.18 -14.36 -3.29
N ILE B 377 24.65 -13.32 -2.61
CA ILE B 377 23.95 -12.78 -1.44
C ILE B 377 23.41 -11.39 -1.72
N TYR B 378 24.29 -10.44 -1.99
CA TYR B 378 23.88 -9.05 -2.09
C TYR B 378 23.02 -8.79 -3.32
N ASN B 379 23.16 -9.61 -4.35
CA ASN B 379 22.29 -9.56 -5.53
C ASN B 379 21.24 -10.67 -5.53
N SER B 380 21.10 -11.41 -4.44
CA SER B 380 20.02 -12.37 -4.32
C SER B 380 18.66 -11.66 -4.33
N ARG B 381 17.62 -12.38 -4.77
CA ARG B 381 16.31 -11.75 -4.94
C ARG B 381 15.76 -11.23 -3.62
N GLU B 382 15.92 -12.00 -2.55
CA GLU B 382 15.47 -11.58 -1.23
C GLU B 382 16.08 -10.22 -0.84
N VAL B 383 17.39 -10.07 -1.03
CA VAL B 383 18.04 -8.85 -0.58
C VAL B 383 17.61 -7.67 -1.45
N ILE B 384 17.59 -7.85 -2.77
CA ILE B 384 17.13 -6.79 -3.67
C ILE B 384 15.74 -6.32 -3.27
N GLU B 385 14.85 -7.25 -2.92
CA GLU B 385 13.47 -6.91 -2.56
C GLU B 385 13.42 -6.05 -1.30
N LYS B 386 14.15 -6.46 -0.24
CA LYS B 386 14.15 -5.72 1.02
C LYS B 386 14.63 -4.28 0.80
N GLU B 387 15.63 -4.08 -0.06
CA GLU B 387 16.17 -2.75 -0.29
C GLU B 387 15.25 -1.88 -1.13
N ILE B 388 14.51 -2.49 -2.06
CA ILE B 388 13.56 -1.72 -2.84
C ILE B 388 12.42 -1.24 -1.96
N ALA B 389 11.91 -2.12 -1.08
CA ALA B 389 10.87 -1.71 -0.16
C ALA B 389 11.39 -0.67 0.82
N GLY B 390 12.68 -0.75 1.17
CA GLY B 390 13.27 0.23 2.07
C GLY B 390 13.23 1.65 1.53
N TYR B 391 13.49 1.80 0.22
CA TYR B 391 13.38 3.12 -0.41
C TYR B 391 12.02 3.73 -0.14
N GLU B 392 10.96 2.93 -0.31
CA GLU B 392 9.59 3.42 -0.13
C GLU B 392 9.30 3.72 1.33
N ILE B 393 9.72 2.85 2.24
CA ILE B 393 9.51 3.08 3.66
C ILE B 393 10.23 4.36 4.12
N LEU B 394 11.49 4.55 3.69
CA LEU B 394 12.24 5.71 4.18
C LEU B 394 11.74 7.01 3.58
N SER B 395 11.38 6.99 2.28
CA SER B 395 10.84 8.19 1.65
C SER B 395 9.56 8.62 2.32
N THR B 396 8.65 7.66 2.56
CA THR B 396 7.36 7.98 3.17
C THR B 396 7.56 8.60 4.56
N LEU B 397 8.48 8.07 5.36
CA LEU B 397 8.70 8.65 6.68
C LEU B 397 9.35 10.03 6.56
N LEU B 398 10.25 10.21 5.61
CA LEU B 398 10.93 11.49 5.47
C LEU B 398 9.93 12.56 5.02
N GLU B 399 9.02 12.18 4.13
CA GLU B 399 8.03 13.13 3.61
C GLU B 399 7.04 13.53 4.69
N ALA B 400 6.55 12.57 5.48
CA ALA B 400 5.67 12.94 6.58
C ALA B 400 6.37 13.88 7.54
N ARG B 401 7.68 13.68 7.78
CA ARG B 401 8.38 14.54 8.71
C ARG B 401 8.60 15.93 8.13
N CYS B 402 8.99 16.00 6.86
CA CYS B 402 9.33 17.28 6.27
C CYS B 402 8.07 18.13 6.04
N ARG B 403 6.97 17.49 5.60
CA ARG B 403 5.71 18.23 5.43
C ARG B 403 5.20 18.75 6.77
N ALA B 404 5.40 17.97 7.84
CA ALA B 404 5.02 18.44 9.16
C ALA B 404 5.90 19.61 9.59
N LEU B 405 7.19 19.56 9.26
CA LEU B 405 8.06 20.70 9.53
C LEU B 405 7.59 21.95 8.78
N ASP B 406 7.17 21.78 7.52
CA ASP B 406 6.85 22.92 6.66
C ASP B 406 5.53 23.60 7.05
N ASN B 407 4.48 22.82 7.35
CA ASN B 407 3.19 23.34 7.79
C ASN B 407 2.79 22.64 9.09
N ASN B 408 3.43 23.04 10.20
CA ASN B 408 3.16 22.47 11.52
C ASN B 408 1.77 22.84 12.06
N ASP B 409 0.99 23.59 11.30
CA ASP B 409 -0.26 24.14 11.80
C ASP B 409 -1.47 23.27 11.50
N THR B 410 -1.42 22.42 10.47
CA THR B 410 -2.59 21.63 10.13
C THR B 410 -2.84 20.54 11.17
N HIS B 411 -4.10 20.10 11.22
CA HIS B 411 -4.49 19.03 12.14
C HIS B 411 -3.70 17.76 11.88
N TYR B 412 -3.54 17.40 10.60
CA TYR B 412 -2.79 16.20 10.26
C TYR B 412 -1.33 16.30 10.71
N ASN B 413 -0.66 17.41 10.39
CA ASN B 413 0.76 17.51 10.72
C ASN B 413 0.98 17.59 12.22
N GLN B 414 0.00 18.08 12.98
CA GLN B 414 0.12 18.00 14.43
C GLN B 414 -0.05 16.57 14.92
N LEU B 415 -0.95 15.79 14.29
CA LEU B 415 -1.01 14.36 14.56
C LEU B 415 0.33 13.70 14.26
N ILE B 416 0.89 13.97 13.07
CA ILE B 416 2.18 13.39 12.68
C ILE B 416 3.26 13.76 13.68
N GLN B 417 3.19 14.97 14.24
CA GLN B 417 4.20 15.41 15.20
C GLN B 417 4.09 14.64 16.52
N GLN B 418 2.87 14.49 17.05
CA GLN B 418 2.70 13.66 18.24
C GLN B 418 3.19 12.23 18.00
N LEU B 419 2.97 11.70 16.79
CA LEU B 419 3.33 10.31 16.52
C LEU B 419 4.84 10.12 16.40
N LEU B 420 5.50 10.89 15.53
CA LEU B 420 6.87 10.61 15.13
C LEU B 420 7.93 11.43 15.87
N ALA B 421 7.58 12.56 16.48
CA ALA B 421 8.56 13.41 17.17
C ALA B 421 7.87 14.26 18.22
N PRO B 422 7.59 13.69 19.41
CA PRO B 422 7.04 14.51 20.49
C PRO B 422 8.13 15.10 21.42
N SER B 429 16.78 25.96 13.52
CA SER B 429 17.44 26.21 12.21
C SER B 429 16.98 25.19 11.18
N LEU B 430 16.80 25.64 9.94
CA LEU B 430 16.28 24.73 8.92
C LEU B 430 17.19 23.53 8.71
N TYR B 431 18.49 23.78 8.52
CA TYR B 431 19.45 22.69 8.33
C TYR B 431 19.52 21.78 9.56
N GLU B 432 19.51 22.35 10.76
CA GLU B 432 19.53 21.51 11.95
C GLU B 432 18.27 20.65 12.05
N ASN B 433 17.11 21.21 11.70
CA ASN B 433 15.88 20.42 11.68
C ASN B 433 15.96 19.26 10.69
N LEU B 434 16.48 19.51 9.48
CA LEU B 434 16.51 18.49 8.45
C LEU B 434 17.47 17.37 8.81
N ILE B 435 18.67 17.74 9.29
CA ILE B 435 19.64 16.72 9.66
C ILE B 435 19.13 15.94 10.86
N GLN B 436 18.37 16.58 11.77
CA GLN B 436 17.84 15.81 12.89
C GLN B 436 16.76 14.85 12.43
N ILE B 437 15.92 15.27 11.47
CA ILE B 437 14.92 14.34 10.93
C ILE B 437 15.59 13.14 10.32
N CYS B 438 16.71 13.36 9.63
CA CYS B 438 17.49 12.29 9.04
C CYS B 438 18.07 11.39 10.12
N ALA B 439 18.63 11.98 11.17
CA ALA B 439 19.21 11.19 12.25
C ALA B 439 18.16 10.33 12.92
N GLU B 440 16.95 10.86 13.10
CA GLU B 440 15.91 10.12 13.80
C GLU B 440 15.31 9.02 12.95
N VAL B 441 15.04 9.30 11.68
CA VAL B 441 14.54 8.26 10.80
C VAL B 441 15.60 7.15 10.68
N SER B 442 16.88 7.54 10.65
CA SER B 442 17.96 6.57 10.50
C SER B 442 18.10 5.65 11.70
N THR B 443 17.73 6.10 12.89
CA THR B 443 18.02 5.32 14.09
C THR B 443 16.82 4.53 14.59
N MET B 444 15.67 4.68 13.93
CA MET B 444 14.50 3.85 14.16
C MET B 444 14.81 2.37 14.00
N THR B 445 14.30 1.55 14.92
CA THR B 445 14.30 0.11 14.69
C THR B 445 13.46 -0.22 13.47
N ASP B 446 13.76 -1.37 12.85
CA ASP B 446 12.90 -1.86 11.76
C ASP B 446 11.46 -2.04 12.21
N GLY B 447 11.24 -2.32 13.49
CA GLY B 447 9.88 -2.50 14.00
C GLY B 447 9.12 -1.20 14.03
N LYS B 448 9.68 -0.18 14.68
CA LYS B 448 8.99 1.12 14.80
C LYS B 448 8.84 1.76 13.41
N ALA B 449 9.83 1.58 12.56
CA ALA B 449 9.80 2.19 11.23
C ALA B 449 8.65 1.62 10.42
N LEU B 450 8.58 0.29 10.34
CA LEU B 450 7.52 -0.36 9.52
C LEU B 450 6.15 -0.07 10.13
N ARG B 451 6.03 -0.16 11.45
CA ARG B 451 4.72 0.04 12.11
C ARG B 451 4.27 1.47 11.87
N ASN B 452 5.19 2.41 11.96
CA ASN B 452 4.84 3.84 11.78
C ASN B 452 4.54 4.06 10.30
N TYR B 453 5.31 3.43 9.43
CA TYR B 453 5.02 3.54 8.01
C TYR B 453 3.64 2.96 7.68
N LYS B 454 3.35 1.77 8.18
CA LYS B 454 2.04 1.16 7.93
C LYS B 454 0.91 2.03 8.46
N LYS B 455 1.10 2.64 9.64
CA LYS B 455 0.09 3.53 10.21
C LYS B 455 -0.17 4.72 9.28
N ILE B 456 0.90 5.41 8.87
CA ILE B 456 0.79 6.52 7.93
C ILE B 456 0.03 6.10 6.67
N LYS B 457 0.23 4.85 6.21
CA LYS B 457 -0.39 4.38 4.98
C LYS B 457 -1.74 3.67 5.18
N GLY B 458 -2.24 3.57 6.41
CA GLY B 458 -3.50 2.88 6.62
C GLY B 458 -3.45 1.38 6.67
N LEU B 459 -2.29 0.76 6.45
CA LEU B 459 -2.19 -0.69 6.54
C LEU B 459 -2.23 -1.13 8.01
N ALA C 24 -43.25 31.52 20.53
CA ALA C 24 -43.07 30.06 20.31
C ALA C 24 -44.03 29.25 21.19
N ASN C 25 -44.62 28.21 20.62
CA ASN C 25 -45.79 27.55 21.20
C ASN C 25 -45.57 26.04 21.20
N TRP C 26 -45.77 25.40 22.37
CA TRP C 26 -45.56 23.96 22.46
C TRP C 26 -46.53 23.19 21.56
N GLU C 27 -47.71 23.76 21.29
CA GLU C 27 -48.63 23.13 20.34
C GLU C 27 -47.96 22.90 18.99
N HIS C 28 -47.34 23.95 18.42
CA HIS C 28 -46.65 23.81 17.14
C HIS C 28 -45.31 23.07 17.31
N LEU C 29 -44.58 23.32 18.39
CA LEU C 29 -43.31 22.62 18.59
C LEU C 29 -43.49 21.10 18.59
N LEU C 30 -44.65 20.61 19.01
CA LEU C 30 -44.89 19.17 19.12
C LEU C 30 -45.53 18.58 17.87
N SER C 31 -45.17 19.09 16.70
CA SER C 31 -45.84 18.71 15.48
C SER C 31 -45.59 17.25 15.10
N LEU C 32 -46.66 16.58 14.69
CA LEU C 32 -46.62 15.23 14.16
C LEU C 32 -46.50 15.21 12.64
N LYS C 33 -46.22 16.34 12.00
CA LYS C 33 -46.15 16.36 10.55
C LYS C 33 -45.04 15.44 10.04
N ARG C 34 -45.33 14.79 8.91
CA ARG C 34 -44.34 14.06 8.15
C ARG C 34 -44.25 14.71 6.77
N GLN C 35 -43.08 14.57 6.13
CA GLN C 35 -42.84 15.25 4.86
C GLN C 35 -43.85 14.81 3.80
N GLY C 36 -44.31 15.79 3.01
CA GLY C 36 -45.28 15.52 1.97
C GLY C 36 -46.73 15.55 2.42
N ASP C 37 -46.98 15.64 3.73
CA ASP C 37 -48.35 15.69 4.25
C ASP C 37 -49.15 16.80 3.58
N THR C 38 -50.44 16.53 3.36
CA THR C 38 -51.38 17.50 2.79
C THR C 38 -52.43 17.95 3.80
N ALA C 39 -52.45 17.39 4.99
CA ALA C 39 -53.44 17.73 6.00
C ALA C 39 -52.81 17.60 7.37
N LYS C 40 -53.38 18.34 8.34
CA LYS C 40 -52.82 18.33 9.68
C LYS C 40 -52.95 16.94 10.31
N ARG C 41 -52.08 16.66 11.28
CA ARG C 41 -52.14 15.43 12.07
C ARG C 41 -52.48 15.82 13.50
N LEU C 42 -53.72 15.60 13.90
CA LEU C 42 -54.16 15.96 15.25
C LEU C 42 -53.63 14.94 16.25
N ARG C 43 -53.04 15.40 17.34
CA ARG C 43 -52.52 14.46 18.36
C ARG C 43 -53.65 13.61 18.91
N ILE C 44 -54.83 14.20 19.07
CA ILE C 44 -55.98 13.48 19.69
C ILE C 44 -56.44 12.35 18.79
N GLU C 45 -56.15 12.44 17.50
CA GLU C 45 -56.65 11.42 16.55
C GLU C 45 -55.61 10.32 16.30
N GLN C 46 -54.39 10.45 16.82
CA GLN C 46 -53.40 9.40 16.68
C GLN C 46 -53.85 8.15 17.43
N ASP C 47 -53.65 7.00 16.79
CA ASP C 47 -53.78 5.71 17.49
C ASP C 47 -52.67 5.58 18.54
N ASP C 48 -53.06 5.21 19.76
CA ASP C 48 -52.10 5.20 20.86
C ASP C 48 -51.04 4.13 20.70
N THR C 49 -51.34 3.08 19.91
CA THR C 49 -50.39 2.01 19.59
C THR C 49 -49.63 2.26 18.30
N ARG C 50 -49.91 3.34 17.57
CA ARG C 50 -49.17 3.73 16.37
C ARG C 50 -48.82 5.22 16.44
N LEU C 51 -48.34 5.66 17.61
CA LEU C 51 -48.03 7.07 17.80
C LEU C 51 -46.83 7.48 16.96
N GLY C 52 -46.97 8.61 16.25
CA GLY C 52 -45.95 9.02 15.28
C GLY C 52 -44.56 9.18 15.88
N PHE C 53 -44.50 9.69 17.12
CA PHE C 53 -43.20 9.85 17.79
C PHE C 53 -42.55 8.49 18.06
N GLU C 54 -43.33 7.48 18.47
CA GLU C 54 -42.80 6.15 18.75
C GLU C 54 -42.47 5.37 17.47
N VAL C 55 -43.29 5.56 16.42
CA VAL C 55 -42.99 5.04 15.10
C VAL C 55 -41.62 5.52 14.63
N ASP C 56 -41.27 6.77 14.96
CA ASP C 56 -39.98 7.33 14.54
C ASP C 56 -38.82 6.50 15.07
N TYR C 57 -38.86 6.20 16.38
CA TYR C 57 -37.88 5.32 17.00
C TYR C 57 -37.72 4.02 16.23
N ASP C 58 -38.84 3.30 16.00
CA ASP C 58 -38.80 2.02 15.30
C ASP C 58 -38.26 2.15 13.89
N ARG C 59 -38.56 3.26 13.20
CA ARG C 59 -38.05 3.44 11.85
C ARG C 59 -36.53 3.56 11.86
N ILE C 60 -36.00 4.34 12.79
CA ILE C 60 -34.55 4.46 12.93
C ILE C 60 -33.93 3.11 13.27
N ILE C 61 -34.54 2.37 14.22
CA ILE C 61 -33.98 1.10 14.66
C ILE C 61 -33.85 0.13 13.50
N PHE C 62 -34.82 0.13 12.57
CA PHE C 62 -34.82 -0.82 11.47
C PHE C 62 -34.14 -0.30 10.19
N SER C 63 -33.58 0.90 10.22
CA SER C 63 -33.01 1.45 9.01
C SER C 63 -31.58 0.97 8.76
N ALA C 64 -31.24 0.84 7.48
CA ALA C 64 -29.86 0.50 7.09
C ALA C 64 -28.83 1.44 7.72
N PRO C 65 -28.97 2.77 7.69
CA PRO C 65 -27.93 3.62 8.31
C PRO C 65 -27.76 3.38 9.80
N PHE C 66 -28.83 3.12 10.54
CA PHE C 66 -28.65 2.78 11.95
C PHE C 66 -27.97 1.41 12.12
N ARG C 67 -28.42 0.40 11.38
CA ARG C 67 -27.73 -0.88 11.44
C ARG C 67 -26.24 -0.73 11.11
N SER C 68 -25.89 0.18 10.22
CA SER C 68 -24.47 0.29 9.83
C SER C 68 -23.57 0.75 10.99
N LEU C 69 -24.15 1.29 12.08
CA LEU C 69 -23.35 1.69 13.24
C LEU C 69 -22.73 0.49 13.97
N GLN C 70 -23.25 -0.71 13.74
CA GLN C 70 -22.62 -1.96 14.17
C GLN C 70 -21.12 -1.96 13.89
N ASP C 71 -20.75 -1.71 12.64
CA ASP C 71 -19.34 -1.76 12.22
C ASP C 71 -18.73 -0.35 12.18
N LYS C 72 -19.04 0.44 13.18
CA LYS C 72 -18.50 1.82 13.22
C LYS C 72 -17.91 2.04 14.61
N THR C 73 -16.60 2.16 14.70
CA THR C 73 -15.97 2.25 16.03
C THR C 73 -15.99 3.71 16.48
N GLN C 74 -15.97 3.92 17.79
CA GLN C 74 -15.96 5.28 18.36
C GLN C 74 -14.50 5.66 18.57
N VAL C 75 -14.14 6.07 19.77
CA VAL C 75 -12.72 6.38 20.04
C VAL C 75 -11.86 5.12 19.94
N ILE C 76 -12.29 4.02 20.54
CA ILE C 76 -11.38 2.83 20.62
C ILE C 76 -11.90 1.68 19.79
N THR C 77 -10.97 0.93 19.20
CA THR C 77 -11.36 -0.25 18.42
C THR C 77 -11.22 -1.48 19.31
N ASP C 78 -12.20 -1.73 20.16
CA ASP C 78 -12.20 -2.92 21.06
C ASP C 78 -13.36 -3.80 20.64
N PHE C 79 -14.08 -3.39 19.60
CA PHE C 79 -15.25 -4.16 19.08
C PHE C 79 -16.39 -4.10 20.08
N VAL C 80 -16.12 -3.60 21.29
CA VAL C 80 -17.16 -3.56 22.36
C VAL C 80 -17.48 -2.11 22.73
N HIS C 81 -17.03 -1.14 21.93
CA HIS C 81 -17.36 0.28 22.17
C HIS C 81 -17.85 0.87 20.86
N THR C 82 -19.04 0.48 20.39
CA THR C 82 -19.44 0.93 19.07
C THR C 82 -20.22 2.24 19.15
N ARG C 83 -20.36 2.85 17.99
CA ARG C 83 -21.28 3.96 17.88
C ARG C 83 -22.72 3.53 18.06
N LEU C 84 -23.04 2.26 17.83
CA LEU C 84 -24.44 1.81 18.08
C LEU C 84 -24.76 1.83 19.57
N THR C 85 -23.89 1.28 20.40
CA THR C 85 -24.16 1.18 21.85
C THR C 85 -24.29 2.59 22.41
N HIS C 86 -23.40 3.50 21.99
CA HIS C 86 -23.44 4.90 22.44
C HIS C 86 -24.79 5.48 22.04
N SER C 87 -25.23 5.25 20.82
CA SER C 87 -26.51 5.84 20.35
C SER C 87 -27.68 5.31 21.18
N LEU C 88 -27.68 4.02 21.52
CA LEU C 88 -28.76 3.39 22.32
C LEU C 88 -28.78 3.96 23.74
N GLU C 89 -27.62 4.21 24.31
CA GLU C 89 -27.55 4.67 25.71
C GLU C 89 -27.91 6.15 25.77
N VAL C 90 -27.47 6.91 24.79
CA VAL C 90 -27.90 8.33 24.72
C VAL C 90 -29.42 8.32 24.58
N SER C 91 -29.95 7.41 23.75
CA SER C 91 -31.41 7.44 23.59
C SER C 91 -32.14 7.02 24.86
N VAL C 92 -31.58 6.07 25.61
CA VAL C 92 -32.19 5.67 26.89
C VAL C 92 -32.16 6.84 27.88
N VAL C 93 -31.02 7.53 27.97
CA VAL C 93 -30.92 8.67 28.88
C VAL C 93 -31.81 9.82 28.39
N GLY C 94 -31.98 9.96 27.06
CA GLY C 94 -32.86 10.97 26.52
C GLY C 94 -34.34 10.70 26.80
N ARG C 95 -34.76 9.42 26.68
CA ARG C 95 -36.14 9.05 26.98
C ARG C 95 -36.50 9.42 28.40
N SER C 96 -35.59 9.15 29.32
CA SER C 96 -35.79 9.50 30.73
C SER C 96 -35.89 11.02 30.92
N LEU C 97 -35.00 11.79 30.28
CA LEU C 97 -35.07 13.24 30.35
C LEU C 97 -36.38 13.75 29.75
N GLY C 98 -36.70 13.32 28.53
CA GLY C 98 -37.95 13.72 27.90
C GLY C 98 -39.15 13.40 28.77
N ARG C 99 -39.11 12.25 29.43
CA ARG C 99 -40.22 11.79 30.26
C ARG C 99 -40.39 12.69 31.48
N MET C 100 -39.30 12.99 32.17
CA MET C 100 -39.41 13.74 33.42
C MET C 100 -39.74 15.19 33.13
N VAL C 101 -39.06 15.77 32.12
CA VAL C 101 -39.39 17.13 31.68
C VAL C 101 -40.82 17.17 31.14
N GLY C 102 -41.24 16.13 30.44
CA GLY C 102 -42.59 16.15 29.84
C GLY C 102 -43.67 16.31 30.88
N LYS C 103 -43.58 15.57 31.97
CA LYS C 103 -44.63 15.61 33.02
C LYS C 103 -44.71 17.02 33.60
N LYS C 104 -43.56 17.65 33.80
CA LYS C 104 -43.52 19.01 34.40
C LYS C 104 -44.05 20.03 33.40
N LEU C 105 -43.74 19.86 32.11
CA LEU C 105 -44.33 20.75 31.12
C LEU C 105 -45.85 20.60 31.07
N LEU C 106 -46.34 19.37 31.16
CA LEU C 106 -47.77 19.14 31.12
C LEU C 106 -48.46 19.66 32.38
N GLU C 107 -47.77 19.65 33.52
CA GLU C 107 -48.36 20.24 34.72
C GLU C 107 -48.30 21.77 34.69
N LYS C 108 -47.28 22.33 34.02
CA LYS C 108 -47.14 23.78 33.85
C LYS C 108 -48.11 24.31 32.78
N TYR C 109 -48.30 23.54 31.71
CA TYR C 109 -49.16 23.90 30.59
C TYR C 109 -50.23 22.83 30.41
N PRO C 110 -51.19 22.74 31.34
CA PRO C 110 -52.17 21.65 31.28
C PRO C 110 -53.04 21.62 30.03
N HIS C 111 -53.18 22.74 29.29
CA HIS C 111 -53.96 22.68 28.06
C HIS C 111 -53.32 21.73 27.04
N LEU C 112 -52.00 21.53 27.13
CA LEU C 112 -51.34 20.62 26.20
C LEU C 112 -51.87 19.20 26.32
N GLU C 113 -52.35 18.80 27.49
CA GLU C 113 -52.94 17.48 27.62
C GLU C 113 -54.46 17.50 27.48
N GLN C 114 -55.14 18.39 28.20
CA GLN C 114 -56.61 18.39 28.21
C GLN C 114 -57.20 18.85 26.88
N VAL C 115 -56.50 19.67 26.12
CA VAL C 115 -57.00 20.19 24.86
C VAL C 115 -56.40 19.47 23.65
N TYR C 116 -55.07 19.35 23.60
CA TYR C 116 -54.46 18.77 22.43
C TYR C 116 -54.20 17.27 22.58
N GLY C 117 -54.29 16.73 23.79
CA GLY C 117 -54.12 15.32 23.99
C GLY C 117 -52.69 14.84 24.01
N TYR C 118 -51.73 15.71 24.30
CA TYR C 118 -50.36 15.26 24.48
C TYR C 118 -50.19 14.59 25.85
N LYS C 119 -49.21 13.69 25.93
CA LYS C 119 -48.94 12.89 27.12
C LYS C 119 -47.44 12.90 27.43
N PHE C 120 -47.10 12.65 28.69
CA PHE C 120 -45.71 12.86 29.11
C PHE C 120 -44.77 11.90 28.38
N ASN C 121 -45.25 10.70 28.03
CA ASN C 121 -44.41 9.76 27.28
C ASN C 121 -44.09 10.28 25.88
N ASP C 122 -44.86 11.28 25.38
CA ASP C 122 -44.61 11.84 24.05
C ASP C 122 -43.27 12.58 24.01
N PHE C 123 -42.95 13.31 25.07
CA PHE C 123 -41.69 14.04 25.10
C PHE C 123 -40.50 13.09 25.12
N GLY C 124 -40.61 12.00 25.90
CA GLY C 124 -39.55 11.02 25.95
C GLY C 124 -39.33 10.34 24.62
N ALA C 125 -40.41 10.09 23.88
CA ALA C 125 -40.27 9.42 22.59
C ALA C 125 -39.54 10.33 21.60
N ILE C 126 -39.85 11.63 21.60
CA ILE C 126 -39.20 12.56 20.67
C ILE C 126 -37.72 12.68 20.98
N VAL C 127 -37.40 12.92 22.25
CA VAL C 127 -36.01 13.05 22.63
C VAL C 127 -35.25 11.74 22.34
N ALA C 128 -35.88 10.60 22.65
CA ALA C 128 -35.26 9.28 22.42
C ALA C 128 -34.99 9.03 20.94
N ALA C 129 -35.94 9.38 20.06
CA ALA C 129 -35.70 9.16 18.63
C ALA C 129 -34.59 10.07 18.13
N ALA C 130 -34.67 11.37 18.46
CA ALA C 130 -33.64 12.31 18.03
C ALA C 130 -32.27 11.91 18.56
N ALA C 131 -32.22 11.43 19.81
CA ALA C 131 -30.97 11.00 20.40
C ALA C 131 -30.46 9.69 19.78
N LEU C 132 -31.38 8.77 19.47
CA LEU C 132 -30.98 7.51 18.84
C LEU C 132 -30.24 7.77 17.53
N ALA C 133 -30.63 8.83 16.81
CA ALA C 133 -30.13 9.11 15.47
C ALA C 133 -29.01 10.14 15.45
N HIS C 134 -28.64 10.72 16.60
CA HIS C 134 -27.83 11.93 16.62
C HIS C 134 -26.45 11.76 16.01
N ASP C 135 -25.93 10.53 15.96
CA ASP C 135 -24.59 10.23 15.47
C ASP C 135 -24.63 9.57 14.10
N ILE C 136 -25.82 9.45 13.49
CA ILE C 136 -26.01 8.64 12.29
C ILE C 136 -25.31 9.20 11.06
N GLY C 137 -24.92 10.45 11.03
CA GLY C 137 -24.25 10.89 9.79
C GLY C 137 -22.76 11.09 10.00
N ASN C 138 -22.30 10.81 11.20
CA ASN C 138 -20.89 11.10 11.51
C ASN C 138 -19.98 10.28 10.62
N PRO C 139 -18.92 10.91 10.09
CA PRO C 139 -17.98 10.17 9.30
C PRO C 139 -17.15 9.19 10.13
N PRO C 140 -16.53 8.14 9.53
CA PRO C 140 -15.64 7.28 10.28
C PRO C 140 -14.44 8.02 10.87
N PHE C 141 -13.76 7.44 11.86
CA PHE C 141 -12.55 8.01 12.43
C PHE C 141 -12.80 9.30 13.22
N GLY C 142 -14.05 9.58 13.58
CA GLY C 142 -14.33 10.63 14.56
C GLY C 142 -14.17 12.01 13.96
N HIS C 143 -13.73 12.96 14.80
CA HIS C 143 -13.59 14.33 14.35
C HIS C 143 -12.47 14.46 13.32
N SER C 144 -11.48 13.57 13.37
CA SER C 144 -10.46 13.50 12.33
C SER C 144 -11.06 13.16 10.97
N GLY C 145 -12.06 12.27 10.95
CA GLY C 145 -12.78 12.00 9.71
C GLY C 145 -13.37 13.24 9.11
N GLU C 146 -14.03 14.07 9.93
CA GLU C 146 -14.61 15.30 9.44
C GLU C 146 -13.55 16.24 8.87
N LYS C 147 -12.38 16.26 9.49
CA LYS C 147 -11.33 17.19 9.07
C LYS C 147 -10.60 16.70 7.83
N ALA C 148 -10.51 15.38 7.65
CA ALA C 148 -9.96 14.86 6.41
C ALA C 148 -10.85 15.24 5.23
N ILE C 149 -12.17 15.18 5.40
CA ILE C 149 -13.07 15.57 4.32
C ILE C 149 -12.91 17.06 4.01
N GLY C 150 -12.83 17.89 5.05
CA GLY C 150 -12.67 19.31 4.81
C GLY C 150 -11.36 19.65 4.10
N GLU C 151 -10.25 19.04 4.55
CA GLU C 151 -8.95 19.37 3.98
C GLU C 151 -8.88 19.03 2.49
N PHE C 152 -9.48 17.89 2.10
CA PHE C 152 -9.56 17.52 0.70
C PHE C 152 -10.13 18.65 -0.14
N PHE C 153 -11.11 19.37 0.39
CA PHE C 153 -11.74 20.44 -0.37
C PHE C 153 -11.14 21.81 -0.10
N LYS C 154 -10.40 21.98 0.99
CA LYS C 154 -9.78 23.28 1.25
C LYS C 154 -8.40 23.40 0.61
N ASN C 155 -7.55 22.38 0.78
CA ASN C 155 -6.20 22.42 0.23
C ASN C 155 -5.82 21.24 -0.67
N GLY C 156 -6.64 20.20 -0.76
CA GLY C 156 -6.35 19.01 -1.53
C GLY C 156 -6.90 19.05 -2.95
N TYR C 157 -7.21 17.86 -3.49
CA TYR C 157 -7.72 17.77 -4.85
C TYR C 157 -9.00 18.60 -5.01
N GLY C 158 -9.89 18.53 -4.03
CA GLY C 158 -11.18 19.21 -4.07
C GLY C 158 -11.09 20.72 -4.14
N LYS C 159 -9.90 21.29 -3.97
CA LYS C 159 -9.72 22.72 -4.07
C LYS C 159 -10.21 23.26 -5.41
N ARG C 160 -10.11 22.45 -6.47
CA ARG C 160 -10.38 22.93 -7.82
C ARG C 160 -11.83 23.34 -8.02
N TYR C 161 -12.73 22.90 -7.16
CA TYR C 161 -14.15 23.17 -7.33
C TYR C 161 -14.58 24.51 -6.75
N LYS C 162 -13.69 25.20 -6.03
CA LYS C 162 -14.08 26.38 -5.27
C LYS C 162 -14.71 27.44 -6.16
N ASP C 163 -14.16 27.64 -7.37
CA ASP C 163 -14.67 28.68 -8.26
C ASP C 163 -15.99 28.31 -8.93
N SER C 164 -16.48 27.08 -8.75
CA SER C 164 -17.72 26.65 -9.36
C SER C 164 -18.85 26.49 -8.35
N LEU C 165 -18.63 26.89 -7.09
CA LEU C 165 -19.56 26.71 -5.99
C LEU C 165 -19.73 28.03 -5.24
N THR C 166 -20.97 28.33 -4.85
CA THR C 166 -21.22 29.45 -3.94
C THR C 166 -20.40 29.29 -2.66
N ALA C 167 -20.18 30.42 -1.98
CA ALA C 167 -19.47 30.40 -0.70
C ALA C 167 -20.06 29.39 0.26
N LYS C 168 -21.38 29.31 0.33
CA LYS C 168 -22.03 28.38 1.24
C LYS C 168 -21.88 26.94 0.76
N GLU C 169 -21.97 26.72 -0.55
CA GLU C 169 -21.76 25.38 -1.07
C GLU C 169 -20.38 24.86 -0.74
N TYR C 170 -19.36 25.71 -0.93
CA TYR C 170 -17.98 25.33 -0.62
C TYR C 170 -17.77 25.17 0.88
N GLN C 171 -18.31 26.10 1.68
CA GLN C 171 -18.19 25.99 3.13
C GLN C 171 -18.77 24.67 3.65
N ASP C 172 -19.83 24.16 3.01
CA ASP C 172 -20.34 22.84 3.33
C ASP C 172 -19.24 21.79 3.19
N LEU C 173 -18.37 21.96 2.19
CA LEU C 173 -17.36 20.94 1.94
C LEU C 173 -16.13 21.13 2.82
N ILE C 174 -15.60 22.36 2.88
CA ILE C 174 -14.35 22.58 3.63
C ILE C 174 -14.58 22.48 5.13
N LYS C 175 -15.81 22.64 5.59
CA LYS C 175 -16.15 22.45 6.99
C LYS C 175 -17.22 21.37 7.12
N PHE C 176 -17.03 20.27 6.40
CA PHE C 176 -18.01 19.19 6.40
C PHE C 176 -18.37 18.78 7.81
N GLU C 177 -19.66 18.66 8.07
CA GLU C 177 -20.19 18.53 9.42
C GLU C 177 -21.01 17.26 9.53
N GLY C 178 -20.61 16.37 10.43
CA GLY C 178 -21.34 15.12 10.62
C GLY C 178 -22.80 15.33 10.99
N ASN C 179 -23.07 16.33 11.83
CA ASN C 179 -24.45 16.68 12.21
C ASN C 179 -25.32 16.97 10.99
N ALA C 180 -24.83 17.81 10.07
CA ALA C 180 -25.65 18.13 8.89
C ALA C 180 -25.78 16.91 8.00
N ASN C 181 -24.74 16.07 7.96
CA ASN C 181 -24.88 14.85 7.19
C ASN C 181 -25.95 13.94 7.78
N GLY C 182 -26.11 13.95 9.10
CA GLY C 182 -27.15 13.13 9.72
C GLY C 182 -28.54 13.58 9.30
N PHE C 183 -28.78 14.89 9.28
CA PHE C 183 -30.05 15.40 8.76
C PHE C 183 -30.28 14.93 7.32
N LYS C 184 -29.25 15.01 6.47
CA LYS C 184 -29.36 14.49 5.10
C LYS C 184 -29.78 13.02 5.10
N VAL C 185 -29.10 12.19 5.91
CA VAL C 185 -29.38 10.75 5.96
C VAL C 185 -30.81 10.49 6.41
N LEU C 186 -31.29 11.22 7.42
CA LEU C 186 -32.65 11.01 7.89
C LEU C 186 -33.72 11.42 6.87
N SER C 187 -33.40 12.25 5.90
CA SER C 187 -34.45 12.85 5.07
C SER C 187 -34.24 12.69 3.57
N GLN C 188 -33.11 12.14 3.13
CA GLN C 188 -32.79 11.96 1.72
C GLN C 188 -33.93 11.28 0.97
N SER C 189 -34.45 11.97 -0.04
CA SER C 189 -35.41 11.36 -0.96
C SER C 189 -34.69 10.57 -2.04
N LYS C 190 -35.27 9.43 -2.39
CA LYS C 190 -34.84 8.57 -3.48
C LYS C 190 -36.11 8.10 -4.17
N PRO C 191 -36.00 7.61 -5.40
CA PRO C 191 -37.21 7.10 -6.08
C PRO C 191 -37.92 6.04 -5.24
N GLY C 192 -39.22 6.24 -5.06
CA GLY C 192 -40.03 5.39 -4.21
C GLY C 192 -39.83 5.60 -2.73
N ALA C 193 -38.96 6.53 -2.31
CA ALA C 193 -38.72 6.80 -0.91
C ALA C 193 -38.53 8.31 -0.73
N GLN C 194 -39.63 9.06 -0.90
CA GLN C 194 -39.60 10.49 -0.63
C GLN C 194 -39.55 10.73 0.88
N GLY C 195 -38.75 11.72 1.30
CA GLY C 195 -38.65 12.06 2.70
C GLY C 195 -37.74 11.17 3.54
N GLY C 196 -37.03 10.22 2.93
CA GLY C 196 -36.17 9.32 3.68
C GLY C 196 -36.91 8.49 4.70
N LEU C 197 -36.53 8.62 5.97
CA LEU C 197 -37.27 7.93 7.02
C LEU C 197 -38.61 8.58 7.34
N ARG C 198 -38.86 9.78 6.82
CA ARG C 198 -40.10 10.53 7.07
C ARG C 198 -40.39 10.62 8.57
N LEU C 199 -39.40 11.09 9.33
CA LEU C 199 -39.60 11.31 10.76
C LEU C 199 -40.51 12.52 11.04
N SER C 200 -41.22 12.45 12.16
CA SER C 200 -42.05 13.57 12.59
C SER C 200 -41.22 14.83 12.76
N TYR C 201 -41.84 15.99 12.46
CA TYR C 201 -41.11 17.25 12.45
C TYR C 201 -40.60 17.62 13.84
N ALA C 202 -41.41 17.38 14.88
CA ALA C 202 -40.92 17.54 16.25
C ALA C 202 -39.65 16.73 16.50
N THR C 203 -39.57 15.51 15.95
CA THR C 203 -38.36 14.72 16.14
C THR C 203 -37.17 15.35 15.43
N LEU C 204 -37.39 15.84 14.19
CA LEU C 204 -36.33 16.51 13.44
C LEU C 204 -35.92 17.81 14.12
N GLY C 205 -36.88 18.56 14.67
CA GLY C 205 -36.53 19.74 15.46
C GLY C 205 -35.65 19.40 16.64
N ALA C 206 -36.04 18.37 17.40
CA ALA C 206 -35.24 17.90 18.53
C ALA C 206 -33.84 17.46 18.10
N PHE C 207 -33.69 17.04 16.84
CA PHE C 207 -32.42 16.55 16.30
C PHE C 207 -31.46 17.69 16.02
N MET C 208 -32.00 18.87 15.71
CA MET C 208 -31.26 20.03 15.20
C MET C 208 -30.57 20.75 16.37
N LYS C 209 -29.30 20.41 16.62
CA LYS C 209 -28.57 21.14 17.65
C LYS C 209 -28.09 22.50 17.16
N TYR C 210 -27.82 22.64 15.86
CA TYR C 210 -27.26 23.85 15.26
C TYR C 210 -28.18 24.28 14.11
N PRO C 211 -29.32 24.98 14.38
CA PRO C 211 -30.27 25.30 13.34
C PRO C 211 -29.73 26.46 12.50
N LYS C 212 -28.53 26.32 11.95
CA LYS C 212 -27.87 27.40 11.18
C LYS C 212 -27.32 26.77 9.89
N GLU C 213 -26.98 27.58 8.90
CA GLU C 213 -26.33 27.05 7.69
C GLU C 213 -24.83 27.23 7.85
N SER C 214 -24.03 26.76 6.91
CA SER C 214 -22.58 26.77 7.12
C SER C 214 -21.99 28.18 7.23
N LEU C 215 -22.69 29.20 6.71
CA LEU C 215 -22.26 30.58 6.83
C LEU C 215 -23.36 31.43 7.46
N PRO C 216 -23.01 32.43 8.28
CA PRO C 216 -21.67 32.84 8.71
C PRO C 216 -21.02 31.78 9.59
N HIS C 217 -19.69 31.76 9.65
CA HIS C 217 -18.96 30.78 10.44
C HIS C 217 -18.78 31.30 11.87
N LYS C 218 -19.34 30.56 12.85
CA LYS C 218 -19.33 30.92 14.27
C LYS C 218 -19.65 32.40 14.47
N PRO C 219 -20.91 32.83 14.27
CA PRO C 219 -21.22 34.25 14.53
C PRO C 219 -21.03 34.63 16.00
N SER C 220 -21.70 33.88 16.89
CA SER C 220 -21.61 34.13 18.35
C SER C 220 -20.76 33.06 19.00
N ASP C 221 -20.71 33.06 20.32
CA ASP C 221 -19.98 32.00 21.06
C ASP C 221 -21.02 31.02 21.61
N HIS C 222 -22.28 31.21 21.23
CA HIS C 222 -23.37 30.31 21.67
C HIS C 222 -23.15 28.92 21.06
N ILE C 223 -23.52 27.86 21.78
CA ILE C 223 -23.27 26.51 21.30
C ILE C 223 -24.09 26.23 20.04
N ALA C 224 -25.30 26.80 19.95
CA ALA C 224 -26.12 26.63 18.75
C ALA C 224 -25.45 27.19 17.50
N ASP C 225 -24.43 28.05 17.65
CA ASP C 225 -23.72 28.65 16.52
C ASP C 225 -22.29 28.15 16.37
N LYS C 226 -21.87 27.17 17.19
CA LYS C 226 -20.50 26.65 17.10
C LYS C 226 -20.30 25.85 15.82
N LYS C 227 -21.31 25.10 15.39
CA LYS C 227 -21.28 24.36 14.15
C LYS C 227 -22.49 24.74 13.31
N TYR C 228 -22.73 24.06 12.20
CA TYR C 228 -23.97 24.24 11.45
C TYR C 228 -24.69 22.90 11.35
N GLY C 229 -25.94 22.94 10.88
CA GLY C 229 -26.85 21.83 11.09
C GLY C 229 -27.44 21.22 9.85
N PHE C 230 -27.40 21.94 8.74
CA PHE C 230 -27.95 21.40 7.50
C PHE C 230 -27.17 21.96 6.33
N PHE C 231 -26.89 21.10 5.34
CA PHE C 231 -26.27 21.50 4.09
C PHE C 231 -27.20 22.36 3.25
N GLN C 232 -26.62 23.05 2.26
CA GLN C 232 -27.45 23.80 1.33
C GLN C 232 -28.40 22.88 0.58
N SER C 233 -28.01 21.61 0.39
CA SER C 233 -28.89 20.64 -0.25
C SER C 233 -30.13 20.36 0.58
N GLU C 234 -30.06 20.57 1.91
CA GLU C 234 -31.21 20.37 2.77
C GLU C 234 -31.81 21.67 3.30
N ARG C 235 -31.32 22.83 2.85
CA ARG C 235 -31.84 24.08 3.37
C ARG C 235 -33.36 24.16 3.24
N ALA C 236 -33.91 23.76 2.08
CA ALA C 236 -35.35 23.95 1.88
C ALA C 236 -36.17 23.00 2.75
N LEU C 237 -35.67 21.78 2.98
CA LEU C 237 -36.38 20.87 3.87
C LEU C 237 -36.47 21.45 5.27
N PHE C 238 -35.35 21.93 5.84
CA PHE C 238 -35.41 22.44 7.19
C PHE C 238 -36.24 23.71 7.27
N GLU C 239 -36.25 24.52 6.21
CA GLU C 239 -37.13 25.67 6.21
C GLU C 239 -38.57 25.22 6.41
N ASP C 240 -38.98 24.15 5.73
CA ASP C 240 -40.31 23.61 5.97
C ASP C 240 -40.49 23.18 7.41
N VAL C 241 -39.47 22.49 7.97
CA VAL C 241 -39.50 22.05 9.37
C VAL C 241 -39.62 23.25 10.31
N ALA C 242 -38.73 24.23 10.14
CA ALA C 242 -38.76 25.38 11.03
C ALA C 242 -40.07 26.13 10.96
N GLN C 243 -40.72 26.18 9.77
CA GLN C 243 -41.99 26.89 9.67
C GLN C 243 -43.13 26.10 10.34
N GLU C 244 -43.17 24.78 10.15
CA GLU C 244 -44.21 23.98 10.78
C GLU C 244 -44.14 24.11 12.29
N LEU C 245 -42.94 23.92 12.85
CA LEU C 245 -42.70 23.96 14.29
C LEU C 245 -42.75 25.35 14.89
N GLY C 246 -42.70 26.41 14.08
CA GLY C 246 -42.73 27.77 14.60
C GLY C 246 -41.49 28.15 15.40
N LEU C 247 -40.31 27.67 14.99
CA LEU C 247 -39.05 28.10 15.57
C LEU C 247 -38.82 29.59 15.32
N LEU C 248 -38.06 30.23 16.21
CA LEU C 248 -37.84 31.66 16.15
C LEU C 248 -36.65 31.98 15.25
N LYS C 249 -36.88 32.76 14.20
CA LYS C 249 -35.78 33.19 13.34
C LYS C 249 -34.91 34.15 14.14
N ARG C 250 -33.63 33.87 14.20
CA ARG C 250 -32.72 34.71 15.01
C ARG C 250 -31.72 35.38 14.08
N SER C 251 -31.77 35.00 12.81
CA SER C 251 -30.81 35.54 11.81
C SER C 251 -31.18 36.97 11.45
N THR C 252 -30.17 37.82 11.29
CA THR C 252 -30.40 39.23 10.90
C THR C 252 -29.84 39.41 9.49
N THR C 253 -30.07 38.43 8.59
CA THR C 253 -29.45 38.48 7.25
C THR C 253 -30.12 37.49 6.30
N ASP C 254 -29.63 37.39 5.07
CA ASP C 254 -30.13 36.34 4.13
C ASP C 254 -29.62 35.00 4.66
N ASP C 255 -28.47 35.02 5.33
CA ASP C 255 -27.97 33.80 6.00
C ASP C 255 -29.04 33.39 7.01
N VAL C 256 -29.51 32.14 6.98
CA VAL C 256 -30.62 31.73 7.84
C VAL C 256 -30.09 31.04 9.10
N SER C 257 -30.90 31.15 10.15
CA SER C 257 -30.56 30.73 11.50
C SER C 257 -31.84 30.77 12.31
N TRP C 258 -32.02 29.79 13.18
CA TRP C 258 -33.19 29.69 14.03
C TRP C 258 -32.74 29.36 15.45
N SER C 259 -33.61 29.69 16.38
CA SER C 259 -33.35 29.33 17.79
C SER C 259 -33.65 27.84 17.94
N ARG C 260 -32.96 27.16 18.84
CA ARG C 260 -33.10 25.69 18.96
C ARG C 260 -34.49 25.25 19.39
N HIS C 261 -34.96 24.16 18.82
CA HIS C 261 -36.21 23.57 19.34
C HIS C 261 -35.90 23.21 20.80
N PRO C 262 -36.72 23.57 21.79
CA PRO C 262 -36.38 23.31 23.21
C PRO C 262 -35.95 21.88 23.48
N LEU C 263 -36.58 20.89 22.87
CA LEU C 263 -36.16 19.52 23.12
C LEU C 263 -34.74 19.25 22.60
N ALA C 264 -34.19 20.11 21.73
CA ALA C 264 -32.79 19.90 21.32
C ALA C 264 -31.84 20.03 22.51
N TYR C 265 -32.17 20.88 23.48
CA TYR C 265 -31.36 20.99 24.69
C TYR C 265 -31.28 19.68 25.45
N LEU C 266 -32.35 18.87 25.40
CA LEU C 266 -32.35 17.62 26.14
C LEU C 266 -31.59 16.54 25.39
N VAL C 267 -31.72 16.53 24.06
CA VAL C 267 -30.92 15.62 23.25
C VAL C 267 -29.44 15.89 23.47
N GLU C 268 -29.07 17.17 23.45
CA GLU C 268 -27.69 17.56 23.73
C GLU C 268 -27.26 17.12 25.13
N ALA C 269 -28.12 17.33 26.13
CA ALA C 269 -27.77 16.93 27.50
C ALA C 269 -27.56 15.42 27.62
N ALA C 270 -28.40 14.62 26.96
CA ALA C 270 -28.23 13.17 27.04
C ALA C 270 -26.87 12.76 26.49
N ASP C 271 -26.52 13.31 25.32
CA ASP C 271 -25.22 13.08 24.72
C ASP C 271 -24.11 13.53 25.67
N ASP C 272 -24.20 14.76 26.18
CA ASP C 272 -23.21 15.31 27.10
C ASP C 272 -22.99 14.40 28.30
N ILE C 273 -24.07 13.92 28.92
CA ILE C 273 -23.94 13.09 30.12
C ILE C 273 -23.28 11.76 29.78
N CYS C 274 -23.66 11.17 28.64
CA CYS C 274 -23.16 9.84 28.30
C CYS C 274 -21.70 9.88 27.88
N TYR C 275 -21.29 10.84 27.06
CA TYR C 275 -19.90 10.83 26.63
C TYR C 275 -18.98 11.29 27.76
N THR C 276 -19.45 12.17 28.64
CA THR C 276 -18.63 12.53 29.80
C THR C 276 -18.41 11.35 30.73
N ILE C 277 -19.49 10.73 31.20
CA ILE C 277 -19.37 9.69 32.22
C ILE C 277 -18.96 8.35 31.62
N ILE C 278 -19.53 7.98 30.48
CA ILE C 278 -19.27 6.63 29.98
C ILE C 278 -17.90 6.52 29.29
N ASP C 279 -17.41 7.61 28.68
CA ASP C 279 -16.02 7.61 28.22
C ASP C 279 -15.06 7.42 29.39
N PHE C 280 -15.33 8.10 30.50
CA PHE C 280 -14.53 7.90 31.71
C PHE C 280 -14.59 6.45 32.18
N GLU C 281 -15.79 5.86 32.18
CA GLU C 281 -15.94 4.46 32.56
C GLU C 281 -15.16 3.57 31.60
N ASP C 282 -15.30 3.82 30.29
CA ASP C 282 -14.58 3.02 29.30
C ASP C 282 -13.06 3.14 29.50
N GLY C 283 -12.56 4.37 29.69
CA GLY C 283 -11.14 4.55 29.91
C GLY C 283 -10.63 3.81 31.13
N ILE C 284 -11.45 3.70 32.17
CA ILE C 284 -11.05 2.98 33.37
C ILE C 284 -11.06 1.47 33.12
N ASN C 285 -12.12 0.96 32.51
CA ASN C 285 -12.21 -0.50 32.30
C ASN C 285 -11.16 -0.95 31.27
N LEU C 286 -10.88 -0.13 30.27
CA LEU C 286 -9.88 -0.47 29.23
C LEU C 286 -8.48 -0.54 29.83
N GLY C 287 -8.17 0.34 30.79
CA GLY C 287 -6.86 0.37 31.44
C GLY C 287 -6.15 1.69 31.26
N LEU C 288 -6.68 2.56 30.41
CA LEU C 288 -6.05 3.85 30.10
C LEU C 288 -6.09 4.82 31.30
N ILE C 289 -7.17 4.81 32.07
CA ILE C 289 -7.28 5.68 33.27
C ILE C 289 -7.10 4.81 34.52
N PRO C 290 -6.22 5.15 35.50
CA PRO C 290 -6.09 4.33 36.71
C PRO C 290 -7.38 4.30 37.54
N GLU C 291 -7.60 3.15 38.20
CA GLU C 291 -8.89 2.94 38.87
C GLU C 291 -9.16 4.01 39.92
N GLU C 292 -8.12 4.42 40.65
CA GLU C 292 -8.27 5.35 41.78
C GLU C 292 -8.98 6.64 41.38
N TYR C 293 -8.86 7.07 40.13
CA TYR C 293 -9.49 8.31 39.72
C TYR C 293 -11.01 8.22 39.69
N ALA C 294 -11.56 7.01 39.72
CA ALA C 294 -13.01 6.82 39.62
C ALA C 294 -13.72 7.51 40.77
N LEU C 295 -13.42 7.07 42.00
CA LEU C 295 -14.06 7.67 43.16
C LEU C 295 -13.62 9.10 43.36
N GLU C 296 -12.36 9.40 43.08
CA GLU C 296 -11.86 10.75 43.30
C GLU C 296 -12.65 11.77 42.49
N TYR C 297 -12.84 11.50 41.20
CA TYR C 297 -13.48 12.46 40.30
C TYR C 297 -15.00 12.41 40.34
N MET C 298 -15.59 11.42 40.99
CA MET C 298 -17.03 11.25 40.96
C MET C 298 -17.68 11.21 42.33
N VAL C 299 -16.91 11.44 43.41
CA VAL C 299 -17.48 11.34 44.74
C VAL C 299 -18.55 12.41 44.95
N LYS C 300 -18.36 13.61 44.39
CA LYS C 300 -19.39 14.63 44.56
C LYS C 300 -20.62 14.28 43.75
N LEU C 301 -20.45 13.73 42.54
CA LEU C 301 -21.60 13.36 41.71
C LEU C 301 -22.41 12.22 42.30
N VAL C 302 -21.84 11.41 43.21
CA VAL C 302 -22.50 10.21 43.71
C VAL C 302 -22.65 10.21 45.22
N GLY C 303 -22.14 11.24 45.92
CA GLY C 303 -22.01 11.14 47.36
C GLY C 303 -23.32 10.95 48.10
N GLN C 304 -24.40 11.57 47.60
CA GLN C 304 -25.66 11.56 48.32
C GLN C 304 -26.51 10.32 48.06
N THR C 305 -26.24 9.58 46.97
CA THR C 305 -27.02 8.39 46.63
C THR C 305 -26.23 7.09 46.62
N ILE C 306 -24.91 7.11 46.79
CA ILE C 306 -24.15 5.86 46.76
C ILE C 306 -24.38 5.08 48.04
N ASP C 307 -24.50 3.75 47.91
CA ASP C 307 -24.59 2.85 49.10
C ASP C 307 -23.18 2.34 49.30
N ARG C 308 -22.50 2.81 50.34
CA ARG C 308 -21.07 2.47 50.57
C ARG C 308 -20.86 0.98 50.77
N ASN C 309 -21.77 0.30 51.48
CA ASN C 309 -21.52 -1.13 51.75
C ASN C 309 -21.74 -1.91 50.46
N LYS C 310 -22.74 -1.54 49.66
CA LYS C 310 -22.88 -2.18 48.35
C LYS C 310 -21.61 -1.99 47.53
N TYR C 311 -21.11 -0.74 47.47
CA TYR C 311 -19.89 -0.44 46.74
C TYR C 311 -18.72 -1.29 47.22
N ASN C 312 -18.46 -1.29 48.53
CA ASN C 312 -17.31 -2.04 49.05
C ASN C 312 -17.47 -3.54 48.83
N ALA C 313 -18.72 -4.02 48.77
CA ALA C 313 -18.96 -5.43 48.54
C ALA C 313 -18.68 -5.84 47.10
N LEU C 314 -18.66 -4.89 46.17
CA LEU C 314 -18.41 -5.22 44.77
C LEU C 314 -16.92 -5.53 44.60
N GLN C 315 -16.63 -6.69 44.03
CA GLN C 315 -15.25 -7.13 43.94
C GLN C 315 -14.57 -6.68 42.65
N GLU C 316 -15.31 -6.72 41.55
CA GLU C 316 -14.72 -6.36 40.22
C GLU C 316 -14.72 -4.84 40.04
N THR C 317 -13.64 -4.30 39.47
CA THR C 317 -13.54 -2.85 39.22
C THR C 317 -14.63 -2.46 38.23
N SER C 318 -14.88 -3.29 37.24
CA SER C 318 -15.88 -2.98 36.20
C SER C 318 -17.23 -2.74 36.88
N ASP C 319 -17.57 -3.62 37.80
CA ASP C 319 -18.87 -3.50 38.44
C ASP C 319 -18.91 -2.31 39.37
N ARG C 320 -17.77 -1.97 39.96
CA ARG C 320 -17.71 -0.79 40.79
C ARG C 320 -17.90 0.48 39.96
N VAL C 321 -17.24 0.56 38.81
CA VAL C 321 -17.32 1.81 38.01
C VAL C 321 -18.67 1.89 37.32
N SER C 322 -19.28 0.75 37.02
CA SER C 322 -20.64 0.75 36.44
C SER C 322 -21.60 1.34 37.46
N TYR C 323 -21.42 1.00 38.72
CA TYR C 323 -22.31 1.48 39.78
C TYR C 323 -22.13 2.99 39.85
N LEU C 324 -20.89 3.43 39.90
CA LEU C 324 -20.69 4.88 40.00
C LEU C 324 -21.21 5.59 38.76
N ARG C 325 -21.07 4.97 37.59
CA ARG C 325 -21.59 5.56 36.37
C ARG C 325 -23.10 5.71 36.40
N ALA C 326 -23.81 4.64 36.83
CA ALA C 326 -25.27 4.73 36.93
C ALA C 326 -25.68 5.82 37.91
N LEU C 327 -24.92 5.97 39.01
CA LEU C 327 -25.21 6.99 40.01
C LEU C 327 -24.99 8.39 39.45
N ALA C 328 -23.87 8.61 38.77
CA ALA C 328 -23.54 9.94 38.26
C ALA C 328 -24.52 10.36 37.17
N ILE C 329 -24.90 9.43 36.30
CA ILE C 329 -25.90 9.72 35.28
C ILE C 329 -27.23 10.06 35.92
N GLY C 330 -27.61 9.31 36.98
CA GLY C 330 -28.82 9.63 37.72
C GLY C 330 -28.80 11.04 38.29
N THR C 331 -27.66 11.45 38.87
CA THR C 331 -27.54 12.81 39.36
C THR C 331 -27.63 13.82 38.23
N LEU C 332 -26.88 13.58 37.14
CA LEU C 332 -26.85 14.55 36.05
C LEU C 332 -28.20 14.64 35.31
N ILE C 333 -28.95 13.55 35.20
CA ILE C 333 -30.28 13.60 34.60
C ILE C 333 -31.22 14.47 35.44
N ASN C 334 -31.28 14.19 36.74
CA ASN C 334 -32.11 14.99 37.63
C ASN C 334 -31.74 16.46 37.60
N GLU C 335 -30.44 16.77 37.58
CA GLU C 335 -30.06 18.17 37.59
C GLU C 335 -30.39 18.86 36.27
N SER C 336 -30.35 18.11 35.16
CA SER C 336 -30.63 18.70 33.85
C SER C 336 -32.11 18.98 33.71
N VAL C 337 -32.95 18.09 34.24
CA VAL C 337 -34.38 18.37 34.24
C VAL C 337 -34.68 19.65 35.02
N ASP C 338 -34.06 19.79 36.20
CA ASP C 338 -34.27 20.99 37.02
C ASP C 338 -33.77 22.23 36.29
N THR C 339 -32.58 22.15 35.71
CA THR C 339 -32.05 23.25 34.90
C THR C 339 -33.01 23.60 33.79
N PHE C 340 -33.50 22.60 33.06
CA PHE C 340 -34.39 22.88 31.94
C PHE C 340 -35.61 23.68 32.39
N MET C 341 -36.32 23.21 33.44
CA MET C 341 -37.51 23.92 33.89
C MET C 341 -37.18 25.29 34.44
N LYS C 342 -36.02 25.44 35.09
CA LYS C 342 -35.63 26.74 35.62
C LYS C 342 -35.50 27.77 34.49
N TYR C 343 -34.93 27.37 33.34
CA TYR C 343 -34.73 28.28 32.23
C TYR C 343 -35.74 28.05 31.10
N GLU C 344 -36.90 27.45 31.41
CA GLU C 344 -37.81 26.97 30.36
C GLU C 344 -38.36 28.11 29.51
N GLU C 345 -38.64 29.26 30.11
CA GLU C 345 -39.16 30.35 29.29
C GLU C 345 -38.06 31.02 28.47
N GLU C 346 -36.82 31.04 28.99
CA GLU C 346 -35.71 31.57 28.21
C GLU C 346 -35.43 30.69 27.01
N ILE C 347 -35.49 29.37 27.17
CA ILE C 347 -35.30 28.44 26.05
C ILE C 347 -36.42 28.60 25.03
N LEU C 348 -37.65 28.73 25.49
CA LEU C 348 -38.78 28.97 24.59
C LEU C 348 -38.63 30.27 23.81
N ALA C 349 -38.03 31.29 24.41
CA ALA C 349 -37.80 32.57 23.74
C ALA C 349 -36.47 32.64 22.99
N GLY C 350 -35.70 31.55 22.96
CA GLY C 350 -34.44 31.58 22.24
C GLY C 350 -33.38 32.47 22.83
N THR C 351 -33.52 32.88 24.09
CA THR C 351 -32.54 33.70 24.77
C THR C 351 -31.63 32.92 25.71
N PHE C 352 -31.71 31.58 25.70
CA PHE C 352 -30.83 30.78 26.53
C PHE C 352 -29.51 30.59 25.81
N ASP C 353 -28.41 30.95 26.48
CA ASP C 353 -27.10 31.11 25.87
C ASP C 353 -26.16 29.91 26.06
N GLN C 354 -26.57 28.88 26.79
CA GLN C 354 -25.65 27.83 27.15
C GLN C 354 -26.28 26.46 26.92
N SER C 355 -25.49 25.41 27.14
CA SER C 355 -26.03 24.07 27.27
C SER C 355 -26.56 23.87 28.68
N LEU C 356 -27.42 22.88 28.87
CA LEU C 356 -27.93 22.63 30.22
C LEU C 356 -26.79 22.20 31.15
N ILE C 357 -25.84 21.42 30.61
CA ILE C 357 -24.73 20.92 31.43
C ILE C 357 -23.74 22.05 31.76
N ASP C 358 -23.67 23.08 30.91
CA ASP C 358 -22.89 24.27 31.24
C ASP C 358 -23.31 24.88 32.57
N LYS C 359 -24.57 24.69 32.96
CA LYS C 359 -25.11 25.33 34.16
C LYS C 359 -25.08 24.43 35.37
N SER C 360 -24.47 23.25 35.23
CA SER C 360 -24.40 22.26 36.31
C SER C 360 -23.56 22.78 37.47
N ASN C 361 -23.95 22.39 38.69
CA ASN C 361 -23.14 22.64 39.88
C ASN C 361 -21.87 21.80 39.92
N TYR C 362 -21.84 20.69 39.16
CA TYR C 362 -20.67 19.84 39.06
C TYR C 362 -19.86 20.13 37.80
N GLN C 363 -19.88 21.40 37.35
CA GLN C 363 -19.12 21.77 36.17
C GLN C 363 -17.64 21.45 36.36
N ALA C 364 -17.10 21.67 37.57
CA ALA C 364 -15.68 21.41 37.82
C ALA C 364 -15.36 19.92 37.76
N GLN C 365 -16.21 19.09 38.38
CA GLN C 365 -16.02 17.65 38.27
C GLN C 365 -16.13 17.20 36.82
N ILE C 366 -17.11 17.72 36.08
CA ILE C 366 -17.29 17.35 34.67
C ILE C 366 -16.05 17.71 33.87
N THR C 367 -15.49 18.90 34.11
CA THR C 367 -14.33 19.34 33.33
C THR C 367 -13.10 18.53 33.66
N ASP C 368 -12.85 18.27 34.94
CA ASP C 368 -11.79 17.35 35.34
C ASP C 368 -11.93 15.99 34.65
N ILE C 369 -13.16 15.48 34.56
CA ILE C 369 -13.38 14.19 33.90
C ILE C 369 -13.10 14.28 32.41
N ILE C 370 -13.55 15.35 31.75
CA ILE C 370 -13.35 15.47 30.31
C ILE C 370 -11.86 15.62 29.99
N ASN C 371 -11.18 16.49 30.75
CA ASN C 371 -9.75 16.71 30.53
C ASN C 371 -8.94 15.45 30.80
N LEU C 372 -9.38 14.62 31.74
CA LEU C 372 -8.66 13.38 31.96
C LEU C 372 -8.86 12.43 30.79
N SER C 373 -10.10 12.31 30.30
CA SER C 373 -10.37 11.48 29.14
C SER C 373 -9.60 11.96 27.91
N ILE C 374 -9.59 13.26 27.66
CA ILE C 374 -8.82 13.81 26.54
C ILE C 374 -7.36 13.38 26.62
N GLU C 375 -6.75 13.57 27.79
CA GLU C 375 -5.32 13.30 27.95
C GLU C 375 -4.99 11.81 27.78
N ARG C 376 -5.77 10.92 28.39
CA ARG C 376 -5.42 9.50 28.45
C ARG C 376 -6.06 8.65 27.37
N ILE C 377 -7.15 9.09 26.76
CA ILE C 377 -7.84 8.33 25.73
C ILE C 377 -7.65 8.96 24.36
N TYR C 378 -8.04 10.23 24.22
CA TYR C 378 -8.07 10.84 22.89
C TYR C 378 -6.69 11.19 22.38
N ASN C 379 -5.70 11.37 23.25
CA ASN C 379 -4.33 11.58 22.80
C ASN C 379 -3.43 10.38 23.06
N SER C 380 -4.00 9.19 23.23
CA SER C 380 -3.19 7.99 23.37
C SER C 380 -2.62 7.60 22.01
N ARG C 381 -1.47 6.93 22.03
CA ARG C 381 -0.80 6.57 20.77
C ARG C 381 -1.75 5.82 19.85
N GLU C 382 -2.48 4.83 20.38
CA GLU C 382 -3.37 4.04 19.56
C GLU C 382 -4.46 4.89 18.89
N VAL C 383 -4.95 5.94 19.56
CA VAL C 383 -5.98 6.73 18.91
C VAL C 383 -5.38 7.65 17.85
N ILE C 384 -4.17 8.17 18.07
CA ILE C 384 -3.56 9.11 17.09
C ILE C 384 -3.27 8.35 15.80
N GLU C 385 -2.78 7.13 15.92
CA GLU C 385 -2.45 6.31 14.74
C GLU C 385 -3.70 6.00 13.92
N LYS C 386 -4.79 5.66 14.61
CA LYS C 386 -6.06 5.36 13.91
C LYS C 386 -6.47 6.61 13.15
N GLU C 387 -6.29 7.76 13.77
CA GLU C 387 -6.70 9.01 13.11
C GLU C 387 -5.79 9.33 11.94
N ILE C 388 -4.48 9.14 12.12
CA ILE C 388 -3.53 9.35 11.02
C ILE C 388 -3.91 8.46 9.85
N ALA C 389 -4.25 7.19 10.12
CA ALA C 389 -4.62 6.25 9.07
C ALA C 389 -5.96 6.61 8.46
N GLY C 390 -6.91 7.05 9.30
CA GLY C 390 -8.19 7.51 8.80
C GLY C 390 -8.05 8.61 7.77
N TYR C 391 -7.13 9.54 8.00
CA TYR C 391 -6.87 10.59 7.01
C TYR C 391 -6.50 10.01 5.67
N GLU C 392 -5.61 9.02 5.65
CA GLU C 392 -5.19 8.45 4.37
C GLU C 392 -6.33 7.72 3.70
N ILE C 393 -7.11 6.97 4.48
CA ILE C 393 -8.21 6.20 3.90
C ILE C 393 -9.25 7.12 3.27
N LEU C 394 -9.69 8.14 4.01
CA LEU C 394 -10.76 9.01 3.51
C LEU C 394 -10.29 9.86 2.34
N SER C 395 -9.06 10.38 2.40
CA SER C 395 -8.56 11.19 1.28
C SER C 395 -8.51 10.37 0.01
N THR C 396 -8.07 9.11 0.12
CA THR C 396 -7.93 8.26 -1.05
C THR C 396 -9.28 7.96 -1.70
N LEU C 397 -10.28 7.62 -0.89
CA LEU C 397 -11.62 7.36 -1.42
C LEU C 397 -12.23 8.61 -2.03
N LEU C 398 -12.03 9.76 -1.38
CA LEU C 398 -12.57 11.01 -1.90
C LEU C 398 -11.94 11.35 -3.26
N GLU C 399 -10.63 11.17 -3.40
CA GLU C 399 -9.99 11.49 -4.68
C GLU C 399 -10.46 10.53 -5.78
N ALA C 400 -10.69 9.28 -5.46
CA ALA C 400 -11.05 8.35 -6.55
C ALA C 400 -12.43 8.72 -7.06
N ARG C 401 -13.36 8.94 -6.16
CA ARG C 401 -14.74 9.27 -6.55
C ARG C 401 -14.76 10.60 -7.32
N CYS C 402 -13.96 11.57 -6.91
CA CYS C 402 -13.96 12.91 -7.55
C CYS C 402 -13.27 12.87 -8.91
N ARG C 403 -12.18 12.12 -9.04
CA ARG C 403 -11.56 11.96 -10.35
C ARG C 403 -12.50 11.23 -11.32
N ALA C 404 -13.25 10.25 -10.82
CA ALA C 404 -14.25 9.59 -11.66
C ALA C 404 -15.40 10.53 -12.00
N LEU C 405 -15.81 11.37 -11.04
CA LEU C 405 -16.79 12.40 -11.34
C LEU C 405 -16.33 13.30 -12.48
N ASP C 406 -15.04 13.63 -12.50
CA ASP C 406 -14.51 14.60 -13.48
C ASP C 406 -14.34 13.99 -14.86
N ASN C 407 -13.93 12.72 -14.94
CA ASN C 407 -13.69 12.05 -16.23
C ASN C 407 -14.42 10.70 -16.20
N ASN C 408 -15.74 10.72 -16.28
CA ASN C 408 -16.54 9.48 -16.13
C ASN C 408 -16.44 8.60 -17.36
N ASP C 409 -15.62 8.99 -18.34
CA ASP C 409 -15.61 8.25 -19.59
C ASP C 409 -14.55 7.14 -19.66
N THR C 410 -13.45 7.25 -18.93
CA THR C 410 -12.37 6.27 -19.05
C THR C 410 -12.78 4.92 -18.45
N HIS C 411 -12.12 3.86 -18.93
CA HIS C 411 -12.38 2.51 -18.43
C HIS C 411 -12.19 2.41 -16.92
N TYR C 412 -11.13 3.02 -16.38
CA TYR C 412 -10.85 2.89 -14.94
C TYR C 412 -11.89 3.62 -14.11
N ASN C 413 -12.36 4.78 -14.59
CA ASN C 413 -13.28 5.55 -13.79
C ASN C 413 -14.67 4.95 -13.78
N GLN C 414 -15.06 4.29 -14.87
CA GLN C 414 -16.28 3.50 -14.86
C GLN C 414 -16.19 2.34 -13.86
N LEU C 415 -15.01 1.72 -13.76
CA LEU C 415 -14.81 0.68 -12.75
C LEU C 415 -14.98 1.25 -11.34
N ILE C 416 -14.38 2.42 -11.09
CA ILE C 416 -14.51 3.05 -9.78
C ILE C 416 -15.97 3.40 -9.50
N GLN C 417 -16.72 3.79 -10.55
CA GLN C 417 -18.12 4.11 -10.38
C GLN C 417 -18.93 2.89 -9.94
N GLN C 418 -18.69 1.72 -10.55
CA GLN C 418 -19.44 0.52 -10.19
C GLN C 418 -19.15 0.06 -8.76
N LEU C 419 -17.89 0.18 -8.31
CA LEU C 419 -17.49 -0.33 -7.00
C LEU C 419 -18.00 0.55 -5.86
N LEU C 420 -17.87 1.88 -6.02
CA LEU C 420 -18.13 2.82 -4.93
C LEU C 420 -19.47 3.56 -5.05
N ALA C 421 -20.10 3.56 -6.22
CA ALA C 421 -21.38 4.26 -6.40
C ALA C 421 -22.20 3.62 -7.52
N PRO C 422 -22.77 2.42 -7.27
CA PRO C 422 -23.69 1.87 -8.27
C PRO C 422 -25.18 2.16 -7.96
N SER C 429 -26.22 17.81 -10.86
CA SER C 429 -25.64 19.12 -10.50
C SER C 429 -24.32 18.97 -9.76
N LEU C 430 -23.35 19.87 -9.97
CA LEU C 430 -22.02 19.63 -9.43
C LEU C 430 -22.01 19.64 -7.91
N TYR C 431 -22.68 20.63 -7.29
CA TYR C 431 -22.75 20.63 -5.83
C TYR C 431 -23.54 19.43 -5.33
N GLU C 432 -24.61 19.05 -6.04
CA GLU C 432 -25.33 17.84 -5.68
C GLU C 432 -24.40 16.63 -5.69
N ASN C 433 -23.54 16.52 -6.71
CA ASN C 433 -22.67 15.35 -6.83
C ASN C 433 -21.60 15.34 -5.73
N LEU C 434 -21.06 16.51 -5.39
CA LEU C 434 -19.97 16.55 -4.42
C LEU C 434 -20.49 16.33 -3.00
N ILE C 435 -21.64 16.90 -2.67
CA ILE C 435 -22.24 16.64 -1.35
C ILE C 435 -22.69 15.19 -1.26
N GLN C 436 -23.17 14.63 -2.36
CA GLN C 436 -23.51 13.21 -2.33
C GLN C 436 -22.25 12.35 -2.11
N ILE C 437 -21.14 12.67 -2.77
CA ILE C 437 -19.94 11.86 -2.60
C ILE C 437 -19.49 11.91 -1.16
N CYS C 438 -19.60 13.08 -0.52
CA CYS C 438 -19.20 13.23 0.88
C CYS C 438 -20.14 12.46 1.80
N ALA C 439 -21.42 12.43 1.51
CA ALA C 439 -22.36 11.71 2.38
C ALA C 439 -22.08 10.21 2.29
N GLU C 440 -21.83 9.71 1.09
CA GLU C 440 -21.60 8.26 0.87
C GLU C 440 -20.30 7.81 1.55
N VAL C 441 -19.25 8.61 1.45
CA VAL C 441 -17.96 8.29 2.10
C VAL C 441 -18.19 8.34 3.60
N SER C 442 -19.05 9.25 4.04
CA SER C 442 -19.28 9.39 5.47
C SER C 442 -20.01 8.19 6.06
N THR C 443 -20.98 7.61 5.34
CA THR C 443 -21.77 6.54 5.94
C THR C 443 -21.19 5.15 5.74
N MET C 444 -20.08 5.02 5.00
CA MET C 444 -19.40 3.73 4.90
C MET C 444 -18.96 3.24 6.27
N THR C 445 -19.22 1.95 6.55
CA THR C 445 -18.65 1.34 7.73
C THR C 445 -17.12 1.44 7.70
N ASP C 446 -16.53 1.52 8.90
CA ASP C 446 -15.07 1.48 9.03
C ASP C 446 -14.49 0.31 8.24
N GLY C 447 -15.22 -0.79 8.15
CA GLY C 447 -14.75 -1.95 7.39
C GLY C 447 -14.76 -1.71 5.91
N LYS C 448 -15.87 -1.20 5.38
CA LYS C 448 -15.98 -0.98 3.92
C LYS C 448 -14.97 0.08 3.49
N ALA C 449 -14.82 1.12 4.30
CA ALA C 449 -13.84 2.18 3.98
C ALA C 449 -12.47 1.54 3.78
N LEU C 450 -12.00 0.71 4.71
CA LEU C 450 -10.64 0.13 4.60
C LEU C 450 -10.57 -0.83 3.41
N ARG C 451 -11.59 -1.66 3.23
CA ARG C 451 -11.52 -2.67 2.15
C ARG C 451 -11.48 -1.97 0.79
N ASN C 452 -12.31 -0.95 0.62
CA ASN C 452 -12.37 -0.30 -0.69
C ASN C 452 -11.07 0.47 -0.84
N TYR C 453 -10.57 1.01 0.25
CA TYR C 453 -9.27 1.67 0.17
C TYR C 453 -8.19 0.68 -0.25
N LYS C 454 -8.27 -0.55 0.25
CA LYS C 454 -7.24 -1.52 -0.07
C LYS C 454 -7.33 -1.98 -1.52
N LYS C 455 -8.56 -2.13 -2.04
CA LYS C 455 -8.70 -2.48 -3.45
C LYS C 455 -8.17 -1.37 -4.34
N ILE C 456 -8.46 -0.12 -4.02
CA ILE C 456 -7.94 0.99 -4.81
C ILE C 456 -6.41 1.04 -4.77
N LYS C 457 -5.81 0.31 -3.83
CA LYS C 457 -4.33 0.28 -3.67
C LYS C 457 -3.76 -1.11 -3.96
N GLY C 458 -4.57 -2.08 -4.37
CA GLY C 458 -4.04 -3.40 -4.79
C GLY C 458 -3.95 -4.51 -3.74
N LEU C 459 -4.51 -4.35 -2.56
CA LEU C 459 -4.33 -5.36 -1.48
C LEU C 459 -5.65 -6.09 -1.20
C1 EDO D . -11.92 -23.31 -16.60
O1 EDO D . -12.57 -22.40 -15.76
C2 EDO D . -12.67 -24.58 -16.72
O2 EDO D . -13.72 -24.71 -15.81
S SO4 E . 13.60 -28.25 -36.79
O1 SO4 E . 14.65 -29.21 -36.75
O2 SO4 E . 13.48 -27.61 -35.53
O3 SO4 E . 13.89 -27.27 -37.79
O4 SO4 E . 12.37 -28.91 -37.12
S SO4 F . 8.94 13.41 -14.13
O1 SO4 F . 8.18 12.28 -14.58
O2 SO4 F . 10.03 12.95 -13.32
O3 SO4 F . 8.09 14.25 -13.35
O4 SO4 F . 9.45 14.12 -15.26
MN MN G . -9.66 -17.51 -24.83
C1 EDO H . 22.17 21.42 30.54
O1 EDO H . 22.55 20.64 29.43
C2 EDO H . 22.82 20.92 31.77
O2 EDO H . 23.54 19.74 31.52
S SO4 I . 32.96 11.94 32.82
O1 SO4 I . 33.99 10.97 32.60
O2 SO4 I . 32.41 11.73 34.13
O3 SO4 I . 33.51 13.25 32.72
O4 SO4 I . 31.93 11.76 31.84
S SO4 J . 3.69 19.99 -2.92
O1 SO4 J . 4.46 18.85 -3.32
O2 SO4 J . 4.26 20.57 -1.74
O3 SO4 J . 2.34 19.59 -2.65
O4 SO4 J . 3.70 20.97 -3.97
MN MN K . 30.32 -3.09 9.59
S SO4 L . -47.18 7.61 7.54
O1 SO4 L . -45.79 7.22 7.25
O2 SO4 L . -48.08 6.45 7.73
O3 SO4 L . -47.61 8.41 6.41
O4 SO4 L . -47.21 8.36 8.80
S SO4 M . -4.33 16.97 -11.80
O1 SO4 M . -4.82 15.60 -12.06
O2 SO4 M . -2.93 17.07 -12.20
O3 SO4 M . -4.40 17.29 -10.37
O4 SO4 M . -5.17 17.93 -12.55
MN MN N . -22.73 11.29 20.80
#